data_9B87
#
_entry.id   9B87
#
_cell.length_a   1.00
_cell.length_b   1.00
_cell.length_c   1.00
_cell.angle_alpha   90.00
_cell.angle_beta   90.00
_cell.angle_gamma   90.00
#
_symmetry.space_group_name_H-M   'P 1'
#
_entity_poly.entity_id   1
_entity_poly.type   'polypeptide(L)'
_entity_poly.pdbx_seq_one_letter_code
;MACTWPAWEQFKKDYISQEGRVIDPSDARKITTSEGQSYGMFSALAANDRAAFDNILDWTQNNLAQGSLKERLPAWLWGK
KENSKWEVLDSNSASDGDVWMAWSLLEAGRLWKEQRYTDIGSALLKRIAREEVVTVPGLGSMLLPGKVGFAEDNSWRFNP
SYLPPTLAQYFTRFGAPWTTLRETNQRLLLETAPKGFSPDWVRYEKDKGWQLKAEKTLISSYDAIRVYMWVGMMPDSDPQ
KARMLNRFKPMATFTEKNGYPPEKVDVATGKAQGKGPVGFSAAMLPFLQNRDAQAVQRQRVADNFPGSDAYYNYVLTLFG
QGWDQHRFRFSTKGELLPDWGQECANSHLEHHHHHH
;
_entity_poly.pdbx_strand_id   A,D,C,B
#
# COMPACT_ATOMS: atom_id res chain seq x y z
N CYS A 3 -11.78 15.60 7.25
CA CYS A 3 -11.47 16.47 8.38
C CYS A 3 -10.11 16.16 9.01
N THR A 4 -9.17 15.69 8.19
CA THR A 4 -7.78 15.53 8.59
C THR A 4 -6.89 16.22 7.56
N TRP A 5 -5.62 16.37 7.92
CA TRP A 5 -4.59 16.82 7.01
C TRP A 5 -3.68 15.64 6.72
N PRO A 6 -3.83 14.95 5.59
CA PRO A 6 -3.13 13.66 5.36
C PRO A 6 -1.61 13.74 5.44
N ALA A 7 -0.99 14.80 4.92
CA ALA A 7 0.46 14.88 5.03
C ALA A 7 0.87 15.02 6.49
N TRP A 8 0.06 15.72 7.29
CA TRP A 8 0.33 15.84 8.72
C TRP A 8 0.11 14.52 9.44
N GLU A 9 -0.91 13.76 9.03
CA GLU A 9 -1.18 12.43 9.63
C GLU A 9 0.02 11.51 9.34
N GLN A 10 0.57 11.56 8.13
CA GLN A 10 1.75 10.73 7.81
C GLN A 10 2.98 11.22 8.59
N PHE A 11 3.13 12.54 8.76
CA PHE A 11 4.26 13.04 9.52
C PHE A 11 4.19 12.56 10.97
N LYS A 12 3.01 12.62 11.58
CA LYS A 12 2.84 12.05 12.91
C LYS A 12 3.26 10.58 12.97
N LYS A 13 2.82 9.79 11.99
CA LYS A 13 3.10 8.33 12.02
C LYS A 13 4.60 8.04 11.83
N ASP A 14 5.32 8.85 11.07
CA ASP A 14 6.72 8.54 10.77
C ASP A 14 7.73 9.31 11.60
N TYR A 15 7.37 10.45 12.21
CA TYR A 15 8.33 11.34 12.87
C TYR A 15 8.03 11.71 14.31
N ILE A 16 6.81 11.49 14.82
CA ILE A 16 6.48 11.88 16.17
C ILE A 16 6.25 10.64 17.04
N SER A 17 7.03 10.54 18.11
CA SER A 17 6.93 9.40 19.01
C SER A 17 5.63 9.46 19.80
N GLN A 18 5.33 8.38 20.50
CA GLN A 18 4.03 8.29 21.23
C GLN A 18 4.03 9.33 22.35
N GLU A 19 5.22 9.70 22.83
CA GLU A 19 5.35 10.66 23.95
C GLU A 19 5.17 12.10 23.44
N GLY A 20 5.29 12.32 22.12
CA GLY A 20 5.16 13.65 21.58
C GLY A 20 6.43 14.37 21.18
N ARG A 21 7.52 13.66 20.91
CA ARG A 21 8.75 14.31 20.45
C ARG A 21 8.94 14.10 18.96
N VAL A 22 9.39 15.14 18.27
CA VAL A 22 9.58 15.13 16.83
C VAL A 22 11.03 14.73 16.56
N ILE A 23 11.21 13.64 15.81
CA ILE A 23 12.51 12.98 15.70
C ILE A 23 13.08 13.18 14.29
N ASP A 24 14.32 13.69 14.24
CA ASP A 24 15.05 13.78 12.96
C ASP A 24 15.86 12.49 12.84
N PRO A 25 15.41 11.48 12.06
CA PRO A 25 16.08 10.16 12.02
C PRO A 25 17.45 10.19 11.37
N SER A 26 17.85 11.30 10.75
CA SER A 26 19.08 11.30 9.97
C SER A 26 20.32 11.49 10.82
N ASP A 27 20.18 12.12 11.98
CA ASP A 27 21.25 12.23 12.95
C ASP A 27 21.36 10.92 13.72
N ALA A 28 22.59 10.44 13.93
CA ALA A 28 22.79 9.17 14.62
C ALA A 28 22.24 9.20 16.04
N ARG A 29 22.15 10.39 16.62
CA ARG A 29 21.60 10.54 17.96
C ARG A 29 20.08 10.67 17.99
N LYS A 30 19.42 10.56 16.83
CA LYS A 30 17.95 10.59 16.71
C LYS A 30 17.36 11.77 17.49
N ILE A 31 17.73 12.97 17.07
CA ILE A 31 17.61 14.14 17.92
C ILE A 31 16.22 14.75 17.81
N THR A 32 15.85 15.50 18.84
CA THR A 32 14.75 16.45 18.77
C THR A 32 15.34 17.84 18.96
N THR A 33 14.82 18.80 18.19
CA THR A 33 15.15 20.21 18.33
C THR A 33 13.94 20.97 18.83
N SER A 34 14.18 22.12 19.48
CA SER A 34 13.06 22.97 19.80
C SER A 34 12.35 23.40 18.53
N GLU A 35 13.09 23.49 17.42
CA GLU A 35 12.49 23.83 16.11
C GLU A 35 11.43 22.77 15.76
N GLY A 36 11.84 21.50 15.76
CA GLY A 36 10.90 20.42 15.41
C GLY A 36 9.66 20.41 16.28
N GLN A 37 9.83 20.61 17.60
CA GLN A 37 8.67 20.69 18.48
C GLN A 37 7.75 21.84 18.08
N SER A 38 8.33 23.02 17.75
CA SER A 38 7.48 24.15 17.41
C SER A 38 6.76 23.93 16.08
N TYR A 39 7.42 23.25 15.13
CA TYR A 39 6.77 22.95 13.85
C TYR A 39 5.67 21.92 14.05
N GLY A 40 5.86 20.98 14.97
CA GLY A 40 4.79 20.05 15.31
C GLY A 40 3.59 20.77 15.92
N MET A 41 3.85 21.69 16.85
CA MET A 41 2.79 22.47 17.45
C MET A 41 2.03 23.28 16.41
N PHE A 42 2.74 23.98 15.53
CA PHE A 42 2.09 24.72 14.45
C PHE A 42 1.21 23.81 13.59
N SER A 43 1.77 22.70 13.14
CA SER A 43 1.03 21.86 12.21
C SER A 43 -0.21 21.27 12.86
N ALA A 44 -0.09 20.88 14.14
CA ALA A 44 -1.23 20.35 14.88
C ALA A 44 -2.32 21.38 15.06
N LEU A 45 -1.93 22.63 15.34
CA LEU A 45 -2.89 23.72 15.38
C LEU A 45 -3.60 23.90 14.04
N ALA A 46 -2.83 23.97 12.95
CA ALA A 46 -3.44 24.21 11.64
C ALA A 46 -4.38 23.08 11.25
N ALA A 47 -4.05 21.85 11.64
CA ALA A 47 -4.87 20.68 11.35
C ALA A 47 -6.03 20.52 12.31
N ASN A 48 -6.10 21.36 13.37
CA ASN A 48 -7.11 21.24 14.42
C ASN A 48 -6.98 19.92 15.16
N ASP A 49 -5.74 19.57 15.48
CA ASP A 49 -5.36 18.30 16.09
C ASP A 49 -4.93 18.61 17.53
N ARG A 50 -5.92 18.85 18.39
CA ARG A 50 -5.59 19.28 19.74
C ARG A 50 -4.91 18.16 20.53
N ALA A 51 -5.27 16.89 20.30
CA ALA A 51 -4.62 15.83 21.07
C ALA A 51 -3.12 15.81 20.80
N ALA A 52 -2.74 15.95 19.53
CA ALA A 52 -1.33 15.97 19.17
C ALA A 52 -0.64 17.21 19.73
N PHE A 53 -1.32 18.35 19.65
CA PHE A 53 -0.80 19.59 20.21
C PHE A 53 -0.46 19.42 21.68
N ASP A 54 -1.39 18.87 22.45
CA ASP A 54 -1.16 18.70 23.89
C ASP A 54 -0.02 17.71 24.16
N ASN A 55 0.05 16.61 23.42
CA ASN A 55 1.11 15.64 23.67
C ASN A 55 2.49 16.23 23.34
N ILE A 56 2.59 16.96 22.22
CA ILE A 56 3.85 17.61 21.85
C ILE A 56 4.23 18.68 22.86
N LEU A 57 3.25 19.48 23.29
CA LEU A 57 3.52 20.49 24.31
C LEU A 57 4.02 19.85 25.59
N ASP A 58 3.38 18.76 26.02
CA ASP A 58 3.82 18.07 27.23
C ASP A 58 5.27 17.65 27.11
N TRP A 59 5.61 16.99 26.00
CA TRP A 59 6.98 16.53 25.87
C TRP A 59 7.94 17.71 25.90
N THR A 60 7.60 18.79 25.19
CA THR A 60 8.44 19.99 25.16
C THR A 60 8.69 20.52 26.57
N GLN A 61 7.63 20.69 27.35
CA GLN A 61 7.80 21.27 28.67
C GLN A 61 8.66 20.36 29.55
N ASN A 62 8.39 19.05 29.54
CA ASN A 62 9.10 18.13 30.43
C ASN A 62 10.56 17.93 30.04
N ASN A 63 10.88 17.95 28.75
CA ASN A 63 12.21 17.56 28.30
C ASN A 63 13.10 18.69 27.80
N LEU A 64 12.53 19.81 27.31
CA LEU A 64 13.36 20.92 26.88
C LEU A 64 13.39 22.07 27.88
N ALA A 65 12.42 22.13 28.81
CA ALA A 65 12.29 23.29 29.68
C ALA A 65 12.23 22.88 31.16
N GLN A 66 12.71 21.68 31.48
CA GLN A 66 12.75 21.21 32.87
C GLN A 66 11.39 21.35 33.56
N GLY A 67 10.31 21.12 32.79
CA GLY A 67 8.97 21.07 33.34
C GLY A 67 8.08 22.26 33.03
N SER A 68 8.61 23.39 32.56
CA SER A 68 7.75 24.56 32.39
C SER A 68 8.36 25.54 31.41
N LEU A 69 7.65 25.80 30.31
CA LEU A 69 8.02 26.90 29.44
C LEU A 69 7.80 28.26 30.09
N LYS A 70 7.15 28.32 31.25
CA LYS A 70 7.02 29.60 31.93
C LYS A 70 8.28 29.97 32.72
N GLU A 71 9.18 29.01 32.92
CA GLU A 71 10.35 29.19 33.76
C GLU A 71 11.64 29.36 32.95
N ARG A 72 11.68 28.83 31.73
CA ARG A 72 12.95 28.91 30.96
C ARG A 72 12.70 28.64 29.47
N LEU A 73 13.46 29.29 28.59
CA LEU A 73 13.35 29.00 27.17
C LEU A 73 13.79 27.55 26.91
N PRO A 74 13.20 26.88 25.92
CA PRO A 74 13.50 25.45 25.76
C PRO A 74 14.93 25.27 25.27
N ALA A 75 15.59 24.23 25.77
CA ALA A 75 16.82 23.79 25.16
C ALA A 75 16.57 23.45 23.68
N TRP A 76 17.56 23.71 22.83
CA TRP A 76 17.31 23.51 21.42
C TRP A 76 17.67 22.12 20.92
N LEU A 77 18.44 21.36 21.68
CA LEU A 77 19.00 20.10 21.18
C LEU A 77 18.94 19.02 22.24
N TRP A 78 18.25 17.92 21.90
CA TRP A 78 17.93 16.79 22.76
C TRP A 78 18.17 15.51 21.97
N GLY A 79 18.78 14.52 22.59
CA GLY A 79 19.01 13.27 21.89
C GLY A 79 19.87 12.32 22.70
N LYS A 80 20.36 11.29 22.02
CA LYS A 80 21.07 10.20 22.70
C LYS A 80 22.53 10.57 22.94
N LYS A 81 22.97 10.43 24.21
CA LYS A 81 24.38 10.55 24.56
C LYS A 81 25.11 9.22 24.37
N GLU A 82 26.43 9.28 24.54
CA GLU A 82 27.27 8.10 24.39
C GLU A 82 26.94 7.04 25.41
N ASN A 83 26.53 7.44 26.61
CA ASN A 83 26.29 6.54 27.72
C ASN A 83 24.96 5.79 27.61
N SER A 84 24.31 5.83 26.44
CA SER A 84 23.00 5.24 26.12
C SER A 84 21.81 6.02 26.69
N LYS A 85 22.07 7.15 27.34
CA LYS A 85 20.98 7.95 27.96
C LYS A 85 20.47 9.02 26.98
N TRP A 86 19.19 9.39 27.09
CA TRP A 86 18.58 10.36 26.19
C TRP A 86 18.24 11.61 27.02
N GLU A 87 18.90 12.73 26.75
CA GLU A 87 18.64 13.96 27.51
C GLU A 87 19.08 15.19 26.71
N VAL A 88 19.05 16.35 27.36
CA VAL A 88 19.42 17.59 26.67
C VAL A 88 20.88 17.52 26.24
N LEU A 89 21.13 17.78 24.96
CA LEU A 89 22.50 17.84 24.48
C LEU A 89 23.07 19.26 24.46
N ASP A 90 22.20 20.25 24.32
CA ASP A 90 22.62 21.65 24.34
C ASP A 90 21.48 22.45 24.95
N SER A 91 21.74 23.11 26.08
CA SER A 91 20.70 23.88 26.76
C SER A 91 20.57 25.30 26.23
N ASN A 92 21.41 25.72 25.27
CA ASN A 92 21.19 27.00 24.62
C ASN A 92 19.89 26.96 23.85
N SER A 93 19.29 28.13 23.66
CA SER A 93 18.04 28.18 22.93
C SER A 93 18.28 28.47 21.46
N ALA A 94 17.23 28.25 20.68
CA ALA A 94 17.17 28.61 19.26
C ALA A 94 15.91 29.43 19.11
N SER A 95 16.05 30.71 18.71
CA SER A 95 14.91 31.59 18.82
C SER A 95 13.86 31.36 17.73
N ASP A 96 14.20 30.73 16.60
CA ASP A 96 13.15 30.37 15.65
C ASP A 96 12.19 29.37 16.29
N GLY A 97 12.74 28.34 16.95
CA GLY A 97 11.90 27.46 17.74
C GLY A 97 11.08 28.23 18.75
N ASP A 98 11.73 29.14 19.48
CA ASP A 98 11.07 29.87 20.55
C ASP A 98 9.87 30.66 20.02
N VAL A 99 10.05 31.43 18.93
CA VAL A 99 8.97 32.29 18.44
C VAL A 99 7.84 31.47 17.81
N TRP A 100 8.18 30.41 17.04
CA TRP A 100 7.09 29.58 16.52
C TRP A 100 6.29 28.92 17.66
N MET A 101 6.97 28.50 18.72
CA MET A 101 6.28 27.99 19.90
C MET A 101 5.36 29.03 20.51
N ALA A 102 5.90 30.22 20.77
CA ALA A 102 5.10 31.24 21.43
C ALA A 102 3.88 31.61 20.59
N TRP A 103 4.08 31.81 19.27
CA TRP A 103 2.96 32.10 18.40
C TRP A 103 1.93 30.97 18.41
N SER A 104 2.41 29.72 18.33
CA SER A 104 1.44 28.62 18.24
C SER A 104 0.63 28.53 19.53
N LEU A 105 1.28 28.76 20.67
CA LEU A 105 0.60 28.72 21.96
C LEU A 105 -0.43 29.85 22.08
N LEU A 106 -0.08 31.05 21.62
CA LEU A 106 -0.99 32.18 21.72
C LEU A 106 -2.19 32.00 20.80
N GLU A 107 -1.96 31.47 19.59
CA GLU A 107 -3.07 31.26 18.67
C GLU A 107 -3.91 30.05 19.07
N ALA A 108 -3.29 29.04 19.68
CA ALA A 108 -4.08 27.94 20.23
C ALA A 108 -4.95 28.42 21.39
N GLY A 109 -4.41 29.29 22.25
CA GLY A 109 -5.23 29.85 23.32
C GLY A 109 -6.40 30.65 22.79
N ARG A 110 -6.16 31.50 21.78
CA ARG A 110 -7.25 32.28 21.20
C ARG A 110 -8.28 31.40 20.49
N LEU A 111 -7.82 30.45 19.66
CA LEU A 111 -8.73 29.74 18.76
C LEU A 111 -9.42 28.56 19.45
N TRP A 112 -8.73 27.88 20.36
CA TRP A 112 -9.39 26.81 21.09
C TRP A 112 -10.00 27.32 22.39
N LYS A 113 -9.90 28.61 22.66
CA LYS A 113 -10.48 29.26 23.83
C LYS A 113 -9.99 28.60 25.12
N GLU A 114 -8.67 28.44 25.22
CA GLU A 114 -8.02 27.78 26.35
C GLU A 114 -7.01 28.71 26.98
N GLN A 115 -7.32 29.20 28.19
CA GLN A 115 -6.46 30.18 28.85
C GLN A 115 -5.07 29.62 29.13
N ARG A 116 -4.95 28.31 29.37
CA ARG A 116 -3.64 27.73 29.70
C ARG A 116 -2.63 28.01 28.59
N TYR A 117 -3.06 27.83 27.33
CA TYR A 117 -2.16 28.06 26.21
C TYR A 117 -1.76 29.53 26.14
N THR A 118 -2.72 30.43 26.33
CA THR A 118 -2.41 31.86 26.34
C THR A 118 -1.39 32.20 27.43
N ASP A 119 -1.55 31.61 28.62
CA ASP A 119 -0.65 31.94 29.72
C ASP A 119 0.76 31.45 29.43
N ILE A 120 0.87 30.23 28.89
CA ILE A 120 2.20 29.71 28.59
C ILE A 120 2.85 30.50 27.46
N GLY A 121 2.10 30.74 26.38
CA GLY A 121 2.63 31.52 25.28
C GLY A 121 3.03 32.93 25.68
N SER A 122 2.26 33.57 26.57
CA SER A 122 2.65 34.89 27.08
C SER A 122 3.94 34.85 27.88
N ALA A 123 4.05 33.91 28.82
CA ALA A 123 5.27 33.83 29.62
C ALA A 123 6.48 33.53 28.75
N LEU A 124 6.28 32.65 27.75
CA LEU A 124 7.33 32.34 26.78
C LEU A 124 7.75 33.59 26.00
N LEU A 125 6.78 34.34 25.48
CA LEU A 125 7.13 35.48 24.63
C LEU A 125 7.84 36.56 25.45
N LYS A 126 7.39 36.79 26.68
CA LYS A 126 8.08 37.76 27.53
C LYS A 126 9.50 37.31 27.85
N ARG A 127 9.71 35.99 28.02
CA ARG A 127 11.09 35.56 28.25
C ARG A 127 11.93 35.70 26.99
N ILE A 128 11.34 35.50 25.81
CA ILE A 128 12.08 35.74 24.58
C ILE A 128 12.54 37.20 24.53
N ALA A 129 11.62 38.11 24.78
CA ALA A 129 11.94 39.54 24.77
C ALA A 129 13.05 39.88 25.76
N ARG A 130 13.10 39.26 26.93
CA ARG A 130 14.10 39.71 27.94
C ARG A 130 15.42 38.94 27.81
N GLU A 131 15.42 37.75 27.19
CA GLU A 131 16.64 36.96 27.19
C GLU A 131 17.33 36.81 25.84
N GLU A 132 16.63 37.13 24.74
CA GLU A 132 17.20 36.92 23.39
C GLU A 132 17.07 38.17 22.51
N VAL A 133 16.39 39.22 23.00
CA VAL A 133 16.24 40.45 22.22
C VAL A 133 17.19 41.46 22.86
N VAL A 134 17.97 42.16 22.03
CA VAL A 134 18.97 43.09 22.55
C VAL A 134 18.97 44.37 21.72
N THR A 135 19.38 45.47 22.33
CA THR A 135 19.43 46.75 21.63
C THR A 135 20.79 46.87 20.93
N VAL A 136 20.77 46.99 19.60
CA VAL A 136 21.95 47.03 18.74
C VAL A 136 22.12 48.45 18.22
N PRO A 137 23.22 49.13 18.57
CA PRO A 137 23.47 50.49 18.07
C PRO A 137 23.44 50.51 16.55
N GLY A 138 22.59 51.37 16.01
CA GLY A 138 22.41 51.47 14.58
C GLY A 138 21.15 50.79 14.08
N LEU A 139 20.55 49.91 14.87
CA LEU A 139 19.35 49.21 14.47
C LEU A 139 18.21 49.46 15.45
N GLY A 140 18.47 49.25 16.73
CA GLY A 140 17.44 49.16 17.73
C GLY A 140 17.31 47.73 18.24
N SER A 141 16.13 47.40 18.75
CA SER A 141 15.87 46.04 19.22
C SER A 141 16.07 45.06 18.07
N MET A 142 16.74 43.95 18.37
CA MET A 142 16.97 42.86 17.42
C MET A 142 16.78 41.50 18.10
N LEU A 143 16.30 40.53 17.33
CA LEU A 143 16.17 39.16 17.83
C LEU A 143 17.47 38.40 17.58
N LEU A 144 18.11 37.96 18.67
CA LEU A 144 19.28 37.11 18.55
C LEU A 144 18.84 35.68 18.19
N PRO A 145 19.67 34.96 17.43
CA PRO A 145 19.37 33.55 17.14
C PRO A 145 19.36 32.64 18.35
N GLY A 146 19.81 33.10 19.51
CA GLY A 146 19.75 32.28 20.70
C GLY A 146 20.22 33.08 21.90
N LYS A 147 19.99 32.51 23.07
CA LYS A 147 20.25 33.19 24.33
C LYS A 147 21.74 33.54 24.49
N VAL A 148 22.62 32.70 23.97
CA VAL A 148 24.07 32.93 24.06
C VAL A 148 24.76 32.52 22.77
N GLY A 149 25.90 33.17 22.52
CA GLY A 149 26.77 32.77 21.44
C GLY A 149 26.72 33.65 20.21
N PHE A 150 25.78 34.60 20.14
CA PHE A 150 25.58 35.40 18.95
C PHE A 150 25.83 36.88 19.16
N ALA A 151 26.20 37.30 20.37
CA ALA A 151 26.41 38.71 20.68
C ALA A 151 27.80 38.89 21.30
N GLU A 152 28.57 39.79 20.71
CA GLU A 152 29.89 40.16 21.28
C GLU A 152 29.78 41.63 21.69
N ASP A 153 30.88 42.24 22.09
CA ASP A 153 30.88 43.64 22.52
C ASP A 153 30.49 44.57 21.37
N ASN A 154 31.02 44.32 20.16
CA ASN A 154 30.82 45.24 19.05
C ASN A 154 30.28 44.56 17.80
N SER A 155 29.77 43.34 17.89
CA SER A 155 29.21 42.67 16.72
C SER A 155 28.14 41.67 17.16
N TRP A 156 27.30 41.35 16.21
CA TRP A 156 26.19 40.47 16.50
C TRP A 156 25.95 39.66 15.24
N ARG A 157 25.42 38.46 15.36
CA ARG A 157 25.15 37.60 14.21
C ARG A 157 23.66 37.24 14.22
N PHE A 158 23.01 37.37 13.07
CA PHE A 158 21.58 37.18 12.94
C PHE A 158 21.25 36.14 11.88
N ASN A 159 20.02 35.62 11.92
CA ASN A 159 19.56 34.59 10.94
C ASN A 159 18.23 35.08 10.33
N PRO A 160 18.24 35.66 9.12
CA PRO A 160 17.01 36.25 8.51
C PRO A 160 15.81 35.30 8.49
N SER A 161 16.04 33.98 8.46
CA SER A 161 14.94 33.03 8.45
C SER A 161 14.22 32.88 9.79
N TYR A 162 14.72 33.48 10.88
CA TYR A 162 14.18 33.12 12.19
C TYR A 162 12.85 33.79 12.54
N LEU A 163 12.59 35.02 12.10
CA LEU A 163 11.33 35.70 12.40
C LEU A 163 10.52 35.91 11.14
N PRO A 164 9.52 35.07 10.85
CA PRO A 164 8.63 35.34 9.68
C PRO A 164 7.94 36.68 9.84
N PRO A 165 7.85 37.50 8.78
CA PRO A 165 7.11 38.77 8.90
C PRO A 165 5.70 38.61 9.46
N THR A 166 4.99 37.51 9.18
CA THR A 166 3.66 37.36 9.77
C THR A 166 3.74 37.19 11.29
N LEU A 167 4.74 36.46 11.80
CA LEU A 167 4.85 36.32 13.25
C LEU A 167 5.20 37.66 13.89
N ALA A 168 6.06 38.43 13.23
CA ALA A 168 6.45 39.73 13.78
C ALA A 168 5.24 40.65 13.84
N GLN A 169 4.45 40.65 12.76
CA GLN A 169 3.21 41.42 12.75
C GLN A 169 2.32 41.03 13.92
N TYR A 170 2.18 39.71 14.14
CA TYR A 170 1.33 39.26 15.23
C TYR A 170 1.83 39.76 16.58
N PHE A 171 3.15 39.70 16.80
CA PHE A 171 3.67 40.04 18.12
C PHE A 171 3.56 41.52 18.42
N THR A 172 3.40 42.36 17.39
CA THR A 172 3.28 43.80 17.67
C THR A 172 2.14 44.12 18.64
N ARG A 173 1.10 43.29 18.72
CA ARG A 173 0.01 43.54 19.67
C ARG A 173 0.46 43.54 21.13
N PHE A 174 1.64 43.00 21.43
CA PHE A 174 2.11 42.95 22.81
C PHE A 174 3.02 44.12 23.16
N GLY A 175 3.22 45.06 22.23
CA GLY A 175 4.01 46.25 22.52
C GLY A 175 5.51 45.97 22.40
N ALA A 176 6.28 46.85 23.04
CA ALA A 176 7.73 46.75 22.97
C ALA A 176 8.21 45.42 23.55
N PRO A 177 9.28 44.82 22.97
CA PRO A 177 10.07 45.32 21.83
C PRO A 177 9.52 44.89 20.47
N TRP A 178 8.35 44.22 20.45
CA TRP A 178 7.86 43.65 19.20
C TRP A 178 7.47 44.73 18.19
N THR A 179 7.02 45.89 18.70
CA THR A 179 6.75 47.05 17.84
C THR A 179 7.94 47.33 16.94
N THR A 180 9.10 47.51 17.58
CA THR A 180 10.36 47.81 16.91
C THR A 180 10.85 46.63 16.09
N LEU A 181 10.71 45.40 16.63
CA LEU A 181 11.18 44.22 15.90
C LEU A 181 10.49 44.06 14.56
N ARG A 182 9.21 44.44 14.45
CA ARG A 182 8.52 44.37 13.12
C ARG A 182 9.28 45.22 12.09
N GLU A 183 9.91 46.32 12.53
CA GLU A 183 10.58 47.25 11.60
C GLU A 183 12.06 46.87 11.40
N THR A 184 12.74 46.45 12.47
CA THR A 184 14.13 46.04 12.32
C THR A 184 14.24 44.68 11.63
N ASN A 185 13.19 43.85 11.70
CA ASN A 185 13.20 42.60 10.98
C ASN A 185 13.10 42.87 9.47
N GLN A 186 12.31 43.88 9.11
CA GLN A 186 12.23 44.26 7.67
C GLN A 186 13.61 44.77 7.22
N ARG A 187 14.31 45.52 8.07
CA ARG A 187 15.66 45.97 7.72
C ARG A 187 16.60 44.77 7.51
N LEU A 188 16.56 43.81 8.45
CA LEU A 188 17.38 42.60 8.31
C LEU A 188 17.10 41.89 6.98
N LEU A 189 15.82 41.77 6.59
CA LEU A 189 15.52 41.05 5.35
C LEU A 189 15.93 41.86 4.12
N LEU A 190 15.64 43.17 4.12
CA LEU A 190 15.83 43.95 2.89
C LEU A 190 17.25 44.45 2.68
N GLU A 191 18.06 44.59 3.73
CA GLU A 191 19.37 45.20 3.57
C GLU A 191 20.52 44.19 3.44
N THR A 192 20.26 42.88 3.53
CA THR A 192 21.34 41.90 3.54
C THR A 192 21.32 40.98 2.33
N ALA A 193 20.64 41.39 1.26
CA ALA A 193 20.53 40.60 0.03
C ALA A 193 20.99 41.45 -1.16
N PRO A 194 22.29 41.78 -1.23
CA PRO A 194 22.74 42.70 -2.28
C PRO A 194 22.60 42.14 -3.69
N LYS A 195 22.54 40.81 -3.83
CA LYS A 195 22.35 40.17 -5.13
C LYS A 195 21.00 39.49 -5.23
N GLY A 196 20.07 39.80 -4.34
CA GLY A 196 18.74 39.25 -4.40
C GLY A 196 18.55 37.96 -3.64
N PHE A 197 19.56 37.49 -2.92
CA PHE A 197 19.50 36.24 -2.16
C PHE A 197 19.76 36.53 -0.69
N SER A 198 18.92 35.95 0.18
CA SER A 198 19.02 36.18 1.62
C SER A 198 20.02 35.22 2.25
N PRO A 199 20.84 35.69 3.19
CA PRO A 199 21.87 34.84 3.78
C PRO A 199 21.32 33.95 4.89
N ASP A 200 21.87 32.74 4.98
CA ASP A 200 21.61 31.90 6.15
C ASP A 200 21.91 32.67 7.43
N TRP A 201 23.08 33.33 7.47
CA TRP A 201 23.60 34.03 8.64
C TRP A 201 24.25 35.33 8.18
N VAL A 202 24.11 36.38 8.98
CA VAL A 202 24.75 37.65 8.60
C VAL A 202 25.15 38.41 9.87
N ARG A 203 26.32 39.02 9.82
CA ARG A 203 26.85 39.77 10.97
C ARG A 203 26.65 41.26 10.76
N TYR A 204 26.47 41.95 11.88
CA TYR A 204 26.37 43.41 11.94
C TYR A 204 27.42 43.87 12.94
N GLU A 205 28.22 44.86 12.56
CA GLU A 205 29.25 45.40 13.46
C GLU A 205 28.96 46.87 13.78
N LYS A 206 29.09 47.20 15.06
CA LYS A 206 28.89 48.57 15.53
C LYS A 206 29.71 49.55 14.72
N ASP A 207 29.09 50.65 14.33
CA ASP A 207 29.69 51.79 13.66
C ASP A 207 29.95 51.48 12.19
N LYS A 208 29.76 50.25 11.73
CA LYS A 208 30.03 49.86 10.36
C LYS A 208 28.78 49.38 9.62
N GLY A 209 28.01 48.50 10.21
CA GLY A 209 26.83 47.96 9.56
C GLY A 209 26.99 46.51 9.18
N TRP A 210 26.19 46.09 8.20
CA TRP A 210 26.17 44.70 7.75
C TRP A 210 27.49 44.30 7.11
N GLN A 211 27.97 43.11 7.46
CA GLN A 211 29.18 42.54 6.86
C GLN A 211 28.76 41.66 5.69
N LEU A 212 28.79 42.23 4.48
CA LEU A 212 28.27 41.54 3.30
C LEU A 212 29.37 41.10 2.34
N LYS A 213 30.64 41.19 2.73
CA LYS A 213 31.67 40.58 1.90
C LYS A 213 31.55 39.05 1.94
N ALA A 214 32.00 38.41 0.86
CA ALA A 214 31.87 36.96 0.73
C ALA A 214 32.42 36.25 1.95
N GLU A 215 31.67 35.27 2.45
CA GLU A 215 32.00 34.57 3.68
C GLU A 215 31.29 33.23 3.68
N LYS A 216 31.91 32.23 4.32
CA LYS A 216 31.37 30.83 4.26
C LYS A 216 29.86 30.78 4.54
N THR A 217 29.37 31.37 5.63
CA THR A 217 27.97 31.24 5.96
C THR A 217 27.11 32.35 5.38
N LEU A 218 27.68 33.26 4.61
CA LEU A 218 26.89 34.28 3.93
C LEU A 218 26.46 33.69 2.58
N ILE A 219 25.66 32.63 2.67
CA ILE A 219 25.08 31.97 1.51
C ILE A 219 23.61 31.73 1.77
N SER A 220 22.84 31.62 0.70
CA SER A 220 21.43 31.27 0.77
C SER A 220 21.33 29.75 0.59
N SER A 221 21.09 29.03 1.69
CA SER A 221 20.91 27.59 1.53
C SER A 221 19.78 27.10 2.44
N TYR A 222 20.09 26.17 3.36
CA TYR A 222 19.05 25.45 4.11
C TYR A 222 18.33 26.32 5.11
N ASP A 223 18.98 27.31 5.72
CA ASP A 223 18.19 28.18 6.58
C ASP A 223 17.39 29.19 5.77
N ALA A 224 18.07 29.86 4.83
CA ALA A 224 17.49 30.99 4.13
C ALA A 224 16.38 30.62 3.16
N ILE A 225 16.26 29.35 2.75
CA ILE A 225 15.18 29.00 1.82
C ILE A 225 13.83 29.33 2.45
N ARG A 226 13.76 29.35 3.78
CA ARG A 226 12.54 29.69 4.49
C ARG A 226 12.17 31.17 4.34
N VAL A 227 13.15 32.06 4.19
CA VAL A 227 12.85 33.49 4.07
C VAL A 227 11.85 33.71 2.94
N TYR A 228 12.17 33.18 1.75
CA TYR A 228 11.28 33.32 0.60
C TYR A 228 9.90 32.75 0.91
N MET A 229 9.87 31.61 1.60
CA MET A 229 8.60 31.00 1.97
C MET A 229 7.79 31.93 2.87
N TRP A 230 8.42 32.45 3.92
CA TRP A 230 7.67 33.33 4.83
C TRP A 230 7.14 34.53 4.06
N VAL A 231 7.94 35.04 3.12
CA VAL A 231 7.48 36.20 2.36
C VAL A 231 6.27 35.82 1.53
N GLY A 232 6.31 34.63 0.92
CA GLY A 232 5.19 34.19 0.12
C GLY A 232 3.92 34.06 0.93
N MET A 233 4.05 33.82 2.24
CA MET A 233 2.91 33.61 3.11
C MET A 233 2.27 34.90 3.58
N MET A 234 2.86 36.03 3.26
CA MET A 234 2.31 37.30 3.74
C MET A 234 1.03 37.61 2.98
N PRO A 235 0.04 38.19 3.64
CA PRO A 235 -1.15 38.65 2.91
C PRO A 235 -0.78 39.71 1.89
N ASP A 236 -1.42 39.63 0.71
CA ASP A 236 -1.16 40.60 -0.36
C ASP A 236 -1.32 42.07 0.08
N SER A 237 -2.11 42.33 1.13
CA SER A 237 -2.36 43.69 1.60
C SER A 237 -1.25 44.21 2.52
N ASP A 238 -0.25 43.36 2.79
CA ASP A 238 0.91 43.78 3.62
C ASP A 238 1.88 44.59 2.75
N PRO A 239 2.21 45.85 3.12
CA PRO A 239 3.08 46.68 2.30
C PRO A 239 4.47 46.10 2.15
N GLN A 240 5.04 45.57 3.24
CA GLN A 240 6.42 45.02 3.20
C GLN A 240 6.50 43.89 2.16
N LYS A 241 5.42 43.13 1.97
CA LYS A 241 5.44 41.97 1.05
C LYS A 241 6.03 42.40 -0.31
N ALA A 242 5.46 43.41 -0.96
CA ALA A 242 5.94 43.76 -2.30
C ALA A 242 7.40 44.16 -2.27
N ARG A 243 7.81 44.96 -1.27
CA ARG A 243 9.23 45.26 -1.13
C ARG A 243 10.04 43.98 -1.06
N MET A 244 9.58 43.01 -0.26
CA MET A 244 10.40 41.82 -0.04
C MET A 244 10.43 40.95 -1.30
N LEU A 245 9.29 40.84 -2.00
CA LEU A 245 9.25 40.05 -3.23
C LEU A 245 10.16 40.68 -4.29
N ASN A 246 10.16 42.01 -4.37
CA ASN A 246 11.06 42.65 -5.33
C ASN A 246 12.52 42.43 -4.95
N ARG A 247 12.84 42.49 -3.65
CA ARG A 247 14.22 42.29 -3.21
C ARG A 247 14.74 40.93 -3.62
N PHE A 248 13.93 39.90 -3.45
CA PHE A 248 14.37 38.52 -3.64
C PHE A 248 14.03 37.99 -5.03
N LYS A 249 13.65 38.88 -5.95
CA LYS A 249 13.24 38.43 -7.28
C LYS A 249 14.27 37.54 -7.96
N PRO A 250 15.60 37.73 -7.81
CA PRO A 250 16.53 36.83 -8.48
C PRO A 250 16.38 35.37 -8.08
N MET A 251 15.96 35.09 -6.84
CA MET A 251 15.71 33.69 -6.48
C MET A 251 14.52 33.12 -7.29
N ALA A 252 13.44 33.91 -7.43
CA ALA A 252 12.32 33.48 -8.25
C ALA A 252 12.74 33.30 -9.71
N THR A 253 13.53 34.25 -10.23
CA THR A 253 13.97 34.21 -11.62
C THR A 253 14.81 32.97 -11.89
N PHE A 254 15.77 32.69 -11.00
CA PHE A 254 16.54 31.47 -11.14
C PHE A 254 15.62 30.26 -11.19
N THR A 255 14.69 30.15 -10.23
CA THR A 255 13.83 28.97 -10.20
C THR A 255 12.99 28.83 -11.47
N GLU A 256 12.42 29.94 -11.97
CA GLU A 256 11.69 29.91 -13.23
C GLU A 256 12.56 29.47 -14.40
N LYS A 257 13.75 30.05 -14.54
CA LYS A 257 14.60 29.73 -15.72
C LYS A 257 15.14 28.29 -15.68
N ASN A 258 15.43 27.76 -14.49
CA ASN A 258 16.08 26.46 -14.42
C ASN A 258 15.14 25.32 -14.07
N GLY A 259 13.91 25.62 -13.63
CA GLY A 259 13.00 24.58 -13.18
C GLY A 259 13.22 24.06 -11.78
N TYR A 260 14.12 24.67 -11.01
CA TYR A 260 14.40 24.20 -9.66
C TYR A 260 15.11 25.29 -8.91
N PRO A 261 14.96 25.35 -7.60
CA PRO A 261 15.75 26.29 -6.81
C PRO A 261 17.15 25.76 -6.63
N PRO A 262 18.14 26.65 -6.49
CA PRO A 262 19.52 26.21 -6.25
C PRO A 262 19.69 25.69 -4.82
N GLU A 263 20.77 24.93 -4.63
CA GLU A 263 21.05 24.46 -3.27
C GLU A 263 21.71 25.56 -2.45
N LYS A 264 22.74 26.19 -3.05
CA LYS A 264 23.51 27.24 -2.35
C LYS A 264 23.75 28.45 -3.26
N VAL A 265 23.57 29.67 -2.77
CA VAL A 265 23.84 30.88 -3.55
C VAL A 265 24.76 31.78 -2.74
N ASP A 266 25.89 32.15 -3.32
CA ASP A 266 26.77 33.16 -2.73
C ASP A 266 26.03 34.50 -2.64
N VAL A 267 25.87 35.01 -1.41
CA VAL A 267 25.06 36.21 -1.22
C VAL A 267 25.77 37.45 -1.78
N ALA A 268 27.11 37.45 -1.79
CA ALA A 268 27.82 38.61 -2.31
C ALA A 268 27.95 38.61 -3.83
N THR A 269 27.94 37.44 -4.48
CA THR A 269 28.11 37.39 -5.92
C THR A 269 26.85 37.01 -6.66
N GLY A 270 25.92 36.31 -6.01
CA GLY A 270 24.77 35.78 -6.69
C GLY A 270 25.04 34.52 -7.47
N LYS A 271 26.24 33.95 -7.28
CA LYS A 271 26.62 32.71 -7.99
C LYS A 271 25.90 31.53 -7.33
N ALA A 272 25.13 30.78 -8.11
CA ALA A 272 24.37 29.64 -7.61
C ALA A 272 25.08 28.32 -7.88
N GLN A 273 24.86 27.36 -6.98
CA GLN A 273 25.45 26.04 -7.09
C GLN A 273 24.40 25.00 -6.70
N GLY A 274 24.43 23.84 -7.35
CA GLY A 274 23.64 22.70 -6.93
C GLY A 274 22.15 22.84 -7.22
N LYS A 275 21.44 21.73 -6.97
CA LYS A 275 19.97 21.71 -7.16
C LYS A 275 19.33 21.45 -5.79
N GLY A 276 18.49 22.36 -5.31
CA GLY A 276 17.88 22.25 -4.00
C GLY A 276 17.02 20.99 -3.88
N PRO A 277 16.90 20.44 -2.66
CA PRO A 277 16.12 19.20 -2.46
C PRO A 277 14.63 19.54 -2.52
N VAL A 278 13.80 18.51 -2.38
CA VAL A 278 12.36 18.70 -2.62
C VAL A 278 11.78 19.75 -1.68
N GLY A 279 12.29 19.83 -0.45
CA GLY A 279 11.80 20.82 0.49
C GLY A 279 11.96 22.24 -0.02
N PHE A 280 13.03 22.50 -0.77
CA PHE A 280 13.22 23.83 -1.36
C PHE A 280 12.13 24.14 -2.38
N SER A 281 11.77 23.14 -3.21
CA SER A 281 10.69 23.35 -4.15
C SER A 281 9.39 23.63 -3.43
N ALA A 282 9.13 22.92 -2.32
CA ALA A 282 7.95 23.23 -1.53
C ALA A 282 8.00 24.66 -1.01
N ALA A 283 9.18 25.11 -0.57
CA ALA A 283 9.29 26.48 -0.06
C ALA A 283 9.01 27.49 -1.16
N MET A 284 9.28 27.13 -2.41
CA MET A 284 8.97 28.05 -3.51
C MET A 284 7.48 28.19 -3.79
N LEU A 285 6.62 27.23 -3.38
CA LEU A 285 5.22 27.32 -3.77
C LEU A 285 4.54 28.61 -3.32
N PRO A 286 4.65 29.07 -2.07
CA PRO A 286 4.00 30.35 -1.70
C PRO A 286 4.71 31.55 -2.29
N PHE A 287 6.01 31.43 -2.58
CA PHE A 287 6.88 32.53 -2.99
C PHE A 287 6.68 32.92 -4.46
N LEU A 288 6.63 31.91 -5.33
CA LEU A 288 6.56 32.14 -6.77
C LEU A 288 5.19 32.67 -7.15
N GLN A 289 5.09 33.62 -8.07
CA GLN A 289 3.75 34.20 -8.32
C GLN A 289 3.19 33.82 -9.70
N ASN A 290 4.03 33.45 -10.66
CA ASN A 290 3.54 32.94 -11.97
C ASN A 290 2.86 31.59 -11.80
N ARG A 291 1.70 31.36 -12.42
CA ARG A 291 0.97 30.08 -12.30
C ARG A 291 1.78 28.92 -12.89
N ASP A 292 2.48 29.15 -14.01
CA ASP A 292 3.24 28.07 -14.70
C ASP A 292 4.47 27.65 -13.89
N ALA A 293 5.38 28.59 -13.60
CA ALA A 293 6.54 28.27 -12.74
C ALA A 293 6.12 27.59 -11.42
N GLN A 294 5.01 27.99 -10.81
CA GLN A 294 4.48 27.31 -9.62
C GLN A 294 4.11 25.84 -9.88
N ALA A 295 3.39 25.53 -10.94
CA ALA A 295 3.08 24.15 -11.38
C ALA A 295 4.31 23.34 -11.74
N VAL A 296 5.47 23.97 -12.01
CA VAL A 296 6.66 23.14 -12.15
C VAL A 296 7.13 22.66 -10.79
N GLN A 297 7.18 23.60 -9.84
CA GLN A 297 7.58 23.22 -8.48
C GLN A 297 6.56 22.27 -7.83
N ARG A 298 5.29 22.40 -8.20
CA ARG A 298 4.18 21.62 -7.62
C ARG A 298 4.26 20.21 -8.11
N GLN A 299 4.76 20.07 -9.32
CA GLN A 299 5.02 18.75 -9.89
C GLN A 299 6.22 18.10 -9.20
N ARG A 300 7.29 18.87 -9.01
CA ARG A 300 8.48 18.29 -8.39
C ARG A 300 8.18 17.82 -6.97
N VAL A 301 7.40 18.59 -6.21
CA VAL A 301 7.01 18.18 -4.86
C VAL A 301 6.14 16.92 -4.91
N ALA A 302 5.21 16.85 -5.87
CA ALA A 302 4.29 15.73 -5.91
C ALA A 302 4.98 14.43 -6.31
N ASP A 303 6.00 14.50 -7.16
CA ASP A 303 6.65 13.29 -7.65
C ASP A 303 7.84 12.84 -6.81
N ASN A 304 8.33 13.69 -5.92
CA ASN A 304 9.44 13.38 -5.03
C ASN A 304 9.06 13.67 -3.59
N PHE A 305 7.83 13.33 -3.22
CA PHE A 305 7.34 13.66 -1.90
C PHE A 305 8.20 12.96 -0.84
N PRO A 306 8.58 13.65 0.23
CA PRO A 306 9.52 13.04 1.20
C PRO A 306 8.95 11.83 1.92
N GLY A 307 9.82 10.84 2.14
CA GLY A 307 9.46 9.66 2.91
C GLY A 307 9.72 9.85 4.39
N SER A 308 10.23 8.82 5.06
CA SER A 308 10.43 8.86 6.51
C SER A 308 11.88 9.13 6.89
N ASP A 309 12.74 9.43 5.93
CA ASP A 309 14.16 9.62 6.18
C ASP A 309 14.62 11.06 5.96
N ALA A 310 13.70 12.03 6.11
CA ALA A 310 14.00 13.35 5.59
C ALA A 310 13.19 14.38 6.38
N TYR A 311 13.53 14.53 7.65
CA TYR A 311 12.80 15.46 8.50
C TYR A 311 12.67 16.84 7.86
N TYR A 312 13.80 17.41 7.39
CA TYR A 312 13.74 18.81 6.97
C TYR A 312 12.95 18.97 5.69
N ASN A 313 13.11 18.05 4.73
CA ASN A 313 12.26 18.12 3.54
C ASN A 313 10.79 18.02 3.91
N TYR A 314 10.46 17.15 4.86
CA TYR A 314 9.06 16.98 5.24
C TYR A 314 8.49 18.23 5.89
N VAL A 315 9.21 18.87 6.81
CA VAL A 315 8.63 20.08 7.44
C VAL A 315 8.54 21.22 6.44
N LEU A 316 9.58 21.40 5.60
CA LEU A 316 9.45 22.40 4.54
C LEU A 316 8.25 22.12 3.66
N THR A 317 7.95 20.83 3.41
CA THR A 317 6.80 20.48 2.60
C THR A 317 5.49 20.74 3.34
N LEU A 318 5.44 20.44 4.64
CA LEU A 318 4.26 20.78 5.44
C LEU A 318 3.94 22.28 5.30
N PHE A 319 4.95 23.13 5.47
CA PHE A 319 4.72 24.58 5.34
C PHE A 319 4.34 24.96 3.91
N GLY A 320 5.21 24.65 2.95
CA GLY A 320 5.03 25.13 1.58
C GLY A 320 3.90 24.46 0.82
N GLN A 321 3.89 23.11 0.77
CA GLN A 321 2.75 22.46 0.12
C GLN A 321 1.48 22.67 0.92
N GLY A 322 1.53 22.65 2.27
CA GLY A 322 0.32 22.97 3.02
C GLY A 322 -0.28 24.30 2.63
N TRP A 323 0.56 25.34 2.51
CA TRP A 323 0.05 26.63 2.05
C TRP A 323 -0.49 26.54 0.62
N ASP A 324 0.25 25.89 -0.28
CA ASP A 324 -0.25 25.59 -1.63
C ASP A 324 -1.62 24.93 -1.64
N GLN A 325 -1.99 24.17 -0.61
CA GLN A 325 -3.31 23.48 -0.67
C GLN A 325 -4.28 24.16 0.31
N HIS A 326 -3.96 25.39 0.76
CA HIS A 326 -4.88 26.14 1.64
C HIS A 326 -5.07 25.46 3.00
N ARG A 327 -4.00 24.86 3.56
CA ARG A 327 -4.12 24.24 4.88
C ARG A 327 -4.13 25.26 6.03
N PHE A 328 -3.72 26.48 5.77
CA PHE A 328 -3.73 27.59 6.72
C PHE A 328 -3.54 28.89 5.94
N ARG A 329 -3.99 30.01 6.51
CA ARG A 329 -3.62 31.31 5.95
C ARG A 329 -3.26 32.25 7.11
N PHE A 330 -2.57 33.36 6.81
CA PHE A 330 -2.24 34.39 7.78
C PHE A 330 -3.03 35.67 7.51
N SER A 331 -3.53 36.30 8.57
CA SER A 331 -4.30 37.53 8.39
C SER A 331 -3.36 38.73 8.31
N THR A 332 -3.97 39.90 8.02
CA THR A 332 -3.23 41.16 8.05
C THR A 332 -2.70 41.49 9.42
N LYS A 333 -3.19 40.82 10.46
CA LYS A 333 -2.65 41.02 11.79
C LYS A 333 -1.76 39.86 12.23
N GLY A 334 -1.37 38.99 11.30
CA GLY A 334 -0.54 37.85 11.62
C GLY A 334 -1.23 36.71 12.35
N GLU A 335 -2.56 36.73 12.45
CA GLU A 335 -3.28 35.64 13.10
C GLU A 335 -3.47 34.47 12.15
N LEU A 336 -3.63 33.27 12.72
CA LEU A 336 -3.98 32.12 11.89
C LEU A 336 -5.44 32.23 11.47
N LEU A 337 -5.69 32.12 10.17
CA LEU A 337 -7.02 31.93 9.62
C LEU A 337 -7.13 30.45 9.30
N PRO A 338 -7.76 29.65 10.17
CA PRO A 338 -7.69 28.20 9.99
C PRO A 338 -8.57 27.73 8.86
N ASP A 339 -8.18 26.59 8.30
CA ASP A 339 -8.98 25.88 7.31
C ASP A 339 -9.39 24.60 8.02
N TRP A 340 -10.35 24.72 8.93
CA TRP A 340 -10.83 23.58 9.71
C TRP A 340 -12.14 23.02 9.13
N CYS B 3 17.12 -11.12 4.19
CA CYS B 3 17.49 -11.87 5.41
C CYS B 3 16.67 -11.35 6.60
N THR B 4 15.71 -10.46 6.35
CA THR B 4 14.90 -9.91 7.42
C THR B 4 13.75 -10.85 7.74
N TRP B 5 13.07 -10.54 8.84
CA TRP B 5 11.84 -11.21 9.24
C TRP B 5 10.72 -10.19 9.10
N PRO B 6 9.90 -10.26 8.04
CA PRO B 6 9.01 -9.13 7.75
C PRO B 6 8.01 -8.83 8.86
N ALA B 7 7.45 -9.86 9.48
CA ALA B 7 6.51 -9.63 10.58
C ALA B 7 7.18 -8.90 11.74
N TRP B 8 8.45 -9.19 11.97
CA TRP B 8 9.20 -8.51 13.02
C TRP B 8 9.54 -7.08 12.62
N GLU B 9 9.89 -6.88 11.34
CA GLU B 9 10.18 -5.51 10.84
C GLU B 9 8.92 -4.65 11.03
N GLN B 10 7.75 -5.21 10.74
CA GLN B 10 6.48 -4.47 10.87
C GLN B 10 6.17 -4.20 12.34
N PHE B 11 6.45 -5.17 13.22
CA PHE B 11 6.25 -4.96 14.66
C PHE B 11 7.14 -3.85 15.18
N LYS B 12 8.42 -3.83 14.80
CA LYS B 12 9.30 -2.72 15.17
C LYS B 12 8.72 -1.37 14.73
N LYS B 13 8.22 -1.28 13.50
CA LYS B 13 7.75 0.03 12.95
C LYS B 13 6.44 0.50 13.58
N ASP B 14 5.63 -0.40 14.12
CA ASP B 14 4.34 -0.05 14.69
C ASP B 14 4.32 -0.06 16.21
N TYR B 15 5.20 -0.80 16.87
CA TYR B 15 5.10 -0.95 18.32
C TYR B 15 6.34 -0.58 19.12
N ILE B 16 7.52 -0.42 18.51
CA ILE B 16 8.74 -0.19 19.28
C ILE B 16 9.22 1.24 19.05
N SER B 17 9.37 2.00 20.12
CA SER B 17 9.79 3.39 20.02
C SER B 17 11.23 3.50 19.52
N GLN B 18 11.58 4.66 18.99
CA GLN B 18 13.00 4.86 18.60
C GLN B 18 13.94 4.52 19.79
N GLU B 19 13.57 4.81 21.05
CA GLU B 19 14.50 4.55 22.14
C GLU B 19 14.59 3.09 22.53
N GLY B 20 13.72 2.25 21.96
CA GLY B 20 13.74 0.83 22.21
C GLY B 20 12.71 0.28 23.18
N ARG B 21 11.60 0.98 23.41
CA ARG B 21 10.55 0.45 24.27
C ARG B 21 9.39 -0.07 23.44
N VAL B 22 8.86 -1.23 23.86
CA VAL B 22 7.76 -1.89 23.18
C VAL B 22 6.47 -1.39 23.82
N ILE B 23 5.56 -0.86 23.02
CA ILE B 23 4.43 -0.10 23.53
C ILE B 23 3.13 -0.83 23.27
N ASP B 24 2.33 -0.98 24.31
CA ASP B 24 0.99 -1.50 24.12
C ASP B 24 0.03 -0.33 23.93
N PRO B 25 -0.45 -0.08 22.70
CA PRO B 25 -1.27 1.12 22.47
C PRO B 25 -2.70 1.00 22.97
N SER B 26 -3.11 -0.16 23.47
CA SER B 26 -4.52 -0.32 23.84
C SER B 26 -4.80 0.17 25.25
N ASP B 27 -3.77 0.27 26.09
CA ASP B 27 -3.87 0.92 27.39
C ASP B 27 -3.71 2.43 27.24
N ALA B 28 -4.57 3.20 27.92
CA ALA B 28 -4.53 4.65 27.77
C ALA B 28 -3.26 5.27 28.34
N ARG B 29 -2.52 4.52 29.15
CA ARG B 29 -1.23 4.99 29.62
C ARG B 29 -0.08 4.62 28.68
N LYS B 30 -0.37 3.94 27.57
CA LYS B 30 0.63 3.59 26.55
C LYS B 30 1.83 2.88 27.16
N ILE B 31 1.53 1.72 27.74
CA ILE B 31 2.46 1.09 28.69
C ILE B 31 3.53 0.28 27.95
N THR B 32 4.64 0.08 28.66
CA THR B 32 5.63 -0.95 28.37
C THR B 32 5.66 -1.94 29.52
N THR B 33 5.77 -3.22 29.20
CA THR B 33 5.89 -4.25 30.22
C THR B 33 7.24 -4.93 30.11
N SER B 34 7.70 -5.52 31.22
CA SER B 34 8.91 -6.32 31.11
C SER B 34 8.70 -7.48 30.14
N GLU B 35 7.47 -7.97 30.03
CA GLU B 35 7.17 -9.00 29.04
C GLU B 35 7.38 -8.49 27.63
N GLY B 36 6.86 -7.30 27.32
CA GLY B 36 7.08 -6.73 26.00
C GLY B 36 8.55 -6.57 25.67
N GLN B 37 9.34 -6.04 26.63
CA GLN B 37 10.78 -5.90 26.38
C GLN B 37 11.42 -7.26 26.12
N SER B 38 11.03 -8.28 26.89
CA SER B 38 11.67 -9.59 26.72
C SER B 38 11.29 -10.24 25.40
N TYR B 39 10.05 -10.01 24.94
CA TYR B 39 9.60 -10.55 23.66
C TYR B 39 10.28 -9.84 22.49
N GLY B 40 10.51 -8.53 22.64
CA GLY B 40 11.31 -7.82 21.66
C GLY B 40 12.73 -8.32 21.61
N MET B 41 13.33 -8.59 22.77
CA MET B 41 14.68 -9.14 22.78
C MET B 41 14.71 -10.51 22.11
N PHE B 42 13.76 -11.38 22.48
CA PHE B 42 13.70 -12.69 21.82
C PHE B 42 13.57 -12.52 20.31
N SER B 43 12.65 -11.67 19.86
CA SER B 43 12.36 -11.59 18.42
C SER B 43 13.54 -10.97 17.67
N ALA B 44 14.23 -9.99 18.28
CA ALA B 44 15.43 -9.43 17.66
C ALA B 44 16.55 -10.48 17.55
N LEU B 45 16.72 -11.31 18.58
CA LEU B 45 17.69 -12.40 18.50
C LEU B 45 17.32 -13.39 17.40
N ALA B 46 16.05 -13.79 17.37
CA ALA B 46 15.60 -14.72 16.34
C ALA B 46 15.86 -14.18 14.95
N ALA B 47 15.63 -12.87 14.76
CA ALA B 47 15.78 -12.21 13.47
C ALA B 47 17.23 -11.85 13.14
N ASN B 48 18.16 -12.12 14.03
CA ASN B 48 19.56 -11.72 13.90
C ASN B 48 19.65 -10.19 13.76
N ASP B 49 18.84 -9.50 14.54
CA ASP B 49 18.72 -8.03 14.54
C ASP B 49 19.43 -7.47 15.77
N ARG B 50 20.76 -7.33 15.69
CA ARG B 50 21.50 -6.95 16.87
C ARG B 50 21.32 -5.47 17.22
N ALA B 51 21.13 -4.59 16.23
CA ALA B 51 20.92 -3.18 16.58
C ALA B 51 19.63 -3.00 17.38
N ALA B 52 18.57 -3.67 16.96
CA ALA B 52 17.31 -3.62 17.71
C ALA B 52 17.50 -4.24 19.09
N PHE B 53 18.19 -5.39 19.17
CA PHE B 53 18.44 -6.05 20.44
C PHE B 53 19.13 -5.10 21.42
N ASP B 54 20.20 -4.43 20.96
CA ASP B 54 20.91 -3.47 21.80
C ASP B 54 20.02 -2.31 22.23
N ASN B 55 19.21 -1.78 21.30
CA ASN B 55 18.39 -0.63 21.65
C ASN B 55 17.35 -1.02 22.71
N ILE B 56 16.71 -2.18 22.53
CA ILE B 56 15.72 -2.65 23.49
C ILE B 56 16.38 -2.95 24.83
N LEU B 57 17.59 -3.50 24.80
CA LEU B 57 18.28 -3.79 26.04
C LEU B 57 18.62 -2.51 26.79
N ASP B 58 19.12 -1.49 26.06
CA ASP B 58 19.43 -0.21 26.68
C ASP B 58 18.20 0.36 27.36
N TRP B 59 17.09 0.45 26.63
CA TRP B 59 15.89 1.03 27.24
C TRP B 59 15.51 0.25 28.48
N THR B 60 15.52 -1.09 28.40
CA THR B 60 15.11 -1.93 29.52
C THR B 60 15.96 -1.66 30.74
N GLN B 61 17.28 -1.66 30.57
CA GLN B 61 18.17 -1.42 31.71
C GLN B 61 17.93 -0.03 32.30
N ASN B 62 17.85 1.02 31.45
CA ASN B 62 17.73 2.37 32.01
C ASN B 62 16.38 2.63 32.68
N ASN B 63 15.29 2.10 32.13
CA ASN B 63 13.96 2.52 32.57
C ASN B 63 13.24 1.53 33.45
N LEU B 64 13.46 0.21 33.26
CA LEU B 64 12.89 -0.79 34.15
C LEU B 64 13.84 -1.20 35.28
N ALA B 65 15.16 -0.98 35.14
CA ALA B 65 16.13 -1.54 36.08
C ALA B 65 17.06 -0.48 36.67
N GLN B 66 16.63 0.77 36.67
CA GLN B 66 17.41 1.87 37.28
C GLN B 66 18.85 1.86 36.78
N GLY B 67 19.05 1.48 35.51
CA GLY B 67 20.35 1.49 34.87
C GLY B 67 21.04 0.13 34.70
N SER B 68 20.62 -0.91 35.42
CA SER B 68 21.38 -2.18 35.34
C SER B 68 20.54 -3.39 35.72
N LEU B 69 20.38 -4.33 34.78
CA LEU B 69 19.74 -5.61 35.10
C LEU B 69 20.60 -6.50 35.98
N LYS B 70 21.85 -6.15 36.21
CA LYS B 70 22.67 -6.89 37.17
C LYS B 70 22.31 -6.50 38.59
N GLU B 71 21.66 -5.35 38.79
CA GLU B 71 21.41 -4.84 40.14
C GLU B 71 19.99 -5.08 40.64
N ARG B 72 19.03 -5.39 39.77
CA ARG B 72 17.66 -5.58 40.20
C ARG B 72 16.89 -6.24 39.07
N LEU B 73 15.79 -6.88 39.44
CA LEU B 73 14.88 -7.45 38.42
C LEU B 73 14.09 -6.27 37.86
N PRO B 74 13.71 -6.26 36.57
CA PRO B 74 13.04 -5.11 35.97
C PRO B 74 11.65 -4.94 36.54
N ALA B 75 11.26 -3.70 36.80
CA ALA B 75 9.86 -3.37 37.03
C ALA B 75 9.02 -3.89 35.87
N TRP B 76 7.82 -4.40 36.18
CA TRP B 76 7.02 -5.03 35.14
C TRP B 76 6.17 -4.03 34.35
N LEU B 77 5.98 -2.81 34.87
CA LEU B 77 4.99 -1.89 34.31
C LEU B 77 5.50 -0.46 34.35
N TRP B 78 5.56 0.14 33.15
CA TRP B 78 6.07 1.53 32.99
C TRP B 78 5.11 2.23 32.02
N GLY B 79 4.82 3.52 32.22
CA GLY B 79 3.84 4.18 31.38
C GLY B 79 3.58 5.59 31.88
N LYS B 80 2.52 6.20 31.34
CA LYS B 80 2.26 7.61 31.62
C LYS B 80 1.51 7.75 32.93
N LYS B 81 1.98 8.66 33.79
CA LYS B 81 1.24 8.97 35.00
C LYS B 81 0.34 10.17 34.81
N GLU B 82 -0.58 10.32 35.76
CA GLU B 82 -1.60 11.36 35.72
C GLU B 82 -0.98 12.75 35.73
N ASN B 83 0.23 12.90 36.28
CA ASN B 83 0.92 14.18 36.29
C ASN B 83 1.69 14.48 34.99
N SER B 84 1.47 13.70 33.93
CA SER B 84 2.07 13.84 32.60
C SER B 84 3.50 13.29 32.52
N LYS B 85 4.15 12.86 33.58
CA LYS B 85 5.49 12.28 33.33
C LYS B 85 5.34 10.79 32.98
N TRP B 86 6.38 10.14 32.49
CA TRP B 86 6.47 8.76 32.04
C TRP B 86 7.54 8.07 32.88
N GLU B 87 7.13 7.10 33.71
CA GLU B 87 8.05 6.41 34.60
C GLU B 87 7.46 5.05 35.00
N VAL B 88 8.18 4.35 35.86
CA VAL B 88 7.71 3.05 36.35
C VAL B 88 6.37 3.24 37.02
N LEU B 89 5.41 2.40 36.68
CA LEU B 89 4.10 2.42 37.31
C LEU B 89 3.96 1.40 38.41
N ASP B 90 4.69 0.29 38.28
CA ASP B 90 4.67 -0.76 39.34
C ASP B 90 6.05 -1.42 39.36
N SER B 91 6.74 -1.32 40.50
CA SER B 91 8.11 -1.86 40.60
C SER B 91 8.16 -3.35 40.88
N ASN B 92 7.03 -4.01 41.16
CA ASN B 92 7.04 -5.47 41.25
C ASN B 92 7.50 -6.09 39.93
N SER B 93 8.03 -7.31 40.00
CA SER B 93 8.47 -8.00 38.81
C SER B 93 7.39 -8.93 38.27
N ALA B 94 7.59 -9.36 37.02
CA ALA B 94 6.81 -10.43 36.40
C ALA B 94 7.81 -11.44 35.90
N SER B 95 7.80 -12.64 36.48
CA SER B 95 8.90 -13.55 36.19
C SER B 95 8.86 -14.12 34.76
N ASP B 96 7.73 -14.04 34.04
CA ASP B 96 7.78 -14.47 32.65
C ASP B 96 8.67 -13.56 31.82
N GLY B 97 8.52 -12.23 31.99
CA GLY B 97 9.47 -11.31 31.38
C GLY B 97 10.89 -11.56 31.86
N ASP B 98 11.06 -11.80 33.16
CA ASP B 98 12.39 -12.01 33.71
C ASP B 98 13.08 -13.20 33.02
N VAL B 99 12.39 -14.35 32.93
CA VAL B 99 13.09 -15.51 32.38
C VAL B 99 13.27 -15.40 30.88
N TRP B 100 12.30 -14.83 30.14
CA TRP B 100 12.55 -14.63 28.70
C TRP B 100 13.73 -13.68 28.47
N MET B 101 13.86 -12.65 29.32
CA MET B 101 14.97 -11.72 29.20
C MET B 101 16.30 -12.43 29.48
N ALA B 102 16.34 -13.25 30.53
CA ALA B 102 17.58 -13.95 30.87
C ALA B 102 17.98 -14.94 29.77
N TRP B 103 17.01 -15.75 29.30
CA TRP B 103 17.29 -16.69 28.21
C TRP B 103 17.80 -15.96 26.98
N SER B 104 17.14 -14.84 26.62
CA SER B 104 17.54 -14.13 25.42
C SER B 104 18.94 -13.56 25.55
N LEU B 105 19.28 -13.03 26.73
CA LEU B 105 20.60 -12.47 26.93
C LEU B 105 21.67 -13.55 26.89
N LEU B 106 21.39 -14.70 27.50
CA LEU B 106 22.40 -15.75 27.53
C LEU B 106 22.63 -16.32 26.13
N GLU B 107 21.55 -16.45 25.34
CA GLU B 107 21.70 -16.99 24.00
C GLU B 107 22.29 -15.98 23.04
N ALA B 108 22.01 -14.68 23.25
CA ALA B 108 22.69 -13.64 22.52
C ALA B 108 24.18 -13.65 22.82
N GLY B 109 24.56 -13.78 24.09
CA GLY B 109 25.95 -13.87 24.43
C GLY B 109 26.64 -15.04 23.74
N ARG B 110 25.99 -16.21 23.75
CA ARG B 110 26.59 -17.37 23.09
C ARG B 110 26.66 -17.20 21.58
N LEU B 111 25.52 -16.87 20.95
CA LEU B 111 25.45 -16.91 19.48
C LEU B 111 26.18 -15.74 18.85
N TRP B 112 26.11 -14.55 19.46
CA TRP B 112 26.82 -13.39 18.94
C TRP B 112 28.22 -13.24 19.54
N LYS B 113 28.62 -14.14 20.44
CA LYS B 113 29.96 -14.16 21.04
C LYS B 113 30.28 -12.85 21.75
N GLU B 114 29.35 -12.40 22.58
CA GLU B 114 29.50 -11.13 23.30
C GLU B 114 29.42 -11.40 24.80
N GLN B 115 30.54 -11.21 25.49
CA GLN B 115 30.59 -11.56 26.90
C GLN B 115 29.63 -10.69 27.71
N ARG B 116 29.38 -9.45 27.28
CA ARG B 116 28.53 -8.55 28.05
C ARG B 116 27.11 -9.11 28.21
N TYR B 117 26.58 -9.72 27.14
CA TYR B 117 25.23 -10.26 27.22
C TYR B 117 25.20 -11.45 28.17
N THR B 118 26.25 -12.27 28.12
CA THR B 118 26.34 -13.40 29.05
C THR B 118 26.42 -12.90 30.49
N ASP B 119 27.18 -11.84 30.74
CA ASP B 119 27.33 -11.37 32.11
C ASP B 119 26.00 -10.83 32.65
N ILE B 120 25.26 -10.08 31.82
CA ILE B 120 23.98 -9.54 32.26
C ILE B 120 22.96 -10.66 32.45
N GLY B 121 22.89 -11.58 31.49
CA GLY B 121 21.96 -12.69 31.62
C GLY B 121 22.23 -13.57 32.83
N SER B 122 23.51 -13.86 33.09
CA SER B 122 23.86 -14.68 34.26
C SER B 122 23.48 -13.99 35.55
N ALA B 123 23.79 -12.68 35.67
CA ALA B 123 23.41 -11.95 36.88
C ALA B 123 21.91 -11.90 37.05
N LEU B 124 21.18 -11.73 35.94
CA LEU B 124 19.72 -11.70 36.01
C LEU B 124 19.17 -13.05 36.47
N LEU B 125 19.67 -14.14 35.88
CA LEU B 125 19.16 -15.46 36.22
C LEU B 125 19.42 -15.78 37.69
N LYS B 126 20.62 -15.44 38.18
CA LYS B 126 20.93 -15.69 39.59
C LYS B 126 20.00 -14.90 40.49
N ARG B 127 19.70 -13.65 40.10
CA ARG B 127 18.77 -12.86 40.89
C ARG B 127 17.35 -13.44 40.85
N ILE B 128 16.93 -13.97 39.71
CA ILE B 128 15.63 -14.63 39.66
C ILE B 128 15.58 -15.75 40.68
N ALA B 129 16.64 -16.57 40.71
CA ALA B 129 16.75 -17.64 41.70
C ALA B 129 16.65 -17.11 43.13
N ARG B 130 17.39 -16.03 43.44
CA ARG B 130 17.39 -15.49 44.80
C ARG B 130 16.07 -14.86 45.19
N GLU B 131 15.36 -14.20 44.26
CA GLU B 131 14.29 -13.28 44.68
C GLU B 131 12.88 -13.73 44.31
N GLU B 132 12.76 -14.74 43.44
CA GLU B 132 11.41 -15.15 42.96
C GLU B 132 11.19 -16.66 43.10
N VAL B 133 12.24 -17.44 43.36
CA VAL B 133 12.10 -18.89 43.48
C VAL B 133 12.06 -19.21 44.95
N VAL B 134 11.08 -20.02 45.36
CA VAL B 134 10.98 -20.40 46.76
C VAL B 134 10.77 -21.90 46.87
N THR B 135 11.08 -22.43 48.05
CA THR B 135 10.83 -23.83 48.34
C THR B 135 9.39 -24.01 48.85
N VAL B 136 8.61 -24.84 48.17
CA VAL B 136 7.21 -25.05 48.52
C VAL B 136 7.07 -26.47 49.06
N PRO B 137 6.69 -26.65 50.34
CA PRO B 137 6.52 -28.00 50.90
C PRO B 137 5.54 -28.80 50.06
N GLY B 138 5.98 -29.99 49.64
CA GLY B 138 5.21 -30.84 48.77
C GLY B 138 5.65 -30.81 47.32
N LEU B 139 6.35 -29.76 46.92
CA LEU B 139 6.83 -29.61 45.55
C LEU B 139 8.34 -29.51 45.46
N GLY B 140 8.95 -28.62 46.24
CA GLY B 140 10.35 -28.26 46.06
C GLY B 140 10.46 -26.84 45.54
N SER B 141 11.58 -26.54 44.89
CA SER B 141 11.76 -25.20 44.33
C SER B 141 10.66 -24.91 43.30
N MET B 142 10.10 -23.70 43.35
CA MET B 142 9.02 -23.25 42.47
C MET B 142 9.30 -21.81 42.04
N LEU B 143 8.95 -21.50 40.79
CA LEU B 143 9.08 -20.13 40.27
C LEU B 143 7.80 -19.35 40.59
N LEU B 144 7.93 -18.30 41.40
CA LEU B 144 6.80 -17.42 41.67
C LEU B 144 6.54 -16.53 40.45
N PRO B 145 5.29 -16.09 40.25
CA PRO B 145 5.01 -15.15 39.14
C PRO B 145 5.68 -13.80 39.28
N GLY B 146 6.17 -13.47 40.48
CA GLY B 146 6.85 -12.21 40.70
C GLY B 146 7.43 -12.16 42.09
N LYS B 147 8.24 -11.12 42.31
CA LYS B 147 9.04 -11.04 43.53
C LYS B 147 8.19 -10.77 44.78
N VAL B 148 7.02 -10.14 44.66
CA VAL B 148 6.15 -9.95 45.81
C VAL B 148 4.71 -10.24 45.44
N GLY B 149 3.93 -10.67 46.44
CA GLY B 149 2.50 -10.79 46.29
C GLY B 149 1.98 -12.17 45.93
N PHE B 150 2.85 -13.15 45.70
CA PHE B 150 2.40 -14.48 45.30
C PHE B 150 2.70 -15.59 46.29
N ALA B 151 3.29 -15.27 47.44
CA ALA B 151 3.54 -16.29 48.45
C ALA B 151 2.99 -15.77 49.77
N GLU B 152 2.09 -16.54 50.39
CA GLU B 152 1.44 -16.04 51.64
C GLU B 152 1.70 -17.02 52.79
N ASP B 153 0.74 -17.13 53.72
CA ASP B 153 0.95 -18.01 54.91
C ASP B 153 1.21 -19.44 54.44
N ASN B 154 0.30 -20.00 53.64
CA ASN B 154 0.45 -21.38 53.12
C ASN B 154 -0.09 -21.47 51.70
N SER B 155 -0.40 -20.32 51.09
CA SER B 155 -1.03 -20.32 49.74
C SER B 155 -0.11 -19.67 48.70
N TRP B 156 0.55 -20.48 47.86
CA TRP B 156 1.33 -19.90 46.78
C TRP B 156 0.47 -19.85 45.53
N ARG B 157 0.70 -18.84 44.69
CA ARG B 157 -0.05 -18.75 43.44
C ARG B 157 0.94 -18.77 42.28
N PHE B 158 0.68 -19.63 41.29
CA PHE B 158 1.59 -19.84 40.18
C PHE B 158 0.88 -19.59 38.87
N ASN B 159 1.69 -19.37 37.82
CA ASN B 159 1.20 -19.16 36.46
C ASN B 159 1.82 -20.16 35.49
N PRO B 160 1.08 -21.20 35.06
CA PRO B 160 1.67 -22.24 34.20
C PRO B 160 2.31 -21.73 32.91
N SER B 161 1.82 -20.62 32.36
CA SER B 161 2.38 -20.07 31.12
C SER B 161 3.74 -19.40 31.28
N TYR B 162 4.19 -19.16 32.52
CA TYR B 162 5.42 -18.35 32.71
C TYR B 162 6.71 -19.04 32.25
N LEU B 163 6.92 -20.32 32.56
CA LEU B 163 8.19 -20.96 32.27
C LEU B 163 8.02 -21.99 31.15
N PRO B 164 8.38 -21.68 29.92
CA PRO B 164 8.29 -22.67 28.83
C PRO B 164 9.21 -23.83 29.12
N PRO B 165 8.79 -25.06 28.85
CA PRO B 165 9.67 -26.22 29.08
C PRO B 165 11.03 -26.13 28.39
N THR B 166 11.14 -25.46 27.23
CA THR B 166 12.45 -25.34 26.61
C THR B 166 13.35 -24.37 27.39
N LEU B 167 12.79 -23.28 27.93
CA LEU B 167 13.61 -22.41 28.76
C LEU B 167 14.07 -23.13 30.03
N ALA B 168 13.18 -23.90 30.67
CA ALA B 168 13.59 -24.61 31.87
C ALA B 168 14.73 -25.58 31.57
N GLN B 169 14.61 -26.29 30.43
CA GLN B 169 15.67 -27.18 29.99
C GLN B 169 16.98 -26.43 29.83
N TYR B 170 16.90 -25.24 29.22
CA TYR B 170 18.14 -24.45 28.97
C TYR B 170 18.77 -24.10 30.31
N PHE B 171 17.95 -23.66 31.27
CA PHE B 171 18.49 -23.17 32.53
C PHE B 171 19.11 -24.29 33.38
N THR B 172 18.77 -25.57 33.12
CA THR B 172 19.39 -26.64 33.93
C THR B 172 20.92 -26.60 33.87
N ARG B 173 21.49 -26.08 32.79
CA ARG B 173 22.95 -26.04 32.69
C ARG B 173 23.59 -25.23 33.82
N PHE B 174 22.82 -24.42 34.54
CA PHE B 174 23.37 -23.58 35.59
C PHE B 174 23.19 -24.18 36.98
N GLY B 175 22.67 -25.41 37.06
CA GLY B 175 22.56 -26.10 38.34
C GLY B 175 21.33 -25.70 39.12
N ALA B 176 21.43 -25.80 40.44
CA ALA B 176 20.28 -25.54 41.29
C ALA B 176 20.03 -24.03 41.41
N PRO B 177 18.77 -23.61 41.48
CA PRO B 177 17.55 -24.41 41.55
C PRO B 177 16.97 -24.86 40.19
N TRP B 178 17.63 -24.51 39.08
CA TRP B 178 17.05 -24.75 37.75
C TRP B 178 16.92 -26.24 37.42
N THR B 179 17.85 -27.07 37.92
CA THR B 179 17.75 -28.53 37.69
C THR B 179 16.41 -29.03 38.20
N THR B 180 16.20 -29.03 39.52
CA THR B 180 14.92 -29.49 40.10
C THR B 180 13.77 -28.71 39.51
N LEU B 181 13.96 -27.41 39.21
CA LEU B 181 12.84 -26.58 38.71
C LEU B 181 12.26 -27.24 37.45
N ARG B 182 13.10 -27.49 36.44
CA ARG B 182 12.70 -28.21 35.24
C ARG B 182 11.67 -29.31 35.58
N GLU B 183 11.84 -29.94 36.74
CA GLU B 183 10.97 -31.07 37.13
C GLU B 183 9.68 -30.58 37.79
N THR B 184 9.77 -29.55 38.65
CA THR B 184 8.56 -29.04 39.27
C THR B 184 7.68 -28.31 38.27
N ASN B 185 8.27 -27.71 37.23
CA ASN B 185 7.50 -27.05 36.18
C ASN B 185 6.64 -28.07 35.44
N GLN B 186 7.21 -29.26 35.18
CA GLN B 186 6.43 -30.35 34.58
C GLN B 186 5.26 -30.73 35.49
N ARG B 187 5.53 -30.89 36.78
CA ARG B 187 4.44 -31.15 37.73
C ARG B 187 3.33 -30.09 37.64
N LEU B 188 3.73 -28.81 37.66
CA LEU B 188 2.76 -27.72 37.57
C LEU B 188 1.90 -27.85 36.32
N LEU B 189 2.54 -28.13 35.19
CA LEU B 189 1.78 -28.24 33.94
C LEU B 189 0.88 -29.46 33.92
N LEU B 190 1.37 -30.61 34.39
CA LEU B 190 0.63 -31.85 34.23
C LEU B 190 -0.45 -32.06 35.30
N GLU B 191 -0.30 -31.47 36.49
CA GLU B 191 -1.20 -31.80 37.59
C GLU B 191 -2.33 -30.79 37.79
N THR B 192 -2.33 -29.68 37.07
CA THR B 192 -3.35 -28.64 37.22
C THR B 192 -4.31 -28.54 36.04
N ALA B 193 -4.39 -29.58 35.20
CA ALA B 193 -5.28 -29.59 34.04
C ALA B 193 -6.18 -30.82 34.09
N PRO B 194 -7.08 -30.90 35.07
CA PRO B 194 -7.86 -32.14 35.24
C PRO B 194 -8.79 -32.42 34.08
N LYS B 195 -9.17 -31.41 33.29
CA LYS B 195 -10.01 -31.60 32.11
C LYS B 195 -9.26 -31.40 30.80
N GLY B 196 -7.93 -31.38 30.83
CA GLY B 196 -7.17 -31.17 29.63
C GLY B 196 -6.86 -29.72 29.31
N PHE B 197 -7.23 -28.78 30.17
CA PHE B 197 -6.99 -27.36 29.94
C PHE B 197 -6.19 -26.76 31.08
N SER B 198 -5.15 -25.99 30.72
CA SER B 198 -4.24 -25.38 31.68
C SER B 198 -4.83 -24.07 32.22
N PRO B 199 -4.65 -23.76 33.51
CA PRO B 199 -5.21 -22.53 34.07
C PRO B 199 -4.31 -21.34 33.85
N ASP B 200 -4.93 -20.15 33.72
CA ASP B 200 -4.16 -18.91 33.76
C ASP B 200 -3.35 -18.80 35.04
N TRP B 201 -4.00 -19.11 36.16
CA TRP B 201 -3.47 -18.97 37.52
C TRP B 201 -3.97 -20.14 38.35
N VAL B 202 -3.10 -20.68 39.19
CA VAL B 202 -3.55 -21.77 40.07
C VAL B 202 -2.81 -21.69 41.39
N ARG B 203 -3.51 -22.05 42.47
CA ARG B 203 -2.95 -21.96 43.81
C ARG B 203 -2.60 -23.34 44.34
N TYR B 204 -1.57 -23.36 45.16
CA TYR B 204 -1.16 -24.55 45.91
C TYR B 204 -1.18 -24.17 47.38
N GLU B 205 -1.86 -24.98 48.20
CA GLU B 205 -1.95 -24.77 49.64
C GLU B 205 -1.23 -25.89 50.37
N LYS B 206 -0.52 -25.46 51.43
CA LYS B 206 0.24 -26.43 52.25
C LYS B 206 -0.70 -27.45 52.89
N ASP B 207 -0.41 -28.73 52.71
CA ASP B 207 -1.12 -29.85 53.32
C ASP B 207 -2.38 -30.20 52.52
N LYS B 208 -2.79 -29.38 51.56
CA LYS B 208 -3.95 -29.66 50.72
C LYS B 208 -3.56 -29.93 49.27
N GLY B 209 -2.67 -29.14 48.71
CA GLY B 209 -2.25 -29.32 47.32
C GLY B 209 -2.89 -28.33 46.36
N TRP B 210 -2.95 -28.74 45.09
CA TRP B 210 -3.50 -27.87 44.06
C TRP B 210 -4.96 -27.56 44.34
N GLN B 211 -5.33 -26.29 44.21
CA GLN B 211 -6.71 -25.84 44.36
C GLN B 211 -7.33 -25.82 42.97
N LEU B 212 -8.14 -26.84 42.66
CA LEU B 212 -8.67 -27.02 41.32
C LEU B 212 -10.20 -26.97 41.26
N LYS B 213 -10.80 -26.40 42.30
CA LYS B 213 -12.27 -26.18 42.30
C LYS B 213 -12.53 -24.95 41.43
N ALA B 214 -13.67 -24.92 40.74
CA ALA B 214 -13.98 -23.82 39.84
C ALA B 214 -13.80 -22.48 40.53
N GLU B 215 -13.18 -21.54 39.83
CA GLU B 215 -12.79 -20.27 40.43
C GLU B 215 -12.50 -19.28 39.31
N LYS B 216 -12.84 -18.00 39.54
CA LYS B 216 -12.74 -16.96 38.47
C LYS B 216 -11.46 -17.07 37.63
N THR B 217 -10.28 -17.15 38.25
CA THR B 217 -9.07 -17.17 37.45
C THR B 217 -8.57 -18.57 37.12
N LEU B 218 -9.30 -19.62 37.53
CA LEU B 218 -8.94 -20.98 37.14
C LEU B 218 -9.60 -21.30 35.79
N ILE B 219 -9.17 -20.56 34.78
CA ILE B 219 -9.68 -20.69 33.42
C ILE B 219 -8.48 -20.66 32.48
N SER B 220 -8.63 -21.33 31.35
CA SER B 220 -7.65 -21.26 30.28
C SER B 220 -8.07 -20.10 29.37
N SER B 221 -7.41 -18.94 29.51
CA SER B 221 -7.68 -17.85 28.57
C SER B 221 -6.39 -17.21 28.06
N TYR B 222 -6.21 -15.91 28.33
CA TYR B 222 -5.15 -15.14 27.67
C TYR B 222 -3.75 -15.48 28.15
N ASP B 223 -3.59 -15.84 29.43
CA ASP B 223 -2.25 -16.28 29.83
C ASP B 223 -2.01 -17.71 29.34
N ALA B 224 -2.96 -18.61 29.60
CA ALA B 224 -2.75 -20.04 29.44
C ALA B 224 -2.60 -20.48 27.98
N ILE B 225 -3.07 -19.67 27.01
CA ILE B 225 -2.99 -20.09 25.61
C ILE B 225 -1.53 -20.32 25.24
N ARG B 226 -0.62 -19.65 25.96
CA ARG B 226 0.83 -19.79 25.67
C ARG B 226 1.32 -21.19 26.06
N VAL B 227 0.72 -21.81 27.09
CA VAL B 227 1.17 -23.12 27.54
C VAL B 227 1.18 -24.11 26.39
N TYR B 228 0.04 -24.23 25.69
CA TYR B 228 -0.06 -25.11 24.52
C TYR B 228 1.01 -24.77 23.50
N MET B 229 1.21 -23.48 23.24
CA MET B 229 2.24 -23.05 22.30
C MET B 229 3.62 -23.53 22.73
N TRP B 230 3.96 -23.34 24.02
CA TRP B 230 5.31 -23.71 24.43
C TRP B 230 5.50 -25.20 24.28
N VAL B 231 4.45 -25.98 24.56
CA VAL B 231 4.57 -27.42 24.43
C VAL B 231 4.80 -27.78 22.96
N GLY B 232 4.12 -27.07 22.06
CA GLY B 232 4.27 -27.34 20.64
C GLY B 232 5.66 -27.02 20.14
N MET B 233 6.36 -26.13 20.84
CA MET B 233 7.68 -25.70 20.47
C MET B 233 8.77 -26.61 20.98
N MET B 234 8.44 -27.58 21.84
CA MET B 234 9.44 -28.49 22.36
C MET B 234 9.93 -29.40 21.23
N PRO B 235 11.22 -29.73 21.18
CA PRO B 235 11.68 -30.68 20.15
C PRO B 235 11.03 -32.04 20.37
N ASP B 236 10.82 -32.76 19.26
CA ASP B 236 10.23 -34.10 19.36
C ASP B 236 11.08 -35.05 20.20
N SER B 237 12.36 -34.75 20.39
CA SER B 237 13.26 -35.53 21.23
C SER B 237 13.26 -35.09 22.71
N ASP B 238 12.31 -34.22 23.11
CA ASP B 238 12.19 -33.94 24.54
C ASP B 238 11.21 -34.96 25.14
N PRO B 239 11.63 -35.71 26.16
CA PRO B 239 10.75 -36.77 26.68
C PRO B 239 9.48 -36.25 27.32
N GLN B 240 9.48 -35.01 27.81
CA GLN B 240 8.31 -34.41 28.43
C GLN B 240 7.20 -34.13 27.39
N LYS B 241 7.61 -33.86 26.15
CA LYS B 241 6.65 -33.40 25.10
C LYS B 241 5.41 -34.29 24.99
N ALA B 242 5.61 -35.58 24.74
CA ALA B 242 4.47 -36.44 24.45
C ALA B 242 3.51 -36.46 25.63
N ARG B 243 4.04 -36.52 26.86
CA ARG B 243 3.17 -36.46 28.03
C ARG B 243 2.35 -35.18 28.05
N MET B 244 2.98 -34.03 27.75
CA MET B 244 2.19 -32.79 27.78
C MET B 244 1.17 -32.73 26.66
N LEU B 245 1.56 -33.09 25.43
CA LEU B 245 0.60 -33.08 24.33
C LEU B 245 -0.61 -33.95 24.65
N ASN B 246 -0.38 -35.10 25.31
CA ASN B 246 -1.49 -35.95 25.71
C ASN B 246 -2.32 -35.31 26.81
N ARG B 247 -1.69 -34.68 27.79
CA ARG B 247 -2.46 -34.01 28.84
C ARG B 247 -3.36 -32.93 28.26
N PHE B 248 -2.87 -32.15 27.30
CA PHE B 248 -3.62 -31.02 26.77
C PHE B 248 -4.41 -31.36 25.51
N LYS B 249 -4.59 -32.65 25.21
CA LYS B 249 -5.30 -33.04 24.00
C LYS B 249 -6.69 -32.43 23.86
N PRO B 250 -7.49 -32.26 24.92
CA PRO B 250 -8.82 -31.66 24.71
C PRO B 250 -8.78 -30.26 24.08
N MET B 251 -7.70 -29.49 24.32
CA MET B 251 -7.58 -28.19 23.65
C MET B 251 -7.41 -28.37 22.15
N ALA B 252 -6.57 -29.33 21.75
CA ALA B 252 -6.38 -29.62 20.32
C ALA B 252 -7.64 -30.19 19.70
N THR B 253 -8.31 -31.11 20.41
CA THR B 253 -9.55 -31.69 19.90
C THR B 253 -10.62 -30.62 19.69
N PHE B 254 -10.75 -29.69 20.65
CA PHE B 254 -11.72 -28.60 20.50
C PHE B 254 -11.40 -27.79 19.26
N THR B 255 -10.13 -27.39 19.12
CA THR B 255 -9.76 -26.54 17.99
C THR B 255 -10.00 -27.26 16.66
N GLU B 256 -9.63 -28.56 16.58
CA GLU B 256 -9.87 -29.36 15.38
C GLU B 256 -11.35 -29.48 15.05
N LYS B 257 -12.16 -29.85 16.04
CA LYS B 257 -13.60 -30.09 15.75
C LYS B 257 -14.33 -28.78 15.41
N ASN B 258 -13.97 -27.67 16.06
CA ASN B 258 -14.73 -26.44 15.85
C ASN B 258 -14.07 -25.48 14.88
N GLY B 259 -12.79 -25.66 14.58
CA GLY B 259 -12.09 -24.79 13.66
C GLY B 259 -11.53 -23.52 14.28
N TYR B 260 -11.56 -23.41 15.60
CA TYR B 260 -10.99 -22.24 16.27
C TYR B 260 -10.74 -22.59 17.72
N PRO B 261 -9.78 -21.94 18.37
CA PRO B 261 -9.56 -22.13 19.79
C PRO B 261 -10.57 -21.34 20.60
N PRO B 262 -10.97 -21.84 21.77
CA PRO B 262 -11.91 -21.10 22.61
C PRO B 262 -11.26 -19.88 23.28
N GLU B 263 -12.11 -18.92 23.66
CA GLU B 263 -11.57 -17.76 24.37
C GLU B 263 -11.29 -18.10 25.83
N LYS B 264 -12.30 -18.71 26.47
CA LYS B 264 -12.19 -19.05 27.92
C LYS B 264 -12.71 -20.46 28.20
N VAL B 265 -11.92 -21.30 28.90
CA VAL B 265 -12.34 -22.65 29.27
C VAL B 265 -12.27 -22.78 30.78
N ASP B 266 -13.38 -23.19 31.40
CA ASP B 266 -13.38 -23.57 32.80
C ASP B 266 -12.49 -24.79 33.03
N VAL B 267 -11.43 -24.61 33.81
CA VAL B 267 -10.43 -25.66 34.00
C VAL B 267 -11.02 -26.82 34.78
N ALA B 268 -11.97 -26.54 35.67
CA ALA B 268 -12.53 -27.61 36.51
C ALA B 268 -13.55 -28.45 35.75
N THR B 269 -14.22 -27.88 34.74
CA THR B 269 -15.29 -28.60 34.06
C THR B 269 -15.02 -28.85 32.58
N GLY B 270 -14.15 -28.06 31.95
CA GLY B 270 -13.92 -28.18 30.53
C GLY B 270 -14.89 -27.42 29.65
N LYS B 271 -15.79 -26.65 30.28
CA LYS B 271 -16.77 -25.86 29.51
C LYS B 271 -16.04 -24.69 28.83
N ALA B 272 -16.28 -24.48 27.53
CA ALA B 272 -15.63 -23.41 26.81
C ALA B 272 -16.64 -22.34 26.42
N GLN B 273 -16.14 -21.11 26.33
CA GLN B 273 -16.97 -19.97 25.98
C GLN B 273 -16.21 -19.10 24.99
N GLY B 274 -16.91 -18.63 23.96
CA GLY B 274 -16.34 -17.67 23.04
C GLY B 274 -15.28 -18.19 22.10
N LYS B 275 -14.96 -17.38 21.08
CA LYS B 275 -13.91 -17.74 20.08
C LYS B 275 -12.67 -16.87 20.32
N GLY B 276 -11.53 -17.51 20.60
CA GLY B 276 -10.29 -16.80 20.87
C GLY B 276 -9.89 -15.87 19.74
N PRO B 277 -9.14 -14.80 20.06
CA PRO B 277 -8.70 -13.87 19.00
C PRO B 277 -7.64 -14.49 18.11
N VAL B 278 -7.17 -13.75 17.10
CA VAL B 278 -6.28 -14.34 16.10
C VAL B 278 -4.99 -14.84 16.73
N GLY B 279 -4.50 -14.16 17.76
CA GLY B 279 -3.27 -14.62 18.40
C GLY B 279 -3.40 -16.01 19.00
N PHE B 280 -4.59 -16.37 19.48
CA PHE B 280 -4.80 -17.73 19.96
C PHE B 280 -4.65 -18.73 18.81
N SER B 281 -5.13 -18.37 17.60
CA SER B 281 -4.98 -19.30 16.47
C SER B 281 -3.52 -19.43 16.09
N ALA B 282 -2.76 -18.34 16.15
CA ALA B 282 -1.32 -18.46 15.95
C ALA B 282 -0.68 -19.36 17.00
N ALA B 283 -1.13 -19.26 18.26
CA ALA B 283 -0.53 -20.09 19.31
C ALA B 283 -0.84 -21.56 19.09
N MET B 284 -1.93 -21.85 18.39
CA MET B 284 -2.24 -23.22 18.06
C MET B 284 -1.33 -23.80 16.97
N LEU B 285 -0.62 -22.98 16.19
CA LEU B 285 0.12 -23.54 15.07
C LEU B 285 1.20 -24.54 15.48
N PRO B 286 2.06 -24.27 16.49
CA PRO B 286 3.04 -25.29 16.88
C PRO B 286 2.42 -26.45 17.67
N PHE B 287 1.28 -26.21 18.31
CA PHE B 287 0.64 -27.18 19.21
C PHE B 287 -0.11 -28.26 18.44
N LEU B 288 -0.60 -28.02 17.20
CA LEU B 288 -1.41 -29.04 16.42
C LEU B 288 -0.51 -30.00 15.63
N GLN B 289 -0.99 -31.23 15.36
CA GLN B 289 -0.10 -32.26 14.72
C GLN B 289 -0.75 -32.96 13.50
N ASN B 290 -2.02 -32.67 13.22
CA ASN B 290 -2.67 -33.18 11.99
C ASN B 290 -2.16 -32.27 10.86
N ARG B 291 -2.47 -32.58 9.60
CA ARG B 291 -2.08 -31.66 8.50
C ARG B 291 -3.33 -30.89 8.02
N ASP B 292 -4.45 -30.97 8.74
CA ASP B 292 -5.70 -30.32 8.26
C ASP B 292 -6.15 -29.24 9.22
N ALA B 293 -6.03 -29.48 10.53
CA ALA B 293 -6.45 -28.49 11.55
C ALA B 293 -5.48 -27.31 11.51
N GLN B 294 -4.18 -27.61 11.49
CA GLN B 294 -3.13 -26.57 11.45
C GLN B 294 -3.45 -25.61 10.29
N ALA B 295 -3.73 -26.16 9.11
CA ALA B 295 -3.98 -25.30 7.96
C ALA B 295 -5.18 -24.39 8.17
N VAL B 296 -6.20 -24.87 8.89
CA VAL B 296 -7.35 -24.03 9.19
C VAL B 296 -6.93 -22.85 10.06
N GLN B 297 -6.13 -23.13 11.10
CA GLN B 297 -5.64 -22.04 11.94
C GLN B 297 -4.71 -21.11 11.16
N ARG B 298 -3.88 -21.67 10.28
CA ARG B 298 -2.97 -20.86 9.45
C ARG B 298 -3.75 -19.89 8.58
N GLN B 299 -4.88 -20.34 8.04
CA GLN B 299 -5.74 -19.49 7.17
C GLN B 299 -6.38 -18.36 7.99
N ARG B 300 -6.76 -18.64 9.24
CA ARG B 300 -7.30 -17.57 10.08
C ARG B 300 -6.25 -16.53 10.41
N VAL B 301 -5.00 -16.95 10.70
CA VAL B 301 -3.97 -15.97 11.00
C VAL B 301 -3.64 -15.15 9.76
N ALA B 302 -3.59 -15.80 8.59
CA ALA B 302 -3.23 -15.08 7.38
C ALA B 302 -4.28 -14.03 7.02
N ASP B 303 -5.55 -14.34 7.21
CA ASP B 303 -6.62 -13.44 6.78
C ASP B 303 -7.03 -12.43 7.84
N ASN B 304 -6.50 -12.55 9.05
CA ASN B 304 -6.87 -11.65 10.13
C ASN B 304 -5.62 -11.19 10.85
N PHE B 305 -4.57 -10.95 10.08
CA PHE B 305 -3.27 -10.68 10.65
C PHE B 305 -3.33 -9.40 11.48
N PRO B 306 -2.77 -9.39 12.69
CA PRO B 306 -2.94 -8.21 13.55
C PRO B 306 -2.35 -6.96 12.93
N GLY B 307 -3.00 -5.82 13.20
CA GLY B 307 -2.52 -4.53 12.76
C GLY B 307 -1.74 -3.79 13.84
N SER B 308 -1.96 -2.49 13.97
CA SER B 308 -1.11 -1.70 14.88
C SER B 308 -1.76 -1.47 16.23
N ASP B 309 -2.94 -2.04 16.47
CA ASP B 309 -3.73 -1.76 17.66
C ASP B 309 -3.90 -3.00 18.55
N ALA B 310 -2.95 -3.93 18.49
CA ALA B 310 -3.19 -5.29 18.98
C ALA B 310 -1.88 -5.92 19.42
N TYR B 311 -1.27 -5.32 20.44
CA TYR B 311 0.03 -5.80 20.92
C TYR B 311 0.00 -7.30 21.18
N TYR B 312 -0.98 -7.79 21.95
CA TYR B 312 -0.89 -9.18 22.38
C TYR B 312 -1.12 -10.14 21.21
N ASN B 313 -2.12 -9.86 20.36
CA ASN B 313 -2.27 -10.69 19.15
C ASN B 313 -0.98 -10.71 18.34
N TYR B 314 -0.31 -9.57 18.25
CA TYR B 314 0.89 -9.51 17.43
C TYR B 314 2.02 -10.35 18.04
N VAL B 315 2.26 -10.26 19.36
CA VAL B 315 3.39 -11.06 19.87
C VAL B 315 3.05 -12.56 19.84
N LEU B 316 1.81 -12.93 20.18
CA LEU B 316 1.44 -14.33 19.98
C LEU B 316 1.65 -14.76 18.53
N THR B 317 1.44 -13.87 17.58
CA THR B 317 1.65 -14.24 16.18
C THR B 317 3.12 -14.34 15.85
N LEU B 318 3.95 -13.44 16.38
CA LEU B 318 5.41 -13.59 16.19
C LEU B 318 5.88 -14.96 16.67
N PHE B 319 5.46 -15.38 17.86
CA PHE B 319 5.84 -16.70 18.36
C PHE B 319 5.26 -17.83 17.50
N GLY B 320 3.93 -17.87 17.37
CA GLY B 320 3.29 -19.04 16.78
C GLY B 320 3.39 -19.12 15.26
N GLN B 321 3.13 -18.00 14.58
CA GLN B 321 3.35 -18.01 13.13
C GLN B 321 4.82 -17.99 12.80
N GLY B 322 5.69 -17.32 13.60
CA GLY B 322 7.12 -17.42 13.35
C GLY B 322 7.62 -18.85 13.45
N TRP B 323 7.12 -19.60 14.44
CA TRP B 323 7.52 -21.02 14.52
C TRP B 323 6.96 -21.79 13.31
N ASP B 324 5.72 -21.48 12.93
CA ASP B 324 5.14 -22.13 11.74
C ASP B 324 5.91 -21.84 10.47
N GLN B 325 6.67 -20.73 10.41
CA GLN B 325 7.48 -20.49 9.17
C GLN B 325 8.97 -20.75 9.43
N HIS B 326 9.31 -21.49 10.48
CA HIS B 326 10.72 -21.84 10.77
C HIS B 326 11.57 -20.60 11.06
N ARG B 327 11.01 -19.62 11.81
CA ARG B 327 11.79 -18.43 12.15
C ARG B 327 12.79 -18.69 13.28
N PHE B 328 12.64 -19.81 13.98
CA PHE B 328 13.49 -20.22 15.10
C PHE B 328 13.11 -21.64 15.45
N ARG B 329 14.07 -22.38 16.02
CA ARG B 329 13.77 -23.68 16.60
C ARG B 329 14.50 -23.77 17.94
N PHE B 330 14.10 -24.74 18.77
CA PHE B 330 14.77 -25.00 20.03
C PHE B 330 15.47 -26.35 19.98
N SER B 331 16.71 -26.41 20.44
CA SER B 331 17.42 -27.68 20.47
C SER B 331 16.92 -28.54 21.62
N THR B 332 17.42 -29.77 21.68
CA THR B 332 17.03 -30.63 22.78
C THR B 332 17.55 -30.11 24.12
N LYS B 333 18.52 -29.20 24.11
CA LYS B 333 19.03 -28.62 25.34
C LYS B 333 18.45 -27.23 25.60
N GLY B 334 17.41 -26.85 24.86
CA GLY B 334 16.76 -25.56 25.04
C GLY B 334 17.45 -24.39 24.40
N GLU B 335 18.47 -24.61 23.58
CA GLU B 335 19.16 -23.53 22.89
C GLU B 335 18.37 -23.08 21.66
N LEU B 336 18.58 -21.83 21.27
CA LEU B 336 18.10 -21.34 19.99
C LEU B 336 18.90 -21.97 18.86
N LEU B 337 18.21 -22.66 17.96
CA LEU B 337 18.79 -23.03 16.68
C LEU B 337 18.29 -21.94 15.73
N PRO B 338 19.11 -20.94 15.44
CA PRO B 338 18.63 -19.78 14.71
C PRO B 338 18.47 -20.12 13.24
N ASP B 339 17.59 -19.38 12.59
CA ASP B 339 17.40 -19.46 11.15
C ASP B 339 17.87 -18.10 10.61
N TRP B 340 19.18 -17.94 10.47
CA TRP B 340 19.74 -16.67 10.01
C TRP B 340 20.27 -16.84 8.58
N CYS C 3 9.98 10.56 -14.99
CA CYS C 3 9.67 10.55 -16.42
C CYS C 3 8.37 9.80 -16.72
N THR C 4 7.54 9.63 -15.69
CA THR C 4 6.19 9.09 -15.83
C THR C 4 5.18 10.08 -15.25
N TRP C 5 3.92 9.91 -15.65
CA TRP C 5 2.80 10.67 -15.11
C TRP C 5 2.02 9.74 -14.19
N PRO C 6 2.19 9.82 -12.87
CA PRO C 6 1.64 8.78 -12.00
C PRO C 6 0.14 8.60 -12.10
N ALA C 7 -0.65 9.69 -12.11
CA ALA C 7 -2.08 9.52 -12.26
C ALA C 7 -2.43 8.75 -13.54
N TRP C 8 -1.64 8.97 -14.60
CA TRP C 8 -1.88 8.28 -15.86
C TRP C 8 -1.52 6.81 -15.76
N GLU C 9 -0.41 6.52 -15.09
CA GLU C 9 0.02 5.10 -14.89
C GLU C 9 -1.07 4.36 -14.08
N GLN C 10 -1.67 5.01 -13.10
CA GLN C 10 -2.72 4.36 -12.32
C GLN C 10 -3.98 4.17 -13.15
N PHE C 11 -4.29 5.15 -14.01
CA PHE C 11 -5.45 5.01 -14.88
C PHE C 11 -5.28 3.84 -15.85
N LYS C 12 -4.10 3.73 -16.48
CA LYS C 12 -3.80 2.53 -17.26
C LYS C 12 -4.06 1.25 -16.48
N LYS C 13 -3.51 1.14 -15.27
CA LYS C 13 -3.63 -0.13 -14.50
C LYS C 13 -5.07 -0.46 -14.11
N ASP C 14 -5.92 0.54 -13.89
CA ASP C 14 -7.28 0.31 -13.39
C ASP C 14 -8.37 0.36 -14.46
N TYR C 15 -8.12 1.02 -15.60
CA TYR C 15 -9.16 1.27 -16.59
C TYR C 15 -8.86 0.80 -18.01
N ILE C 16 -7.61 0.48 -18.37
CA ILE C 16 -7.29 0.15 -19.76
C ILE C 16 -6.86 -1.31 -19.86
N SER C 17 -7.52 -2.06 -20.73
CA SER C 17 -7.25 -3.47 -20.88
C SER C 17 -5.87 -3.69 -21.51
N GLN C 18 -5.47 -4.94 -21.57
CA GLN C 18 -4.14 -5.27 -22.13
C GLN C 18 -4.24 -5.04 -23.64
N GLU C 19 -5.46 -5.13 -24.18
CA GLU C 19 -5.59 -4.91 -25.61
C GLU C 19 -5.71 -3.45 -25.98
N GLY C 20 -5.81 -2.55 -25.00
CA GLY C 20 -5.87 -1.14 -25.26
C GLY C 20 -7.25 -0.50 -25.28
N ARG C 21 -8.24 -1.11 -24.64
CA ARG C 21 -9.56 -0.49 -24.59
C ARG C 21 -9.77 0.13 -23.21
N VAL C 22 -10.31 1.35 -23.20
CA VAL C 22 -10.58 2.11 -21.99
C VAL C 22 -11.98 1.72 -21.51
N ILE C 23 -12.09 1.29 -20.26
CA ILE C 23 -13.31 0.66 -19.76
C ILE C 23 -13.97 1.50 -18.68
N ASP C 24 -15.26 1.78 -18.90
CA ASP C 24 -16.08 2.47 -17.87
C ASP C 24 -16.72 1.35 -17.03
N PRO C 25 -16.20 1.06 -15.81
CA PRO C 25 -16.65 -0.08 -15.01
C PRO C 25 -18.02 0.09 -14.41
N SER C 26 -18.57 1.30 -14.39
CA SER C 26 -19.85 1.54 -13.72
C SER C 26 -21.03 1.05 -14.53
N ASP C 27 -20.89 0.91 -15.85
CA ASP C 27 -21.92 0.35 -16.70
C ASP C 27 -21.87 -1.18 -16.66
N ALA C 28 -23.06 -1.81 -16.62
CA ALA C 28 -23.11 -3.27 -16.56
C ALA C 28 -22.52 -3.94 -17.79
N ARG C 29 -22.51 -3.25 -18.92
CA ARG C 29 -21.92 -3.79 -20.14
C ARG C 29 -20.43 -3.50 -20.25
N LYS C 30 -19.82 -2.88 -19.24
CA LYS C 30 -18.38 -2.56 -19.21
C LYS C 30 -17.94 -1.91 -20.52
N ILE C 31 -18.57 -0.76 -20.83
CA ILE C 31 -18.46 -0.17 -22.16
C ILE C 31 -17.11 0.50 -22.38
N THR C 32 -16.76 0.62 -23.66
CA THR C 32 -15.76 1.55 -24.15
C THR C 32 -16.48 2.55 -25.05
N THR C 33 -16.08 3.82 -24.96
CA THR C 33 -16.62 4.83 -25.84
C THR C 33 -15.51 5.37 -26.74
N SER C 34 -15.88 5.93 -27.89
CA SER C 34 -14.89 6.66 -28.67
C SER C 34 -14.30 7.80 -27.85
N GLU C 35 -15.11 8.37 -26.95
CA GLU C 35 -14.59 9.44 -26.05
C GLU C 35 -13.45 8.86 -25.20
N GLY C 36 -13.69 7.73 -24.52
CA GLY C 36 -12.66 7.13 -23.68
C GLY C 36 -11.39 6.79 -24.43
N GLN C 37 -11.52 6.25 -25.65
CA GLN C 37 -10.33 5.95 -26.45
C GLN C 37 -9.57 7.24 -26.79
N SER C 38 -10.29 8.30 -27.17
CA SER C 38 -9.64 9.55 -27.56
C SER C 38 -8.93 10.17 -26.35
N TYR C 39 -9.55 10.06 -25.17
CA TYR C 39 -8.94 10.57 -23.95
C TYR C 39 -7.71 9.76 -23.59
N GLY C 40 -7.74 8.44 -23.86
CA GLY C 40 -6.58 7.62 -23.57
C GLY C 40 -5.43 7.95 -24.50
N MET C 41 -5.76 8.19 -25.77
CA MET C 41 -4.77 8.63 -26.75
C MET C 41 -4.19 10.00 -26.37
N PHE C 42 -5.04 10.94 -25.97
CA PHE C 42 -4.55 12.24 -25.53
C PHE C 42 -3.60 12.08 -24.35
N SER C 43 -4.02 11.33 -23.33
CA SER C 43 -3.21 11.23 -22.12
C SER C 43 -1.89 10.51 -22.42
N ALA C 44 -1.94 9.50 -23.31
CA ALA C 44 -0.72 8.77 -23.66
C ALA C 44 0.26 9.67 -24.39
N LEU C 45 -0.25 10.53 -25.29
CA LEU C 45 0.60 11.51 -25.96
C LEU C 45 1.19 12.50 -24.94
N ALA C 46 0.37 12.97 -24.01
CA ALA C 46 0.88 13.94 -23.03
C ALA C 46 1.92 13.31 -22.11
N ALA C 47 1.78 12.02 -21.82
CA ALA C 47 2.76 11.36 -20.97
C ALA C 47 3.97 10.87 -21.74
N ASN C 48 4.05 11.15 -23.03
CA ASN C 48 5.09 10.57 -23.89
C ASN C 48 5.11 9.04 -23.79
N ASP C 49 3.92 8.43 -23.82
CA ASP C 49 3.75 7.00 -23.65
C ASP C 49 3.34 6.40 -24.98
N ARG C 50 4.34 6.17 -25.84
CA ARG C 50 4.02 5.78 -27.22
C ARG C 50 3.50 4.36 -27.30
N ALA C 51 3.92 3.48 -26.39
CA ALA C 51 3.42 2.11 -26.42
C ALA C 51 1.94 2.05 -26.07
N ALA C 52 1.54 2.77 -25.03
CA ALA C 52 0.11 2.90 -24.72
C ALA C 52 -0.65 3.50 -25.89
N PHE C 53 -0.09 4.53 -26.51
CA PHE C 53 -0.74 5.20 -27.64
C PHE C 53 -1.01 4.21 -28.78
N ASP C 54 0.03 3.46 -29.19
CA ASP C 54 -0.11 2.47 -30.25
C ASP C 54 -1.14 1.40 -29.90
N ASN C 55 -1.09 0.88 -28.66
CA ASN C 55 -2.04 -0.15 -28.27
C ASN C 55 -3.48 0.38 -28.32
N ILE C 56 -3.71 1.58 -27.81
CA ILE C 56 -5.06 2.12 -27.81
C ILE C 56 -5.53 2.43 -29.23
N LEU C 57 -4.61 2.90 -30.08
CA LEU C 57 -4.99 3.19 -31.46
C LEU C 57 -5.35 1.89 -32.19
N ASP C 58 -4.56 0.85 -31.97
CA ASP C 58 -4.86 -0.46 -32.54
C ASP C 58 -6.27 -0.89 -32.17
N TRP C 59 -6.58 -0.87 -30.87
CA TRP C 59 -7.90 -1.36 -30.45
C TRP C 59 -9.00 -0.51 -31.06
N THR C 60 -8.82 0.83 -31.09
CA THR C 60 -9.80 1.72 -31.68
C THR C 60 -10.07 1.38 -33.14
N GLN C 61 -9.01 1.24 -33.93
CA GLN C 61 -9.18 0.96 -35.36
C GLN C 61 -9.86 -0.38 -35.60
N ASN C 62 -9.47 -1.41 -34.84
CA ASN C 62 -10.02 -2.75 -35.09
C ASN C 62 -11.44 -2.91 -34.58
N ASN C 63 -11.82 -2.25 -33.49
CA ASN C 63 -13.08 -2.53 -32.83
C ASN C 63 -14.13 -1.45 -32.98
N LEU C 64 -13.74 -0.19 -33.24
CA LEU C 64 -14.68 0.89 -33.46
C LEU C 64 -14.77 1.36 -34.91
N ALA C 65 -13.75 1.06 -35.73
CA ALA C 65 -13.69 1.58 -37.10
C ALA C 65 -13.55 0.45 -38.13
N GLN C 66 -13.94 -0.77 -37.75
CA GLN C 66 -13.87 -1.96 -38.61
C GLN C 66 -12.53 -2.07 -39.32
N GLY C 67 -11.46 -1.69 -38.64
CA GLY C 67 -10.11 -1.88 -39.13
C GLY C 67 -9.38 -0.63 -39.57
N SER C 68 -10.07 0.51 -39.74
CA SER C 68 -9.37 1.70 -40.22
C SER C 68 -10.19 2.94 -39.93
N LEU C 69 -9.60 3.88 -39.18
CA LEU C 69 -10.16 5.22 -39.01
C LEU C 69 -10.06 6.05 -40.29
N LYS C 70 -9.32 5.57 -41.30
CA LYS C 70 -9.31 6.24 -42.59
C LYS C 70 -10.59 5.98 -43.37
N GLU C 71 -11.29 4.89 -43.06
CA GLU C 71 -12.45 4.47 -43.83
C GLU C 71 -13.79 4.87 -43.22
N ARG C 72 -13.79 5.22 -41.94
CA ARG C 72 -15.09 5.51 -41.29
C ARG C 72 -14.86 6.13 -39.92
N LEU C 73 -15.78 7.00 -39.52
CA LEU C 73 -15.69 7.55 -38.18
C LEU C 73 -15.95 6.43 -37.17
N PRO C 74 -15.29 6.47 -36.02
CA PRO C 74 -15.45 5.38 -35.05
C PRO C 74 -16.86 5.34 -34.50
N ALA C 75 -17.39 4.13 -34.34
CA ALA C 75 -18.59 3.93 -33.53
C ALA C 75 -18.32 4.41 -32.11
N TRP C 76 -19.34 5.02 -31.49
CA TRP C 76 -19.13 5.68 -30.20
C TRP C 76 -19.33 4.78 -28.99
N LEU C 77 -19.93 3.59 -29.17
CA LEU C 77 -20.33 2.76 -28.02
C LEU C 77 -20.11 1.29 -28.33
N TRP C 78 -19.31 0.64 -27.47
CA TRP C 78 -18.84 -0.74 -27.60
C TRP C 78 -18.94 -1.43 -26.26
N GLY C 79 -19.48 -2.63 -26.22
CA GLY C 79 -19.64 -3.28 -24.94
C GLY C 79 -20.26 -4.65 -25.05
N LYS C 80 -20.69 -5.17 -23.90
CA LYS C 80 -21.21 -6.52 -23.82
C LYS C 80 -22.68 -6.57 -24.23
N LYS C 81 -23.03 -7.45 -25.16
CA LYS C 81 -24.42 -7.72 -25.50
C LYS C 81 -24.99 -8.85 -24.65
N GLU C 82 -26.31 -8.99 -24.70
CA GLU C 82 -27.01 -9.96 -23.87
C GLU C 82 -26.59 -11.39 -24.19
N ASN C 83 -26.16 -11.65 -25.43
CA ASN C 83 -25.77 -13.00 -25.82
C ASN C 83 -24.35 -13.37 -25.38
N SER C 84 -23.74 -12.58 -24.49
CA SER C 84 -22.38 -12.74 -23.95
C SER C 84 -21.28 -12.31 -24.92
N LYS C 85 -21.68 -11.75 -26.07
CA LYS C 85 -20.70 -11.30 -27.08
C LYS C 85 -20.34 -9.82 -26.88
N TRP C 86 -19.10 -9.43 -27.16
CA TRP C 86 -18.62 -8.07 -26.95
C TRP C 86 -18.38 -7.44 -28.30
N GLU C 87 -19.19 -6.45 -28.69
CA GLU C 87 -19.01 -5.79 -30.00
C GLU C 87 -19.62 -4.38 -29.96
N VAL C 88 -19.70 -3.75 -31.13
CA VAL C 88 -20.22 -2.39 -31.23
C VAL C 88 -21.67 -2.38 -30.78
N LEU C 89 -22.02 -1.42 -29.94
CA LEU C 89 -23.40 -1.28 -29.50
C LEU C 89 -24.14 -0.16 -30.21
N ASP C 90 -23.41 0.85 -30.70
CA ASP C 90 -24.01 1.92 -31.49
C ASP C 90 -23.00 2.42 -32.49
N SER C 91 -23.30 2.28 -33.78
CA SER C 91 -22.35 2.65 -34.82
C SER C 91 -22.37 4.14 -35.16
N ASN C 92 -23.32 4.90 -34.63
CA ASN C 92 -23.27 6.35 -34.76
C ASN C 92 -21.97 6.88 -34.14
N SER C 93 -21.59 8.10 -34.50
CA SER C 93 -20.37 8.70 -33.98
C SER C 93 -20.70 9.69 -32.87
N ALA C 94 -19.68 10.00 -32.06
CA ALA C 94 -19.73 11.11 -31.10
C ALA C 94 -18.58 12.03 -31.46
N SER C 95 -18.89 13.26 -31.90
CA SER C 95 -17.84 14.05 -32.53
C SER C 95 -16.82 14.59 -31.53
N ASP C 96 -17.11 14.63 -30.23
CA ASP C 96 -16.05 14.97 -29.28
C ASP C 96 -14.94 13.93 -29.28
N GLY C 97 -15.31 12.65 -29.22
CA GLY C 97 -14.32 11.60 -29.41
C GLY C 97 -13.60 11.73 -30.74
N ASP C 98 -14.35 12.05 -31.80
CA ASP C 98 -13.75 12.11 -33.12
C ASP C 98 -12.67 13.19 -33.21
N VAL C 99 -12.99 14.41 -32.73
CA VAL C 99 -12.03 15.49 -32.83
C VAL C 99 -10.85 15.29 -31.88
N TRP C 100 -11.08 14.75 -30.68
CA TRP C 100 -9.93 14.50 -29.80
C TRP C 100 -9.02 13.43 -30.39
N MET C 101 -9.60 12.39 -30.96
CA MET C 101 -8.82 11.42 -31.73
C MET C 101 -8.02 12.09 -32.83
N ALA C 102 -8.67 12.91 -33.66
CA ALA C 102 -7.99 13.51 -34.80
C ALA C 102 -6.81 14.39 -34.35
N TRP C 103 -7.06 15.24 -33.35
CA TRP C 103 -6.00 16.11 -32.82
C TRP C 103 -4.86 15.29 -32.23
N SER C 104 -5.18 14.29 -31.41
CA SER C 104 -4.12 13.47 -30.82
C SER C 104 -3.28 12.80 -31.91
N LEU C 105 -3.93 12.27 -32.95
CA LEU C 105 -3.18 11.60 -34.07
C LEU C 105 -2.28 12.62 -34.79
N LEU C 106 -2.80 13.82 -35.08
CA LEU C 106 -1.99 14.82 -35.79
C LEU C 106 -0.79 15.26 -34.94
N GLU C 107 -1.02 15.51 -33.65
CA GLU C 107 0.07 15.99 -32.81
C GLU C 107 1.07 14.89 -32.51
N ALA C 108 0.62 13.64 -32.44
CA ALA C 108 1.55 12.52 -32.32
C ALA C 108 2.39 12.37 -33.57
N GLY C 109 1.77 12.49 -34.75
CA GLY C 109 2.56 12.46 -35.97
C GLY C 109 3.64 13.53 -35.97
N ARG C 110 3.28 14.74 -35.54
CA ARG C 110 4.24 15.85 -35.55
C ARG C 110 5.35 15.64 -34.51
N LEU C 111 4.98 15.36 -33.26
CA LEU C 111 5.95 15.32 -32.17
C LEU C 111 6.79 14.05 -32.19
N TRP C 112 6.20 12.91 -32.54
CA TRP C 112 6.96 11.67 -32.64
C TRP C 112 7.49 11.42 -34.05
N LYS C 113 7.33 12.39 -34.96
CA LYS C 113 7.87 12.33 -36.32
C LYS C 113 7.50 11.01 -37.01
N GLU C 114 6.21 10.68 -36.95
CA GLU C 114 5.70 9.43 -37.52
C GLU C 114 4.61 9.75 -38.53
N GLN C 115 4.89 9.48 -39.80
CA GLN C 115 3.97 9.87 -40.87
C GLN C 115 2.65 9.10 -40.78
N ARG C 116 2.67 7.87 -40.25
CA ARG C 116 1.44 7.07 -40.18
C ARG C 116 0.38 7.79 -39.35
N TYR C 117 0.79 8.35 -38.21
CA TYR C 117 -0.17 9.05 -37.35
C TYR C 117 -0.75 10.24 -38.07
N THR C 118 0.09 10.98 -38.80
CA THR C 118 -0.40 12.13 -39.54
C THR C 118 -1.39 11.72 -40.62
N ASP C 119 -1.11 10.61 -41.30
CA ASP C 119 -2.00 10.16 -42.37
C ASP C 119 -3.37 9.78 -41.81
N ILE C 120 -3.37 9.00 -40.72
CA ILE C 120 -4.63 8.59 -40.12
C ILE C 120 -5.38 9.80 -39.57
N GLY C 121 -4.67 10.71 -38.90
CA GLY C 121 -5.32 11.87 -38.33
C GLY C 121 -5.91 12.78 -39.38
N SER C 122 -5.20 13.01 -40.50
CA SER C 122 -5.74 13.82 -41.59
C SER C 122 -6.95 13.16 -42.24
N ALA C 123 -6.90 11.85 -42.47
CA ALA C 123 -8.06 11.17 -43.06
C ALA C 123 -9.27 11.24 -42.14
N LEU C 124 -9.04 11.07 -40.83
CA LEU C 124 -10.08 11.23 -39.82
C LEU C 124 -10.66 12.63 -39.82
N LEU C 125 -9.80 13.66 -39.83
CA LEU C 125 -10.30 15.04 -39.77
C LEU C 125 -11.10 15.36 -41.03
N LYS C 126 -10.58 14.96 -42.20
CA LYS C 126 -11.32 15.20 -43.44
C LYS C 126 -12.70 14.56 -43.37
N ARG C 127 -12.78 13.33 -42.85
CA ARG C 127 -14.09 12.67 -42.76
C ARG C 127 -14.99 13.36 -41.74
N ILE C 128 -14.43 13.89 -40.65
CA ILE C 128 -15.25 14.65 -39.72
C ILE C 128 -15.85 15.85 -40.44
N ALA C 129 -15.01 16.57 -41.20
CA ALA C 129 -15.48 17.74 -41.94
C ALA C 129 -16.55 17.37 -42.96
N ARG C 130 -16.50 16.15 -43.49
CA ARG C 130 -17.43 15.78 -44.58
C ARG C 130 -18.67 15.01 -44.07
N GLU C 131 -18.70 14.56 -42.83
CA GLU C 131 -19.83 13.75 -42.41
C GLU C 131 -20.57 14.27 -41.18
N GLU C 132 -19.98 15.22 -40.45
CA GLU C 132 -20.60 15.71 -39.19
C GLU C 132 -20.65 17.25 -39.14
N VAL C 133 -20.05 17.94 -40.12
CA VAL C 133 -20.07 19.39 -40.15
C VAL C 133 -21.05 19.80 -41.24
N VAL C 134 -21.93 20.76 -40.92
CA VAL C 134 -22.98 21.17 -41.84
C VAL C 134 -23.15 22.68 -41.78
N THR C 135 -23.70 23.25 -42.86
CA THR C 135 -23.88 24.69 -42.94
C THR C 135 -25.29 25.04 -42.42
N VAL C 136 -25.35 25.83 -41.35
CA VAL C 136 -26.59 26.15 -40.67
C VAL C 136 -26.98 27.59 -41.03
N PRO C 137 -28.16 27.79 -41.63
CA PRO C 137 -28.61 29.15 -41.97
C PRO C 137 -28.67 30.04 -40.73
N GLY C 138 -27.86 31.09 -40.74
CA GLY C 138 -27.75 32.02 -39.63
C GLY C 138 -26.44 31.93 -38.89
N LEU C 139 -25.70 30.83 -39.07
CA LEU C 139 -24.44 30.61 -38.38
C LEU C 139 -23.29 30.39 -39.33
N GLY C 140 -23.46 29.51 -40.31
CA GLY C 140 -22.36 28.99 -41.09
C GLY C 140 -22.07 27.54 -40.73
N SER C 141 -20.83 27.12 -41.04
CA SER C 141 -20.39 25.78 -40.69
C SER C 141 -20.50 25.53 -39.19
N MET C 142 -21.02 24.36 -38.82
CA MET C 142 -21.24 23.99 -37.44
C MET C 142 -20.88 22.51 -37.28
N LEU C 143 -20.23 22.19 -36.16
CA LEU C 143 -19.90 20.81 -35.83
C LEU C 143 -21.10 20.15 -35.15
N LEU C 144 -21.62 19.06 -35.78
CA LEU C 144 -22.70 18.31 -35.16
C LEU C 144 -22.16 17.36 -34.09
N PRO C 145 -22.97 17.05 -33.08
CA PRO C 145 -22.56 16.05 -32.08
C PRO C 145 -22.34 14.65 -32.65
N GLY C 146 -22.89 14.35 -33.83
CA GLY C 146 -22.82 13.00 -34.34
C GLY C 146 -23.20 12.96 -35.81
N LYS C 147 -22.74 11.91 -36.48
CA LYS C 147 -22.99 11.75 -37.91
C LYS C 147 -24.48 11.73 -38.22
N VAL C 148 -25.30 11.16 -37.33
CA VAL C 148 -26.75 11.11 -37.52
C VAL C 148 -27.45 11.45 -36.20
N GLY C 149 -28.65 12.02 -36.32
CA GLY C 149 -29.57 12.16 -35.20
C GLY C 149 -29.65 13.55 -34.60
N PHE C 150 -28.82 14.49 -35.06
CA PHE C 150 -28.79 15.83 -34.48
C PHE C 150 -29.16 16.91 -35.48
N ALA C 151 -29.70 16.54 -36.64
CA ALA C 151 -30.05 17.52 -37.66
C ALA C 151 -31.40 17.16 -38.24
N GLU C 152 -32.35 18.08 -38.10
CA GLU C 152 -33.67 17.89 -38.75
C GLU C 152 -33.69 18.88 -39.91
N ASP C 153 -34.85 19.10 -40.52
CA ASP C 153 -35.00 20.02 -41.64
C ASP C 153 -34.72 21.46 -41.22
N ASN C 154 -35.30 21.89 -40.10
CA ASN C 154 -35.23 23.29 -39.69
C ASN C 154 -34.62 23.51 -38.32
N SER C 155 -34.12 22.47 -37.65
CA SER C 155 -33.47 22.63 -36.36
C SER C 155 -32.23 21.74 -36.28
N TRP C 156 -31.46 22.03 -35.27
CA TRP C 156 -30.21 21.29 -35.10
C TRP C 156 -29.97 21.28 -33.62
N ARG C 157 -29.19 20.34 -33.13
CA ARG C 157 -28.87 20.26 -31.72
C ARG C 157 -27.35 20.20 -31.56
N PHE C 158 -26.79 21.03 -30.68
CA PHE C 158 -25.35 21.13 -30.51
C PHE C 158 -24.95 20.85 -29.07
N ASN C 159 -23.65 20.55 -28.87
CA ASN C 159 -23.10 20.26 -27.51
C ASN C 159 -21.87 21.15 -27.30
N PRO C 160 -21.98 22.29 -26.59
CA PRO C 160 -20.86 23.24 -26.42
C PRO C 160 -19.55 22.60 -25.97
N SER C 161 -19.59 21.52 -25.20
CA SER C 161 -18.40 20.87 -24.66
C SER C 161 -17.56 20.10 -25.70
N TYR C 162 -18.05 19.92 -26.94
CA TYR C 162 -17.41 18.96 -27.83
C TYR C 162 -16.15 19.48 -28.52
N LEU C 163 -16.08 20.79 -28.81
CA LEU C 163 -14.94 21.36 -29.53
C LEU C 163 -14.19 22.36 -28.64
N PRO C 164 -13.14 21.95 -27.93
CA PRO C 164 -12.40 22.92 -27.13
C PRO C 164 -11.78 23.97 -28.03
N PRO C 165 -11.78 25.23 -27.60
CA PRO C 165 -11.20 26.29 -28.45
C PRO C 165 -9.76 26.06 -28.87
N THR C 166 -8.93 25.39 -28.07
CA THR C 166 -7.55 25.16 -28.50
C THR C 166 -7.51 24.18 -29.67
N LEU C 167 -8.39 23.18 -29.66
CA LEU C 167 -8.46 22.26 -30.80
C LEU C 167 -8.95 22.95 -32.06
N ALA C 168 -10.00 23.78 -31.94
CA ALA C 168 -10.48 24.51 -33.10
C ALA C 168 -9.37 25.38 -33.69
N GLN C 169 -8.63 26.07 -32.81
CA GLN C 169 -7.52 26.90 -33.29
C GLN C 169 -6.49 26.04 -34.01
N TYR C 170 -6.21 24.83 -33.49
CA TYR C 170 -5.26 23.94 -34.14
C TYR C 170 -5.75 23.55 -35.54
N PHE C 171 -7.02 23.17 -35.65
CA PHE C 171 -7.57 22.69 -36.91
C PHE C 171 -7.62 23.75 -37.99
N THR C 172 -7.67 25.05 -37.62
CA THR C 172 -7.74 26.08 -38.66
C THR C 172 -6.63 25.92 -39.70
N ARG C 173 -5.46 25.39 -39.31
CA ARG C 173 -4.36 25.24 -40.25
C ARG C 173 -4.72 24.39 -41.45
N PHE C 174 -5.82 23.63 -41.41
CA PHE C 174 -6.22 22.76 -42.51
C PHE C 174 -7.26 23.40 -43.41
N GLY C 175 -7.52 24.70 -43.22
CA GLY C 175 -8.44 25.41 -44.08
C GLY C 175 -9.89 25.12 -43.73
N ALA C 176 -10.74 25.32 -44.73
CA ALA C 176 -12.17 25.19 -44.52
C ALA C 176 -12.56 23.73 -44.33
N PRO C 177 -13.59 23.47 -43.53
CA PRO C 177 -14.40 24.43 -42.77
C PRO C 177 -13.82 24.84 -41.41
N TRP C 178 -12.62 24.36 -41.05
CA TRP C 178 -12.10 24.59 -39.70
C TRP C 178 -11.85 26.07 -39.42
N THR C 179 -11.47 26.83 -40.46
CA THR C 179 -11.36 28.28 -40.33
C THR C 179 -12.67 28.89 -39.83
N THR C 180 -13.80 28.50 -40.42
CA THR C 180 -15.08 29.03 -39.96
C THR C 180 -15.46 28.46 -38.60
N LEU C 181 -15.23 27.16 -38.39
CA LEU C 181 -15.63 26.53 -37.14
C LEU C 181 -14.96 27.17 -35.94
N ARG C 182 -13.74 27.68 -36.12
CA ARG C 182 -13.07 28.40 -34.99
C ARG C 182 -13.93 29.59 -34.54
N GLU C 183 -14.65 30.23 -35.48
CA GLU C 183 -15.43 31.46 -35.16
C GLU C 183 -16.85 31.10 -34.69
N THR C 184 -17.48 30.13 -35.33
CA THR C 184 -18.82 29.71 -34.96
C THR C 184 -18.83 28.93 -33.64
N ASN C 185 -17.71 28.29 -33.29
CA ASN C 185 -17.62 27.67 -31.97
C ASN C 185 -17.67 28.74 -30.89
N GLN C 186 -16.97 29.85 -31.11
CA GLN C 186 -17.03 30.97 -30.14
C GLN C 186 -18.49 31.43 -30.03
N ARG C 187 -19.17 31.60 -31.16
CA ARG C 187 -20.59 31.97 -31.11
C ARG C 187 -21.40 30.97 -30.29
N LEU C 188 -21.16 29.68 -30.49
CA LEU C 188 -21.92 28.68 -29.74
C LEU C 188 -21.68 28.80 -28.25
N LEU C 189 -20.43 29.04 -27.85
CA LEU C 189 -20.13 29.16 -26.41
C LEU C 189 -20.68 30.46 -25.83
N LEU C 190 -20.48 31.60 -26.51
CA LEU C 190 -20.87 32.88 -25.92
C LEU C 190 -22.36 33.15 -25.95
N GLU C 191 -23.09 32.70 -26.99
CA GLU C 191 -24.46 33.14 -27.18
C GLU C 191 -25.49 32.24 -26.51
N THR C 192 -25.10 31.11 -25.95
CA THR C 192 -26.06 30.18 -25.35
C THR C 192 -25.94 30.10 -23.83
N ALA C 193 -25.29 31.06 -23.21
CA ALA C 193 -25.11 31.10 -21.76
C ALA C 193 -25.65 32.42 -21.22
N PRO C 194 -26.97 32.60 -21.23
CA PRO C 194 -27.52 33.91 -20.82
C PRO C 194 -27.25 34.24 -19.37
N LYS C 195 -27.22 33.23 -18.49
CA LYS C 195 -26.98 33.46 -17.08
C LYS C 195 -25.55 33.10 -16.67
N GLY C 196 -24.64 32.95 -17.64
CA GLY C 196 -23.26 32.64 -17.35
C GLY C 196 -22.94 31.17 -17.24
N PHE C 197 -23.89 30.29 -17.55
CA PHE C 197 -23.68 28.85 -17.48
C PHE C 197 -23.92 28.25 -18.85
N SER C 198 -22.95 27.42 -19.31
CA SER C 198 -23.04 26.76 -20.62
C SER C 198 -23.92 25.51 -20.53
N PRO C 199 -24.74 25.23 -21.55
CA PRO C 199 -25.64 24.08 -21.47
C PRO C 199 -24.99 22.80 -21.97
N ASP C 200 -25.42 21.68 -21.38
CA ASP C 200 -25.04 20.38 -21.91
C ASP C 200 -25.38 20.27 -23.39
N TRP C 201 -26.61 20.64 -23.75
CA TRP C 201 -27.15 20.53 -25.11
C TRP C 201 -27.96 21.79 -25.40
N VAL C 202 -28.00 22.19 -26.67
CA VAL C 202 -28.77 23.41 -26.99
C VAL C 202 -29.22 23.33 -28.44
N ARG C 203 -30.48 23.68 -28.67
CA ARG C 203 -31.04 23.60 -30.02
C ARG C 203 -31.02 24.98 -30.69
N TYR C 204 -30.97 24.94 -32.02
CA TYR C 204 -30.98 26.12 -32.87
C TYR C 204 -31.98 25.87 -33.98
N GLU C 205 -32.93 26.79 -34.12
CA GLU C 205 -34.00 26.65 -35.10
C GLU C 205 -33.85 27.74 -36.15
N LYS C 206 -34.01 27.35 -37.41
CA LYS C 206 -34.00 28.31 -38.50
C LYS C 206 -35.04 29.39 -38.25
N ASP C 207 -34.67 30.63 -38.55
CA ASP C 207 -35.55 31.81 -38.46
C ASP C 207 -35.79 32.26 -37.02
N LYS C 208 -35.58 31.37 -36.05
CA LYS C 208 -35.80 31.70 -34.63
C LYS C 208 -34.52 31.86 -33.83
N GLY C 209 -33.49 31.06 -34.09
CA GLY C 209 -32.24 31.16 -33.35
C GLY C 209 -32.11 30.13 -32.23
N TRP C 210 -31.28 30.48 -31.25
CA TRP C 210 -31.05 29.62 -30.09
C TRP C 210 -32.33 29.43 -29.29
N GLN C 211 -32.53 28.22 -28.77
CA GLN C 211 -33.69 27.88 -27.94
C GLN C 211 -33.24 27.86 -26.49
N LEU C 212 -33.38 29.00 -25.82
CA LEU C 212 -32.85 29.18 -24.47
C LEU C 212 -33.92 29.23 -23.39
N LYS C 213 -35.14 28.82 -23.73
CA LYS C 213 -36.18 28.71 -22.68
C LYS C 213 -35.87 27.44 -21.88
N ALA C 214 -36.19 27.43 -20.58
CA ALA C 214 -35.88 26.31 -19.69
C ALA C 214 -36.35 25.00 -20.31
N GLU C 215 -35.49 23.99 -20.23
CA GLU C 215 -35.71 22.69 -20.86
C GLU C 215 -34.87 21.65 -20.13
N LYS C 216 -35.29 20.39 -20.21
CA LYS C 216 -34.62 19.32 -19.40
C LYS C 216 -33.10 19.28 -19.64
N THR C 217 -32.64 19.36 -20.89
CA THR C 217 -31.22 19.23 -21.17
C THR C 217 -30.53 20.58 -21.38
N LEU C 218 -31.21 21.68 -21.09
CA LEU C 218 -30.59 23.01 -21.11
C LEU C 218 -30.11 23.34 -19.69
N ILE C 219 -29.26 22.46 -19.19
CA ILE C 219 -28.63 22.59 -17.88
C ILE C 219 -27.12 22.43 -18.05
N SER C 220 -26.38 23.03 -17.12
CA SER C 220 -24.93 22.87 -17.04
C SER C 220 -24.66 21.73 -16.06
N SER C 221 -24.34 20.55 -16.56
CA SER C 221 -23.99 19.43 -15.69
C SER C 221 -22.77 18.68 -16.23
N TYR C 222 -22.92 17.37 -16.47
CA TYR C 222 -21.77 16.51 -16.70
C TYR C 222 -21.07 16.79 -18.03
N ASP C 223 -21.80 17.07 -19.11
CA ASP C 223 -21.13 17.49 -20.34
C ASP C 223 -20.51 18.88 -20.20
N ALA C 224 -21.32 19.87 -19.82
CA ALA C 224 -20.92 21.27 -19.90
C ALA C 224 -19.82 21.65 -18.91
N ILE C 225 -19.58 20.86 -17.86
CA ILE C 225 -18.50 21.18 -16.93
C ILE C 225 -17.18 21.28 -17.69
N ARG C 226 -17.03 20.54 -18.79
CA ARG C 226 -15.78 20.58 -19.54
C ARG C 226 -15.56 21.92 -20.24
N VAL C 227 -16.65 22.62 -20.58
CA VAL C 227 -16.53 23.92 -21.29
C VAL C 227 -15.62 24.86 -20.51
N TYR C 228 -15.93 25.05 -19.22
CA TYR C 228 -15.11 25.91 -18.36
C TYR C 228 -13.68 25.45 -18.35
N MET C 229 -13.48 24.13 -18.27
CA MET C 229 -12.13 23.61 -18.21
C MET C 229 -11.38 23.91 -19.51
N TRP C 230 -12.06 23.73 -20.66
CA TRP C 230 -11.38 24.01 -21.93
C TRP C 230 -11.03 25.48 -22.01
N VAL C 231 -11.93 26.34 -21.53
CA VAL C 231 -11.66 27.78 -21.54
C VAL C 231 -10.47 28.08 -20.64
N GLY C 232 -10.37 27.39 -19.50
CA GLY C 232 -9.24 27.57 -18.63
C GLY C 232 -7.93 27.16 -19.26
N MET C 233 -7.97 26.23 -20.23
CA MET C 233 -6.74 25.71 -20.84
C MET C 233 -6.27 26.52 -22.02
N MET C 234 -7.04 27.54 -22.41
CA MET C 234 -6.63 28.42 -23.48
C MET C 234 -5.40 29.19 -23.01
N PRO C 235 -4.46 29.50 -23.91
CA PRO C 235 -3.37 30.39 -23.51
C PRO C 235 -3.90 31.79 -23.25
N ASP C 236 -3.15 32.54 -22.43
CA ASP C 236 -3.56 33.90 -22.14
C ASP C 236 -3.48 34.79 -23.38
N SER C 237 -2.56 34.48 -24.29
CA SER C 237 -2.42 35.21 -25.56
C SER C 237 -3.51 34.89 -26.56
N ASP C 238 -4.49 34.05 -26.20
CA ASP C 238 -5.63 33.80 -27.10
C ASP C 238 -6.66 34.89 -26.87
N PRO C 239 -7.03 35.66 -27.89
CA PRO C 239 -7.97 36.78 -27.69
C PRO C 239 -9.37 36.35 -27.25
N GLN C 240 -9.81 35.13 -27.60
CA GLN C 240 -11.16 34.68 -27.22
C GLN C 240 -11.28 34.41 -25.72
N LYS C 241 -10.15 34.20 -25.03
CA LYS C 241 -10.18 33.66 -23.69
C LYS C 241 -10.81 34.64 -22.72
N ALA C 242 -10.50 35.93 -22.87
CA ALA C 242 -11.05 36.92 -21.96
C ALA C 242 -12.56 36.99 -22.07
N ARG C 243 -13.08 37.12 -23.29
CA ARG C 243 -14.53 37.09 -23.52
C ARG C 243 -15.16 35.87 -22.87
N MET C 244 -14.54 34.70 -23.06
CA MET C 244 -15.17 33.48 -22.56
C MET C 244 -15.15 33.40 -21.04
N LEU C 245 -13.99 33.69 -20.43
CA LEU C 245 -13.94 33.76 -18.98
C LEU C 245 -14.99 34.71 -18.42
N ASN C 246 -15.14 35.89 -19.07
CA ASN C 246 -16.14 36.86 -18.60
C ASN C 246 -17.55 36.31 -18.73
N ARG C 247 -17.84 35.65 -19.84
CA ARG C 247 -19.17 35.09 -20.05
C ARG C 247 -19.52 34.09 -18.95
N PHE C 248 -18.55 33.25 -18.54
CA PHE C 248 -18.81 32.17 -17.59
C PHE C 248 -18.45 32.53 -16.16
N LYS C 249 -18.23 33.83 -15.87
CA LYS C 249 -17.88 34.22 -14.51
C LYS C 249 -18.87 33.75 -13.45
N PRO C 250 -20.19 33.64 -13.68
CA PRO C 250 -21.05 33.14 -12.60
C PRO C 250 -20.70 31.74 -12.14
N MET C 251 -20.16 30.89 -13.01
CA MET C 251 -19.76 29.55 -12.57
C MET C 251 -18.57 29.66 -11.62
N ALA C 252 -17.59 30.50 -11.97
CA ALA C 252 -16.47 30.74 -11.06
C ALA C 252 -16.95 31.32 -9.74
N THR C 253 -17.79 32.35 -9.81
CA THR C 253 -18.29 33.00 -8.61
C THR C 253 -19.02 32.01 -7.71
N PHE C 254 -19.82 31.12 -8.28
CA PHE C 254 -20.49 30.12 -7.45
C PHE C 254 -19.46 29.25 -6.74
N THR C 255 -18.43 28.83 -7.48
CA THR C 255 -17.46 27.92 -6.88
C THR C 255 -16.63 28.61 -5.80
N GLU C 256 -16.28 29.89 -6.00
CA GLU C 256 -15.58 30.64 -4.95
C GLU C 256 -16.46 30.77 -3.72
N LYS C 257 -17.68 31.30 -3.87
CA LYS C 257 -18.55 31.56 -2.69
C LYS C 257 -18.89 30.26 -1.94
N ASN C 258 -19.15 29.16 -2.64
CA ASN C 258 -19.61 27.96 -1.97
C ASN C 258 -18.51 26.98 -1.60
N GLY C 259 -17.37 27.02 -2.28
CA GLY C 259 -16.32 26.03 -2.02
C GLY C 259 -16.43 24.76 -2.83
N TYR C 260 -17.33 24.71 -3.78
CA TYR C 260 -17.53 23.53 -4.61
C TYR C 260 -18.28 23.95 -5.87
N PRO C 261 -18.05 23.27 -6.99
CA PRO C 261 -18.87 23.51 -8.17
C PRO C 261 -20.22 22.83 -8.01
N PRO C 262 -21.26 23.37 -8.62
CA PRO C 262 -22.58 22.76 -8.49
C PRO C 262 -22.74 21.57 -9.43
N GLU C 263 -23.67 20.69 -9.07
CA GLU C 263 -23.91 19.54 -9.93
C GLU C 263 -24.69 19.94 -11.18
N LYS C 264 -25.81 20.65 -10.97
CA LYS C 264 -26.69 21.03 -12.10
C LYS C 264 -27.11 22.50 -12.00
N VAL C 265 -26.95 23.28 -13.08
CA VAL C 265 -27.40 24.67 -13.10
C VAL C 265 -28.37 24.86 -14.25
N ASP C 266 -29.58 25.32 -13.95
CA ASP C 266 -30.54 25.74 -14.97
C ASP C 266 -29.97 26.87 -15.80
N VAL C 267 -29.89 26.68 -17.12
CA VAL C 267 -29.23 27.67 -17.98
C VAL C 267 -30.11 28.89 -18.17
N ALA C 268 -31.43 28.74 -18.11
CA ALA C 268 -32.31 29.88 -18.34
C ALA C 268 -32.46 30.76 -17.10
N THR C 269 -32.31 30.18 -15.90
CA THR C 269 -32.49 30.93 -14.66
C THR C 269 -31.21 31.13 -13.87
N GLY C 270 -30.18 30.30 -14.09
CA GLY C 270 -28.99 30.36 -13.28
C GLY C 270 -29.14 29.73 -11.91
N LYS C 271 -30.29 29.12 -11.65
CA LYS C 271 -30.50 28.42 -10.36
C LYS C 271 -29.64 27.16 -10.34
N ALA C 272 -28.89 26.94 -9.25
CA ALA C 272 -27.99 25.81 -9.17
C ALA C 272 -28.45 24.82 -8.10
N GLN C 273 -28.17 23.55 -8.32
CA GLN C 273 -28.53 22.48 -7.41
C GLN C 273 -27.36 21.55 -7.17
N GLY C 274 -27.30 20.99 -5.97
CA GLY C 274 -26.41 19.89 -5.69
C GLY C 274 -24.93 20.25 -5.65
N LYS C 275 -24.11 19.27 -5.28
CA LYS C 275 -22.64 19.47 -5.24
C LYS C 275 -21.98 18.53 -6.25
N GLY C 276 -21.25 19.07 -7.22
CA GLY C 276 -20.62 18.28 -8.26
C GLY C 276 -19.58 17.33 -7.71
N PRO C 277 -19.38 16.20 -8.38
CA PRO C 277 -18.35 15.24 -7.93
C PRO C 277 -16.93 15.76 -8.06
N VAL C 278 -15.95 14.96 -7.63
CA VAL C 278 -14.57 15.43 -7.56
C VAL C 278 -14.07 15.85 -8.94
N GLY C 279 -14.52 15.16 -9.99
CA GLY C 279 -14.10 15.53 -11.34
C GLY C 279 -14.45 16.96 -11.72
N PHE C 280 -15.58 17.46 -11.21
CA PHE C 280 -15.93 18.85 -11.47
C PHE C 280 -14.96 19.81 -10.79
N SER C 281 -14.55 19.50 -9.56
CA SER C 281 -13.52 20.32 -8.90
C SER C 281 -12.24 20.31 -9.71
N ALA C 282 -11.87 19.14 -10.25
CA ALA C 282 -10.71 19.11 -11.14
C ALA C 282 -10.92 19.99 -12.35
N ALA C 283 -12.13 19.96 -12.93
CA ALA C 283 -12.40 20.78 -14.11
C ALA C 283 -12.27 22.26 -13.79
N MET C 284 -12.54 22.65 -12.54
CA MET C 284 -12.35 24.04 -12.14
C MET C 284 -10.90 24.51 -12.04
N LEU C 285 -9.92 23.62 -11.93
CA LEU C 285 -8.57 24.09 -11.65
C LEU C 285 -7.99 24.97 -12.77
N PRO C 286 -8.11 24.63 -14.07
CA PRO C 286 -7.63 25.58 -15.09
C PRO C 286 -8.52 26.80 -15.23
N PHE C 287 -9.78 26.69 -14.83
CA PHE C 287 -10.79 27.72 -15.07
C PHE C 287 -10.72 28.84 -14.04
N LEU C 288 -10.64 28.50 -12.75
CA LEU C 288 -10.64 29.53 -11.71
C LEU C 288 -9.36 30.35 -11.78
N GLN C 289 -9.51 31.68 -11.66
CA GLN C 289 -8.37 32.59 -11.64
C GLN C 289 -7.94 32.98 -10.23
N ASN C 290 -8.85 32.96 -9.27
CA ASN C 290 -8.49 33.34 -7.90
C ASN C 290 -7.64 32.25 -7.25
N ARG C 291 -6.52 32.65 -6.65
CA ARG C 291 -5.58 31.70 -6.04
C ARG C 291 -6.23 30.88 -4.93
N ASP C 292 -6.97 31.56 -4.05
CA ASP C 292 -7.53 30.84 -2.91
C ASP C 292 -8.60 29.85 -3.37
N ALA C 293 -9.52 30.29 -4.24
CA ALA C 293 -10.56 29.39 -4.71
C ALA C 293 -9.94 28.19 -5.44
N GLN C 294 -8.86 28.45 -6.18
CA GLN C 294 -8.13 27.38 -6.88
C GLN C 294 -7.52 26.39 -5.91
N ALA C 295 -7.05 26.89 -4.78
CA ALA C 295 -6.46 26.03 -3.76
C ALA C 295 -7.51 25.21 -3.03
N VAL C 296 -8.70 25.78 -2.81
CA VAL C 296 -9.80 25.01 -2.22
C VAL C 296 -10.15 23.82 -3.11
N GLN C 297 -10.32 24.07 -4.41
CA GLN C 297 -10.63 22.97 -5.31
C GLN C 297 -9.50 21.95 -5.38
N ARG C 298 -8.24 22.43 -5.34
CA ARG C 298 -7.07 21.55 -5.33
C ARG C 298 -7.10 20.60 -4.13
N GLN C 299 -7.42 21.14 -2.96
CA GLN C 299 -7.52 20.33 -1.75
C GLN C 299 -8.59 19.26 -1.92
N ARG C 300 -9.75 19.66 -2.48
CA ARG C 300 -10.83 18.69 -2.66
C ARG C 300 -10.43 17.57 -3.63
N VAL C 301 -9.70 17.91 -4.70
CA VAL C 301 -9.26 16.86 -5.62
C VAL C 301 -8.25 15.94 -4.95
N ALA C 302 -7.35 16.51 -4.13
CA ALA C 302 -6.31 15.70 -3.49
C ALA C 302 -6.88 14.74 -2.44
N ASP C 303 -7.86 15.20 -1.65
CA ASP C 303 -8.41 14.39 -0.56
C ASP C 303 -9.48 13.41 -1.00
N ASN C 304 -10.00 13.54 -2.23
CA ASN C 304 -11.06 12.69 -2.75
C ASN C 304 -10.69 12.17 -4.13
N PHE C 305 -9.42 11.82 -4.31
CA PHE C 305 -8.93 11.43 -5.63
C PHE C 305 -9.68 10.19 -6.12
N PRO C 306 -10.06 10.13 -7.38
CA PRO C 306 -10.94 9.02 -7.83
C PRO C 306 -10.22 7.68 -7.79
N GLY C 307 -10.95 6.64 -7.41
CA GLY C 307 -10.43 5.27 -7.40
C GLY C 307 -10.67 4.54 -8.71
N SER C 308 -10.97 3.25 -8.63
CA SER C 308 -11.08 2.40 -9.82
C SER C 308 -12.52 2.24 -10.31
N ASP C 309 -13.48 2.92 -9.67
CA ASP C 309 -14.90 2.79 -9.94
C ASP C 309 -15.52 4.05 -10.51
N ALA C 310 -14.72 4.93 -11.13
CA ALA C 310 -15.18 6.28 -11.45
C ALA C 310 -14.44 6.77 -12.69
N TYR C 311 -14.79 6.21 -13.85
CA TYR C 311 -14.16 6.60 -15.11
C TYR C 311 -14.24 8.12 -15.32
N TYR C 312 -15.43 8.71 -15.19
CA TYR C 312 -15.58 10.10 -15.63
C TYR C 312 -14.85 11.06 -14.69
N ASN C 313 -14.98 10.86 -13.37
CA ASN C 313 -14.19 11.64 -12.43
C ASN C 313 -12.70 11.49 -12.73
N TYR C 314 -12.27 10.30 -13.12
CA TYR C 314 -10.84 10.11 -13.37
C TYR C 314 -10.39 10.84 -14.64
N VAL C 315 -11.15 10.77 -15.73
CA VAL C 315 -10.66 11.44 -16.93
C VAL C 315 -10.73 12.96 -16.75
N LEU C 316 -11.76 13.44 -16.03
CA LEU C 316 -11.79 14.87 -15.72
C LEU C 316 -10.62 15.26 -14.81
N THR C 317 -10.16 14.35 -13.95
CA THR C 317 -9.01 14.66 -13.10
C THR C 317 -7.72 14.62 -13.89
N LEU C 318 -7.56 13.64 -14.78
CA LEU C 318 -6.46 13.66 -15.74
C LEU C 318 -6.37 15.01 -16.44
N PHE C 319 -7.48 15.48 -17.04
CA PHE C 319 -7.43 16.79 -17.71
C PHE C 319 -7.14 17.92 -16.72
N GLY C 320 -7.96 18.07 -15.68
CA GLY C 320 -7.91 19.26 -14.85
C GLY C 320 -6.72 19.29 -13.90
N GLN C 321 -6.52 18.23 -13.13
CA GLN C 321 -5.36 18.19 -12.26
C GLN C 321 -4.08 18.07 -13.09
N GLY C 322 -4.11 17.36 -14.24
CA GLY C 322 -2.93 17.33 -15.09
C GLY C 322 -2.52 18.72 -15.52
N TRP C 323 -3.40 19.57 -16.02
CA TRP C 323 -2.95 20.95 -16.34
C TRP C 323 -2.53 21.66 -15.04
N ASP C 324 -3.31 21.67 -13.96
CA ASP C 324 -2.80 22.19 -12.67
C ASP C 324 -1.35 21.77 -12.42
N GLN C 325 -0.94 20.57 -12.82
CA GLN C 325 0.45 20.20 -12.46
C GLN C 325 1.38 20.34 -13.68
N HIS C 326 0.94 21.04 -14.72
CA HIS C 326 1.80 21.29 -15.88
C HIS C 326 2.12 19.99 -16.62
N ARG C 327 1.13 19.11 -16.75
CA ARG C 327 1.36 17.87 -17.47
C ARG C 327 1.35 18.07 -18.97
N PHE C 328 0.76 19.17 -19.44
CA PHE C 328 0.64 19.58 -20.84
C PHE C 328 0.23 21.05 -20.90
N ARG C 329 0.58 21.69 -22.02
CA ARG C 329 0.21 23.09 -22.27
C ARG C 329 -0.19 23.22 -23.74
N PHE C 330 -1.09 24.16 -24.08
CA PHE C 330 -1.48 24.36 -25.47
C PHE C 330 -0.83 25.65 -25.96
N SER C 331 -0.21 25.62 -27.15
CA SER C 331 0.39 26.84 -27.67
C SER C 331 -0.70 27.81 -28.09
N THR C 332 -0.28 28.99 -28.55
CA THR C 332 -1.26 29.94 -29.06
C THR C 332 -1.94 29.45 -30.34
N LYS C 333 -1.32 28.52 -31.06
CA LYS C 333 -1.93 27.91 -32.25
C LYS C 333 -2.61 26.58 -31.95
N GLY C 334 -2.74 26.21 -30.67
CA GLY C 334 -3.44 25.00 -30.29
C GLY C 334 -2.62 23.73 -30.35
N GLU C 335 -1.31 23.86 -30.52
CA GLU C 335 -0.42 22.71 -30.53
C GLU C 335 -0.13 22.26 -29.10
N LEU C 336 0.19 20.98 -28.96
CA LEU C 336 0.64 20.49 -27.66
C LEU C 336 2.04 21.02 -27.38
N LEU C 337 2.18 21.75 -26.27
CA LEU C 337 3.48 22.03 -25.67
C LEU C 337 3.71 20.95 -24.63
N PRO C 338 4.51 19.94 -24.94
CA PRO C 338 4.60 18.78 -24.06
C PRO C 338 5.54 19.07 -22.91
N ASP C 339 5.27 18.39 -21.80
CA ASP C 339 6.18 18.39 -20.67
C ASP C 339 6.74 16.97 -20.58
N TRP C 340 7.82 16.73 -21.31
CA TRP C 340 8.42 15.42 -21.37
C TRP C 340 9.78 15.43 -20.67
N CYS D 3 -15.06 -14.36 3.65
CA CYS D 3 -15.84 -14.94 2.57
C CYS D 3 -15.32 -14.55 1.17
N THR D 4 -14.09 -14.01 1.13
CA THR D 4 -13.29 -13.96 -0.09
C THR D 4 -12.01 -14.78 0.13
N TRP D 5 -11.42 -15.24 -0.98
CA TRP D 5 -10.11 -15.88 -0.98
C TRP D 5 -9.10 -14.82 -1.42
N PRO D 6 -8.34 -14.21 -0.50
CA PRO D 6 -7.56 -13.02 -0.89
C PRO D 6 -6.58 -13.27 -2.02
N ALA D 7 -5.87 -14.41 -2.03
CA ALA D 7 -4.94 -14.66 -3.14
C ALA D 7 -5.68 -14.72 -4.47
N TRP D 8 -6.89 -15.27 -4.48
CA TRP D 8 -7.66 -15.35 -5.71
C TRP D 8 -8.18 -13.98 -6.11
N GLU D 9 -8.57 -13.18 -5.12
CA GLU D 9 -9.06 -11.80 -5.41
C GLU D 9 -7.92 -11.03 -6.11
N GLN D 10 -6.68 -11.15 -5.60
CA GLN D 10 -5.56 -10.46 -6.22
C GLN D 10 -5.25 -11.03 -7.60
N PHE D 11 -5.35 -12.36 -7.76
CA PHE D 11 -5.11 -12.95 -9.07
C PHE D 11 -6.10 -12.43 -10.11
N LYS D 12 -7.39 -12.34 -9.74
CA LYS D 12 -8.37 -11.70 -10.63
C LYS D 12 -7.95 -10.28 -11.00
N LYS D 13 -7.56 -9.47 -10.01
CA LYS D 13 -7.22 -8.04 -10.28
C LYS D 13 -6.00 -7.91 -11.19
N ASP D 14 -4.99 -8.78 -11.06
CA ASP D 14 -3.76 -8.63 -11.84
C ASP D 14 -3.70 -9.47 -13.12
N TYR D 15 -4.49 -10.52 -13.24
CA TYR D 15 -4.35 -11.47 -14.35
C TYR D 15 -5.61 -11.72 -15.16
N ILE D 16 -6.81 -11.36 -14.70
CA ILE D 16 -8.03 -11.69 -15.43
C ILE D 16 -8.69 -10.43 -15.95
N SER D 17 -8.93 -10.41 -17.26
CA SER D 17 -9.49 -9.24 -17.90
C SER D 17 -10.95 -9.05 -17.49
N GLN D 18 -11.48 -7.87 -17.79
CA GLN D 18 -12.91 -7.62 -17.51
C GLN D 18 -13.77 -8.67 -18.24
N GLU D 19 -13.36 -9.07 -19.46
CA GLU D 19 -14.19 -10.01 -20.26
C GLU D 19 -14.13 -11.41 -19.67
N GLY D 20 -13.10 -11.69 -18.86
CA GLY D 20 -12.94 -13.00 -18.29
C GLY D 20 -11.84 -13.87 -18.88
N ARG D 21 -10.82 -13.29 -19.48
CA ARG D 21 -9.69 -14.08 -19.96
C ARG D 21 -8.51 -13.96 -19.01
N VAL D 22 -7.89 -15.11 -18.73
CA VAL D 22 -6.72 -15.22 -17.87
C VAL D 22 -5.49 -14.96 -18.73
N ILE D 23 -4.70 -13.97 -18.35
CA ILE D 23 -3.63 -13.45 -19.21
C ILE D 23 -2.27 -13.79 -18.63
N ASP D 24 -1.41 -14.41 -19.45
CA ASP D 24 0.01 -14.64 -19.06
C ASP D 24 0.77 -13.41 -19.57
N PRO D 25 1.26 -12.50 -18.71
CA PRO D 25 1.86 -11.24 -19.17
C PRO D 25 3.29 -11.37 -19.64
N SER D 26 3.94 -12.51 -19.40
CA SER D 26 5.38 -12.64 -19.74
C SER D 26 5.53 -12.73 -21.26
N ASP D 27 4.58 -13.37 -21.92
CA ASP D 27 4.63 -13.58 -23.36
C ASP D 27 4.29 -12.27 -24.06
N ALA D 28 5.09 -11.91 -25.06
CA ALA D 28 4.87 -10.66 -25.79
C ALA D 28 3.51 -10.61 -26.47
N ARG D 29 2.88 -11.76 -26.74
CA ARG D 29 1.54 -11.77 -27.30
C ARG D 29 0.45 -11.81 -26.24
N LYS D 30 0.81 -11.67 -24.96
CA LYS D 30 -0.16 -11.59 -23.86
C LYS D 30 -1.25 -12.66 -24.00
N ILE D 31 -0.80 -13.92 -23.95
CA ILE D 31 -1.61 -15.06 -24.33
C ILE D 31 -2.58 -15.49 -23.23
N THR D 32 -3.66 -16.13 -23.67
CA THR D 32 -4.56 -16.92 -22.82
C THR D 32 -4.46 -18.36 -23.28
N THR D 33 -4.37 -19.27 -22.31
CA THR D 33 -4.37 -20.70 -22.63
C THR D 33 -5.65 -21.35 -22.15
N SER D 34 -5.95 -22.52 -22.73
CA SER D 34 -7.04 -23.31 -22.17
C SER D 34 -6.75 -23.72 -20.72
N GLU D 35 -5.46 -23.93 -20.43
CA GLU D 35 -5.07 -24.26 -19.03
C GLU D 35 -5.44 -23.08 -18.13
N GLY D 36 -5.07 -21.86 -18.52
CA GLY D 36 -5.36 -20.69 -17.70
C GLY D 36 -6.85 -20.54 -17.44
N GLN D 37 -7.67 -20.72 -18.49
CA GLN D 37 -9.10 -20.60 -18.30
C GLN D 37 -9.60 -21.66 -17.32
N SER D 38 -9.08 -22.89 -17.44
CA SER D 38 -9.57 -23.97 -16.58
C SER D 38 -9.17 -23.72 -15.13
N TYR D 39 -7.97 -23.17 -14.91
CA TYR D 39 -7.50 -22.87 -13.56
C TYR D 39 -8.30 -21.71 -12.97
N GLY D 40 -8.67 -20.73 -13.79
CA GLY D 40 -9.56 -19.69 -13.33
C GLY D 40 -10.93 -20.22 -12.94
N MET D 41 -11.46 -21.15 -13.72
CA MET D 41 -12.74 -21.76 -13.39
C MET D 41 -12.64 -22.57 -12.10
N PHE D 42 -11.60 -23.39 -11.97
CA PHE D 42 -11.40 -24.14 -10.73
C PHE D 42 -11.30 -23.18 -9.54
N SER D 43 -10.51 -22.12 -9.66
CA SER D 43 -10.29 -21.26 -8.51
C SER D 43 -11.55 -20.52 -8.13
N ALA D 44 -12.33 -20.08 -9.13
CA ALA D 44 -13.57 -19.38 -8.86
C ALA D 44 -14.57 -20.30 -8.18
N LEU D 45 -14.63 -21.57 -8.60
CA LEU D 45 -15.45 -22.56 -7.90
C LEU D 45 -15.00 -22.75 -6.45
N ALA D 46 -13.70 -22.93 -6.25
CA ALA D 46 -13.19 -23.12 -4.89
C ALA D 46 -13.51 -21.91 -4.02
N ALA D 47 -13.42 -20.73 -4.60
CA ALA D 47 -13.67 -19.48 -3.88
C ALA D 47 -15.14 -19.17 -3.73
N ASN D 48 -16.02 -19.97 -4.33
CA ASN D 48 -17.46 -19.70 -4.36
C ASN D 48 -17.73 -18.35 -5.03
N ASP D 49 -17.00 -18.09 -6.12
CA ASP D 49 -17.07 -16.85 -6.88
C ASP D 49 -17.82 -17.13 -8.17
N ARG D 50 -19.15 -17.20 -8.08
CA ARG D 50 -19.91 -17.61 -9.25
C ARG D 50 -19.87 -16.55 -10.35
N ALA D 51 -19.77 -15.28 -9.99
CA ALA D 51 -19.72 -14.24 -11.02
C ALA D 51 -18.46 -14.37 -11.87
N ALA D 52 -17.32 -14.61 -11.22
CA ALA D 52 -16.09 -14.85 -11.95
C ALA D 52 -16.17 -16.11 -12.79
N PHE D 53 -16.76 -17.16 -12.23
CA PHE D 53 -16.89 -18.44 -12.95
C PHE D 53 -17.66 -18.26 -14.25
N ASP D 54 -18.81 -17.59 -14.17
CA ASP D 54 -19.62 -17.34 -15.37
C ASP D 54 -18.87 -16.48 -16.37
N ASN D 55 -18.16 -15.44 -15.90
CA ASN D 55 -17.46 -14.57 -16.84
C ASN D 55 -16.36 -15.33 -17.57
N ILE D 56 -15.59 -16.13 -16.83
CA ILE D 56 -14.50 -16.89 -17.42
C ILE D 56 -15.07 -17.95 -18.37
N LEU D 57 -16.18 -18.57 -18.00
CA LEU D 57 -16.78 -19.58 -18.87
C LEU D 57 -17.30 -18.96 -20.16
N ASP D 58 -17.93 -17.77 -20.06
CA ASP D 58 -18.37 -17.04 -21.25
C ASP D 58 -17.19 -16.79 -22.18
N TRP D 59 -16.10 -16.24 -21.65
CA TRP D 59 -14.97 -15.92 -22.51
C TRP D 59 -14.45 -17.20 -23.17
N THR D 60 -14.33 -18.26 -22.38
CA THR D 60 -13.81 -19.53 -22.88
C THR D 60 -14.63 -20.04 -24.05
N GLN D 61 -15.95 -20.07 -23.87
CA GLN D 61 -16.81 -20.59 -24.92
C GLN D 61 -16.75 -19.71 -26.17
N ASN D 62 -16.86 -18.39 -26.00
CA ASN D 62 -16.86 -17.52 -27.17
C ASN D 62 -15.54 -17.52 -27.91
N ASN D 63 -14.41 -17.61 -27.22
CA ASN D 63 -13.14 -17.31 -27.85
C ASN D 63 -12.23 -18.50 -28.07
N LEU D 64 -12.38 -19.58 -27.29
CA LEU D 64 -11.63 -20.80 -27.52
C LEU D 64 -12.45 -21.90 -28.18
N ALA D 65 -13.78 -21.82 -28.13
CA ALA D 65 -14.64 -22.88 -28.63
C ALA D 65 -15.65 -22.38 -29.65
N GLN D 66 -15.34 -21.27 -30.33
CA GLN D 66 -16.21 -20.68 -31.35
C GLN D 66 -17.66 -20.64 -30.90
N GLY D 67 -17.89 -20.44 -29.61
CA GLY D 67 -19.23 -20.23 -29.08
C GLY D 67 -19.77 -21.32 -28.18
N SER D 68 -19.16 -22.51 -28.16
CA SER D 68 -19.78 -23.59 -27.40
C SER D 68 -18.77 -24.70 -27.11
N LEU D 69 -18.51 -24.97 -25.83
CA LEU D 69 -17.72 -26.13 -25.42
C LEU D 69 -18.45 -27.44 -25.71
N LYS D 70 -19.75 -27.40 -25.95
CA LYS D 70 -20.47 -28.60 -26.38
C LYS D 70 -20.10 -29.00 -27.81
N GLU D 71 -19.62 -28.05 -28.63
CA GLU D 71 -19.35 -28.36 -30.04
C GLU D 71 -17.91 -28.71 -30.34
N ARG D 72 -16.95 -28.35 -29.49
CA ARG D 72 -15.55 -28.62 -29.78
C ARG D 72 -14.74 -28.42 -28.51
N LEU D 73 -13.58 -29.04 -28.47
CA LEU D 73 -12.66 -28.79 -27.37
C LEU D 73 -12.06 -27.41 -27.54
N PRO D 74 -11.71 -26.73 -26.44
CA PRO D 74 -11.20 -25.36 -26.56
C PRO D 74 -9.84 -25.32 -27.26
N ALA D 75 -9.64 -24.31 -28.09
CA ALA D 75 -8.29 -24.02 -28.56
C ALA D 75 -7.39 -23.75 -27.36
N TRP D 76 -6.14 -24.23 -27.42
CA TRP D 76 -5.28 -24.12 -26.24
C TRP D 76 -4.55 -22.78 -26.15
N LEU D 77 -4.48 -22.02 -27.25
CA LEU D 77 -3.60 -20.86 -27.33
C LEU D 77 -4.25 -19.72 -28.12
N TRP D 78 -4.33 -18.56 -27.47
CA TRP D 78 -5.05 -17.39 -27.93
C TRP D 78 -4.22 -16.16 -27.58
N GLY D 79 -4.10 -15.21 -28.50
CA GLY D 79 -3.33 -14.02 -28.17
C GLY D 79 -3.21 -13.10 -29.36
N LYS D 80 -2.22 -12.21 -29.30
CA LYS D 80 -2.07 -11.16 -30.31
C LYS D 80 -1.25 -11.65 -31.49
N LYS D 81 -1.79 -11.46 -32.70
CA LYS D 81 -1.04 -11.70 -33.92
C LYS D 81 -0.31 -10.45 -34.38
N GLU D 82 0.59 -10.66 -35.35
CA GLU D 82 1.43 -9.57 -35.84
C GLU D 82 0.60 -8.46 -36.47
N ASN D 83 -0.58 -8.79 -37.02
CA ASN D 83 -1.42 -7.79 -37.68
C ASN D 83 -2.23 -6.94 -36.69
N SER D 84 -1.93 -7.05 -35.39
CA SER D 84 -2.52 -6.33 -34.25
C SER D 84 -3.86 -6.91 -33.80
N LYS D 85 -4.52 -7.76 -34.58
CA LYS D 85 -5.79 -8.40 -34.07
C LYS D 85 -5.51 -9.55 -33.08
N TRP D 86 -6.44 -9.88 -32.21
CA TRP D 86 -6.37 -10.84 -31.11
C TRP D 86 -7.28 -12.02 -31.44
N GLU D 87 -6.72 -13.20 -31.57
CA GLU D 87 -7.57 -14.35 -31.88
C GLU D 87 -6.85 -15.65 -31.54
N VAL D 88 -7.45 -16.77 -31.94
CA VAL D 88 -6.83 -18.08 -31.70
C VAL D 88 -5.49 -18.17 -32.41
N LEU D 89 -4.48 -18.61 -31.67
CA LEU D 89 -3.14 -18.79 -32.21
C LEU D 89 -2.86 -20.25 -32.53
N ASP D 90 -3.49 -21.18 -31.83
CA ASP D 90 -3.33 -22.62 -32.14
C ASP D 90 -4.63 -23.32 -31.75
N SER D 91 -5.27 -23.98 -32.72
CA SER D 91 -6.57 -24.59 -32.46
C SER D 91 -6.46 -26.02 -31.93
N ASN D 92 -5.25 -26.58 -31.88
CA ASN D 92 -5.08 -27.84 -31.17
C ASN D 92 -5.47 -27.66 -29.70
N SER D 93 -5.80 -28.77 -29.06
CA SER D 93 -6.21 -28.76 -27.66
C SER D 93 -5.03 -29.12 -26.77
N ALA D 94 -5.21 -28.87 -25.47
CA ALA D 94 -4.32 -29.29 -24.40
C ALA D 94 -5.20 -30.02 -23.40
N SER D 95 -5.00 -31.33 -23.23
CA SER D 95 -5.99 -32.08 -22.47
C SER D 95 -5.98 -31.78 -20.98
N ASP D 96 -4.89 -31.23 -20.41
CA ASP D 96 -4.97 -30.80 -19.00
C ASP D 96 -6.00 -29.68 -18.80
N GLY D 97 -5.99 -28.68 -19.67
CA GLY D 97 -7.04 -27.69 -19.62
C GLY D 97 -8.41 -28.32 -19.82
N ASP D 98 -8.50 -29.26 -20.75
CA ASP D 98 -9.77 -29.88 -21.05
C ASP D 98 -10.35 -30.57 -19.83
N VAL D 99 -9.54 -31.43 -19.16
CA VAL D 99 -10.07 -32.19 -18.03
C VAL D 99 -10.36 -31.28 -16.83
N TRP D 100 -9.55 -30.24 -16.60
CA TRP D 100 -9.88 -29.34 -15.49
C TRP D 100 -11.16 -28.55 -15.76
N MET D 101 -11.38 -28.17 -17.02
CA MET D 101 -12.59 -27.47 -17.38
C MET D 101 -13.81 -28.38 -17.20
N ALA D 102 -13.68 -29.64 -17.65
CA ALA D 102 -14.79 -30.60 -17.49
C ALA D 102 -15.11 -30.84 -16.01
N TRP D 103 -14.09 -31.12 -15.20
CA TRP D 103 -14.32 -31.36 -13.77
C TRP D 103 -14.94 -30.14 -13.12
N SER D 104 -14.41 -28.95 -13.42
CA SER D 104 -14.92 -27.73 -12.78
C SER D 104 -16.38 -27.47 -13.15
N LEU D 105 -16.74 -27.73 -14.42
CA LEU D 105 -18.11 -27.56 -14.85
C LEU D 105 -19.03 -28.59 -14.17
N LEU D 106 -18.58 -29.85 -14.08
CA LEU D 106 -19.41 -30.88 -13.47
C LEU D 106 -19.62 -30.61 -11.98
N GLU D 107 -18.58 -30.14 -11.29
CA GLU D 107 -18.69 -29.87 -9.87
C GLU D 107 -19.41 -28.54 -9.61
N ALA D 108 -19.28 -27.57 -10.53
CA ALA D 108 -20.12 -26.39 -10.43
C ALA D 108 -21.59 -26.74 -10.64
N GLY D 109 -21.89 -27.63 -11.60
CA GLY D 109 -23.27 -28.03 -11.78
C GLY D 109 -23.85 -28.68 -10.55
N ARG D 110 -23.08 -29.57 -9.92
CA ARG D 110 -23.54 -30.29 -8.72
C ARG D 110 -23.66 -29.37 -7.50
N LEU D 111 -22.63 -28.55 -7.25
CA LEU D 111 -22.57 -27.77 -6.02
C LEU D 111 -23.49 -26.55 -6.09
N TRP D 112 -23.60 -25.92 -7.25
CA TRP D 112 -24.47 -24.75 -7.39
C TRP D 112 -25.84 -25.14 -7.96
N LYS D 113 -26.10 -26.44 -8.14
CA LYS D 113 -27.40 -26.97 -8.57
C LYS D 113 -27.86 -26.32 -9.87
N GLU D 114 -26.95 -26.28 -10.84
CA GLU D 114 -27.20 -25.60 -12.12
C GLU D 114 -27.02 -26.55 -13.28
N GLN D 115 -28.13 -26.93 -13.92
CA GLN D 115 -28.09 -27.98 -14.93
C GLN D 115 -27.24 -27.55 -16.14
N ARG D 116 -27.15 -26.25 -16.41
CA ARG D 116 -26.37 -25.80 -17.55
C ARG D 116 -24.91 -26.21 -17.44
N TYR D 117 -24.32 -26.06 -16.24
CA TYR D 117 -22.92 -26.43 -16.10
C TYR D 117 -22.75 -27.93 -16.29
N THR D 118 -23.66 -28.72 -15.71
CA THR D 118 -23.59 -30.16 -15.90
C THR D 118 -23.65 -30.52 -17.37
N ASP D 119 -24.55 -29.88 -18.12
CA ASP D 119 -24.72 -30.24 -19.52
C ASP D 119 -23.44 -29.94 -20.31
N ILE D 120 -22.85 -28.75 -20.07
CA ILE D 120 -21.63 -28.40 -20.79
C ILE D 120 -20.48 -29.31 -20.38
N GLY D 121 -20.34 -29.57 -19.08
CA GLY D 121 -19.25 -30.40 -18.61
C GLY D 121 -19.34 -31.81 -19.14
N SER D 122 -20.56 -32.37 -19.18
CA SER D 122 -20.73 -33.73 -19.70
C SER D 122 -20.39 -33.79 -21.19
N ALA D 123 -20.90 -32.83 -21.97
CA ALA D 123 -20.57 -32.78 -23.39
C ALA D 123 -19.05 -32.67 -23.61
N LEU D 124 -18.39 -31.84 -22.81
CA LEU D 124 -16.95 -31.71 -22.94
C LEU D 124 -16.24 -33.02 -22.61
N LEU D 125 -16.65 -33.69 -21.53
CA LEU D 125 -15.96 -34.92 -21.12
C LEU D 125 -16.14 -36.02 -22.17
N LYS D 126 -17.36 -36.15 -22.70
CA LYS D 126 -17.60 -37.19 -23.75
C LYS D 126 -16.77 -36.85 -25.00
N ARG D 127 -16.57 -35.55 -25.30
CA ARG D 127 -15.72 -35.22 -26.45
C ARG D 127 -14.25 -35.50 -26.17
N ILE D 128 -13.79 -35.23 -24.94
CA ILE D 128 -12.43 -35.61 -24.57
C ILE D 128 -12.21 -37.09 -24.83
N ALA D 129 -13.16 -37.92 -24.42
CA ALA D 129 -13.04 -39.36 -24.63
C ALA D 129 -13.00 -39.70 -26.12
N ARG D 130 -13.84 -39.05 -26.94
CA ARG D 130 -13.88 -39.37 -28.37
C ARG D 130 -12.65 -38.88 -29.13
N GLU D 131 -12.04 -37.77 -28.70
CA GLU D 131 -11.08 -37.09 -29.57
C GLU D 131 -9.64 -37.15 -29.07
N GLU D 132 -9.43 -37.47 -27.79
CA GLU D 132 -8.06 -37.41 -27.24
C GLU D 132 -7.68 -38.71 -26.48
N VAL D 133 -8.63 -39.63 -26.32
CA VAL D 133 -8.34 -40.88 -25.64
C VAL D 133 -8.21 -41.95 -26.70
N VAL D 134 -7.17 -42.77 -26.62
CA VAL D 134 -6.97 -43.85 -27.58
C VAL D 134 -6.50 -45.11 -26.87
N THR D 135 -6.79 -46.25 -27.51
CA THR D 135 -6.37 -47.55 -27.01
C THR D 135 -4.91 -47.81 -27.44
N VAL D 136 -4.02 -48.01 -26.48
CA VAL D 136 -2.61 -48.26 -26.72
C VAL D 136 -2.31 -49.72 -26.41
N PRO D 137 -1.85 -50.50 -27.38
CA PRO D 137 -1.44 -51.89 -27.11
C PRO D 137 -0.44 -51.96 -25.96
N GLY D 138 -0.77 -52.78 -24.96
CA GLY D 138 0.07 -52.91 -23.80
C GLY D 138 -0.37 -52.06 -22.62
N LEU D 139 -1.22 -51.06 -22.86
CA LEU D 139 -1.72 -50.22 -21.78
C LEU D 139 -3.23 -50.26 -21.66
N GLY D 140 -3.92 -50.10 -22.76
CA GLY D 140 -5.34 -49.84 -22.75
C GLY D 140 -5.63 -48.39 -23.08
N SER D 141 -6.80 -47.93 -22.67
CA SER D 141 -7.16 -46.53 -22.90
C SER D 141 -6.15 -45.60 -22.24
N MET D 142 -5.72 -44.57 -22.99
CA MET D 142 -4.75 -43.56 -22.57
C MET D 142 -5.23 -42.17 -22.97
N LEU D 143 -5.00 -41.20 -22.09
CA LEU D 143 -5.29 -39.79 -22.37
C LEU D 143 -4.11 -39.19 -23.12
N LEU D 144 -4.36 -38.70 -24.35
CA LEU D 144 -3.32 -37.99 -25.09
C LEU D 144 -3.22 -36.56 -24.60
N PRO D 145 -2.06 -35.94 -24.72
CA PRO D 145 -1.94 -34.51 -24.29
C PRO D 145 -2.69 -33.53 -25.18
N GLY D 146 -3.14 -33.94 -26.35
CA GLY D 146 -3.88 -33.07 -27.23
C GLY D 146 -4.51 -33.90 -28.31
N LYS D 147 -5.43 -33.26 -29.06
CA LYS D 147 -6.21 -33.91 -30.12
C LYS D 147 -5.35 -34.37 -31.28
N VAL D 148 -4.28 -33.63 -31.56
CA VAL D 148 -3.44 -33.91 -32.72
C VAL D 148 -1.98 -33.87 -32.31
N GLY D 149 -1.19 -34.77 -32.91
CA GLY D 149 0.26 -34.69 -32.83
C GLY D 149 0.93 -35.57 -31.80
N PHE D 150 0.18 -36.26 -30.93
CA PHE D 150 0.78 -37.08 -29.89
C PHE D 150 0.62 -38.57 -30.12
N ALA D 151 0.05 -39.01 -31.25
CA ALA D 151 -0.05 -40.44 -31.50
C ALA D 151 0.40 -40.72 -32.92
N GLU D 152 1.44 -41.55 -33.07
CA GLU D 152 2.01 -41.78 -34.44
C GLU D 152 1.93 -43.26 -34.80
N ASP D 153 2.95 -43.76 -35.51
CA ASP D 153 2.92 -45.19 -35.97
C ASP D 153 2.77 -46.10 -34.74
N ASN D 154 3.71 -46.01 -33.80
CA ASN D 154 3.63 -46.83 -32.55
C ASN D 154 4.27 -46.04 -31.40
N SER D 155 4.48 -44.73 -31.59
CA SER D 155 5.16 -43.90 -30.55
C SER D 155 4.18 -42.87 -29.99
N TRP D 156 3.45 -43.21 -28.92
CA TRP D 156 2.59 -42.22 -28.30
C TRP D 156 3.41 -41.40 -27.33
N ARG D 157 2.99 -40.13 -27.14
CA ARG D 157 3.67 -39.23 -26.18
C ARG D 157 2.62 -38.84 -25.12
N PHE D 158 3.00 -38.88 -23.85
CA PHE D 158 2.08 -38.57 -22.74
C PHE D 158 2.71 -37.58 -21.79
N ASN D 159 1.85 -36.92 -21.00
CA ASN D 159 2.33 -35.91 -19.99
C ASN D 159 1.77 -36.31 -18.62
N PRO D 160 2.58 -36.93 -17.73
CA PRO D 160 2.07 -37.41 -16.42
C PRO D 160 1.35 -36.34 -15.58
N SER D 161 1.73 -35.08 -15.70
CA SER D 161 1.07 -34.02 -14.95
C SER D 161 -0.36 -33.70 -15.41
N TYR D 162 -0.83 -34.23 -16.55
CA TYR D 162 -2.10 -33.76 -17.12
C TYR D 162 -3.34 -34.25 -16.36
N LEU D 163 -3.35 -35.50 -15.89
CA LEU D 163 -4.54 -36.04 -15.25
C LEU D 163 -4.30 -36.26 -13.75
N PRO D 164 -4.73 -35.34 -12.89
CA PRO D 164 -4.54 -35.55 -11.45
C PRO D 164 -5.30 -36.78 -11.00
N PRO D 165 -4.73 -37.62 -10.13
CA PRO D 165 -5.49 -38.82 -9.68
C PRO D 165 -6.87 -38.51 -9.09
N THR D 166 -7.05 -37.38 -8.39
CA THR D 166 -8.39 -37.04 -7.89
C THR D 166 -9.39 -36.82 -9.03
N LEU D 167 -8.96 -36.17 -10.13
CA LEU D 167 -9.88 -36.01 -11.27
C LEU D 167 -10.19 -37.36 -11.92
N ALA D 168 -9.19 -38.22 -12.06
CA ALA D 168 -9.42 -39.52 -12.68
C ALA D 168 -10.42 -40.34 -11.86
N GLN D 169 -10.27 -40.27 -10.54
CA GLN D 169 -11.24 -40.91 -9.65
C GLN D 169 -12.63 -40.35 -9.89
N TYR D 170 -12.72 -39.03 -10.03
CA TYR D 170 -14.06 -38.40 -10.19
C TYR D 170 -14.69 -38.88 -11.48
N PHE D 171 -13.89 -38.98 -12.54
CA PHE D 171 -14.46 -39.30 -13.85
C PHE D 171 -14.92 -40.75 -13.95
N THR D 172 -14.37 -41.66 -13.13
CA THR D 172 -14.83 -43.05 -13.19
C THR D 172 -16.35 -43.20 -13.06
N ARG D 173 -17.04 -42.24 -12.45
CA ARG D 173 -18.51 -42.31 -12.35
C ARG D 173 -19.20 -42.30 -13.70
N PHE D 174 -18.50 -41.95 -14.79
CA PHE D 174 -19.13 -41.87 -16.10
C PHE D 174 -18.87 -43.12 -16.95
N GLY D 175 -18.21 -44.13 -16.39
CA GLY D 175 -18.00 -45.37 -17.12
C GLY D 175 -16.81 -45.30 -18.07
N ALA D 176 -16.84 -46.17 -19.08
CA ALA D 176 -15.75 -46.25 -20.03
C ALA D 176 -15.63 -44.94 -20.82
N PRO D 177 -14.40 -44.48 -21.12
CA PRO D 177 -13.10 -45.10 -20.84
C PRO D 177 -12.51 -44.69 -19.48
N TRP D 178 -13.23 -43.89 -18.69
CA TRP D 178 -12.67 -43.30 -17.47
C TRP D 178 -12.40 -44.36 -16.40
N THR D 179 -13.16 -45.45 -16.39
CA THR D 179 -12.90 -46.54 -15.42
C THR D 179 -11.46 -47.03 -15.57
N THR D 180 -11.16 -47.70 -16.68
CA THR D 180 -9.78 -48.20 -16.93
C THR D 180 -8.80 -47.04 -16.91
N LEU D 181 -9.19 -45.88 -17.43
CA LEU D 181 -8.24 -44.73 -17.50
C LEU D 181 -7.66 -44.51 -16.10
N ARG D 182 -8.51 -44.33 -15.09
CA ARG D 182 -8.06 -44.23 -13.70
C ARG D 182 -6.88 -45.16 -13.44
N GLU D 183 -6.96 -46.38 -13.97
CA GLU D 183 -5.90 -47.40 -13.72
C GLU D 183 -4.65 -47.11 -14.59
N THR D 184 -4.84 -46.81 -15.88
CA THR D 184 -3.68 -46.57 -16.74
C THR D 184 -2.97 -45.28 -16.34
N ASN D 185 -3.69 -44.34 -15.74
CA ASN D 185 -3.06 -43.12 -15.24
C ASN D 185 -2.12 -43.43 -14.08
N GLN D 186 -2.57 -44.30 -13.14
CA GLN D 186 -1.63 -44.85 -12.14
C GLN D 186 -0.43 -45.50 -12.78
N ARG D 187 -0.65 -46.29 -13.84
CA ARG D 187 0.48 -46.94 -14.51
C ARG D 187 1.46 -45.88 -15.02
N LEU D 188 0.93 -44.86 -15.70
CA LEU D 188 1.76 -43.78 -16.25
C LEU D 188 2.58 -43.10 -15.15
N LEU D 189 1.95 -42.82 -14.01
CA LEU D 189 2.69 -42.12 -12.96
C LEU D 189 3.72 -43.03 -12.27
N LEU D 190 3.40 -44.33 -12.10
CA LEU D 190 4.30 -45.17 -11.31
C LEU D 190 5.42 -45.81 -12.12
N GLU D 191 5.24 -45.99 -13.43
CA GLU D 191 6.21 -46.75 -14.22
C GLU D 191 7.18 -45.88 -15.01
N THR D 192 7.07 -44.56 -14.92
CA THR D 192 7.95 -43.67 -15.68
C THR D 192 8.85 -42.84 -14.79
N ALA D 193 8.99 -43.22 -13.51
CA ALA D 193 9.89 -42.52 -12.59
C ALA D 193 10.90 -43.51 -12.01
N PRO D 194 11.83 -44.03 -12.82
CA PRO D 194 12.75 -45.06 -12.33
C PRO D 194 13.69 -44.58 -11.24
N LYS D 195 13.95 -43.27 -11.15
CA LYS D 195 14.81 -42.72 -10.10
C LYS D 195 14.03 -41.90 -9.09
N GLY D 196 12.71 -42.04 -9.06
CA GLY D 196 11.90 -41.30 -8.11
C GLY D 196 11.36 -39.98 -8.60
N PHE D 197 11.61 -39.60 -9.86
CA PHE D 197 11.18 -38.33 -10.40
C PHE D 197 10.33 -38.56 -11.64
N SER D 198 9.21 -37.84 -11.74
CA SER D 198 8.27 -37.95 -12.85
C SER D 198 8.71 -37.05 -14.02
N PRO D 199 8.60 -37.53 -15.25
CA PRO D 199 9.03 -36.71 -16.39
C PRO D 199 7.95 -35.73 -16.83
N ASP D 200 8.39 -34.58 -17.36
CA ASP D 200 7.46 -33.66 -18.03
C ASP D 200 6.69 -34.38 -19.12
N TRP D 201 7.42 -35.13 -19.94
CA TRP D 201 6.92 -35.82 -21.13
C TRP D 201 7.54 -37.20 -21.20
N VAL D 202 6.78 -38.20 -21.67
CA VAL D 202 7.37 -39.54 -21.80
C VAL D 202 6.68 -40.27 -22.94
N ARG D 203 7.47 -40.99 -23.73
CA ARG D 203 6.94 -41.71 -24.90
C ARG D 203 6.78 -43.19 -24.57
N TYR D 204 5.87 -43.83 -25.28
CA TYR D 204 5.63 -45.27 -25.20
C TYR D 204 5.62 -45.81 -26.62
N GLU D 205 6.36 -46.89 -26.85
CA GLU D 205 6.39 -47.56 -28.15
C GLU D 205 5.82 -48.97 -28.01
N LYS D 206 5.03 -49.38 -29.00
CA LYS D 206 4.49 -50.73 -28.99
C LYS D 206 5.65 -51.69 -28.87
N ASP D 207 5.49 -52.71 -27.99
CA ASP D 207 6.51 -53.79 -27.80
C ASP D 207 7.68 -53.30 -26.94
N LYS D 208 8.31 -52.17 -27.31
CA LYS D 208 9.48 -51.67 -26.60
C LYS D 208 9.15 -51.01 -25.28
N GLY D 209 7.93 -50.53 -25.09
CA GLY D 209 7.54 -50.05 -23.77
C GLY D 209 7.90 -48.59 -23.55
N TRP D 210 7.98 -48.21 -22.28
CA TRP D 210 8.32 -46.83 -21.91
C TRP D 210 9.73 -46.44 -22.35
N GLN D 211 9.84 -45.26 -22.93
CA GLN D 211 11.13 -44.79 -23.43
C GLN D 211 11.76 -43.94 -22.33
N LEU D 212 12.60 -44.57 -21.52
CA LEU D 212 13.08 -43.97 -20.28
C LEU D 212 14.58 -43.74 -20.29
N LYS D 213 15.18 -43.77 -21.48
CA LYS D 213 16.60 -43.42 -21.61
C LYS D 213 16.66 -41.88 -21.56
N ALA D 214 17.78 -41.32 -21.13
CA ALA D 214 17.91 -39.87 -20.97
C ALA D 214 17.63 -39.16 -22.29
N GLU D 215 16.94 -38.03 -22.20
CA GLU D 215 16.43 -37.30 -23.35
C GLU D 215 16.09 -35.89 -22.85
N LYS D 216 16.10 -34.91 -23.76
CA LYS D 216 15.92 -33.48 -23.36
C LYS D 216 14.59 -33.26 -22.59
N THR D 217 13.49 -33.91 -23.01
CA THR D 217 12.23 -33.69 -22.31
C THR D 217 11.95 -34.69 -21.20
N LEU D 218 12.82 -35.68 -20.97
CA LEU D 218 12.59 -36.65 -19.92
C LEU D 218 13.22 -36.14 -18.64
N ILE D 219 12.67 -35.02 -18.18
CA ILE D 219 13.15 -34.36 -16.97
C ILE D 219 11.94 -33.98 -16.14
N SER D 220 12.14 -33.87 -14.83
CA SER D 220 11.10 -33.34 -13.97
C SER D 220 11.34 -31.83 -13.85
N SER D 221 10.50 -31.02 -14.48
CA SER D 221 10.66 -29.57 -14.32
C SER D 221 9.30 -28.92 -14.21
N TYR D 222 8.97 -28.00 -15.12
CA TYR D 222 7.82 -27.12 -14.91
C TYR D 222 6.49 -27.85 -15.08
N ASP D 223 6.37 -28.80 -16.02
CA ASP D 223 5.14 -29.58 -16.09
C ASP D 223 5.06 -30.56 -14.90
N ALA D 224 6.13 -31.31 -14.68
CA ALA D 224 6.10 -32.45 -13.74
C ALA D 224 6.00 -32.03 -12.29
N ILE D 225 6.34 -30.78 -11.97
CA ILE D 225 6.26 -30.36 -10.56
C ILE D 225 4.83 -30.55 -10.05
N ARG D 226 3.86 -30.48 -10.96
CA ARG D 226 2.43 -30.61 -10.55
C ARG D 226 2.13 -32.05 -10.10
N VAL D 227 2.81 -33.05 -10.66
CA VAL D 227 2.49 -34.44 -10.33
C VAL D 227 2.57 -34.63 -8.81
N TYR D 228 3.68 -34.14 -8.22
CA TYR D 228 3.87 -34.29 -6.77
C TYR D 228 2.76 -33.59 -6.02
N MET D 229 2.36 -32.42 -6.51
CA MET D 229 1.32 -31.68 -5.84
C MET D 229 -0.01 -32.41 -5.94
N TRP D 230 -0.32 -32.99 -7.14
CA TRP D 230 -1.58 -33.72 -7.26
C TRP D 230 -1.60 -34.91 -6.32
N VAL D 231 -0.46 -35.60 -6.18
CA VAL D 231 -0.39 -36.75 -5.28
C VAL D 231 -0.66 -36.30 -3.86
N GLY D 232 -0.08 -35.15 -3.47
CA GLY D 232 -0.25 -34.67 -2.13
C GLY D 232 -1.71 -34.33 -1.84
N MET D 233 -2.48 -34.02 -2.89
CA MET D 233 -3.86 -33.63 -2.70
C MET D 233 -4.81 -34.83 -2.62
N MET D 234 -4.33 -36.05 -2.80
CA MET D 234 -5.20 -37.20 -2.66
C MET D 234 -5.63 -37.38 -1.21
N PRO D 235 -6.82 -37.89 -0.97
CA PRO D 235 -7.21 -38.25 0.40
C PRO D 235 -6.29 -39.33 0.96
N ASP D 236 -5.97 -39.20 2.25
CA ASP D 236 -5.12 -40.18 2.92
C ASP D 236 -5.69 -41.60 2.82
N SER D 237 -7.03 -41.72 2.71
CA SER D 237 -7.72 -43.00 2.52
C SER D 237 -7.78 -43.45 1.07
N ASP D 238 -7.00 -42.86 0.17
CA ASP D 238 -6.91 -43.37 -1.19
C ASP D 238 -5.76 -44.37 -1.22
N PRO D 239 -5.99 -45.65 -1.55
CA PRO D 239 -4.90 -46.62 -1.53
C PRO D 239 -3.73 -46.20 -2.41
N GLN D 240 -3.99 -45.51 -3.52
CA GLN D 240 -2.95 -45.17 -4.49
C GLN D 240 -1.97 -44.15 -3.93
N LYS D 241 -2.39 -43.39 -2.90
CA LYS D 241 -1.58 -42.27 -2.46
C LYS D 241 -0.27 -42.72 -1.87
N ALA D 242 -0.28 -43.75 -1.01
CA ALA D 242 0.96 -44.19 -0.40
C ALA D 242 1.92 -44.76 -1.43
N ARG D 243 1.40 -45.51 -2.42
CA ARG D 243 2.27 -46.01 -3.49
C ARG D 243 2.94 -44.86 -4.23
N MET D 244 2.18 -43.80 -4.55
CA MET D 244 2.76 -42.69 -5.32
C MET D 244 3.74 -41.89 -4.45
N LEU D 245 3.40 -41.63 -3.18
CA LEU D 245 4.33 -40.92 -2.31
C LEU D 245 5.64 -41.68 -2.20
N ASN D 246 5.56 -43.02 -2.09
CA ASN D 246 6.81 -43.78 -2.01
C ASN D 246 7.59 -43.74 -3.31
N ARG D 247 6.91 -43.87 -4.45
CA ARG D 247 7.60 -43.78 -5.74
C ARG D 247 8.35 -42.46 -5.86
N PHE D 248 7.74 -41.36 -5.39
CA PHE D 248 8.32 -40.03 -5.57
C PHE D 248 9.10 -39.55 -4.34
N LYS D 249 9.39 -40.47 -3.43
CA LYS D 249 10.17 -40.10 -2.21
C LYS D 249 11.38 -39.23 -2.58
N PRO D 250 12.22 -39.57 -3.59
CA PRO D 250 13.45 -38.79 -3.85
C PRO D 250 13.22 -37.31 -4.04
N MET D 251 12.06 -36.90 -4.58
CA MET D 251 11.77 -35.47 -4.70
C MET D 251 11.59 -34.84 -3.31
N ALA D 252 10.87 -35.53 -2.42
CA ALA D 252 10.72 -35.02 -1.05
C ALA D 252 12.07 -34.99 -0.33
N THR D 253 12.89 -36.03 -0.50
CA THR D 253 14.19 -36.06 0.16
C THR D 253 15.07 -34.93 -0.33
N PHE D 254 15.09 -34.68 -1.64
CA PHE D 254 15.89 -33.57 -2.13
C PHE D 254 15.43 -32.29 -1.47
N THR D 255 14.11 -32.03 -1.46
CA THR D 255 13.64 -30.75 -0.97
C THR D 255 13.91 -30.59 0.53
N GLU D 256 13.74 -31.66 1.31
CA GLU D 256 14.07 -31.65 2.74
C GLU D 256 15.55 -31.37 2.98
N LYS D 257 16.41 -32.06 2.24
CA LYS D 257 17.85 -31.94 2.49
C LYS D 257 18.38 -30.55 2.08
N ASN D 258 17.86 -30.00 0.97
CA ASN D 258 18.41 -28.77 0.43
C ASN D 258 17.64 -27.51 0.81
N GLY D 259 16.39 -27.63 1.26
CA GLY D 259 15.58 -26.47 1.58
C GLY D 259 14.81 -25.87 0.43
N TYR D 260 14.82 -26.52 -0.73
CA TYR D 260 14.16 -26.04 -1.93
C TYR D 260 14.01 -27.18 -2.92
N PRO D 261 12.96 -27.19 -3.72
CA PRO D 261 12.85 -28.16 -4.81
C PRO D 261 13.78 -27.78 -5.94
N PRO D 262 14.31 -28.74 -6.69
CA PRO D 262 15.20 -28.42 -7.82
C PRO D 262 14.42 -27.86 -9.00
N GLU D 263 15.15 -27.24 -9.93
CA GLU D 263 14.46 -26.72 -11.12
C GLU D 263 14.25 -27.82 -12.14
N LYS D 264 15.30 -28.63 -12.37
CA LYS D 264 15.24 -29.69 -13.40
C LYS D 264 15.89 -30.98 -12.88
N VAL D 265 15.24 -32.14 -13.02
CA VAL D 265 15.87 -33.39 -12.60
C VAL D 265 15.85 -34.38 -13.76
N ASP D 266 17.01 -34.92 -14.09
CA ASP D 266 17.10 -35.98 -15.11
C ASP D 266 16.34 -37.21 -14.62
N VAL D 267 15.31 -37.60 -15.35
CA VAL D 267 14.47 -38.71 -14.89
C VAL D 267 15.22 -40.04 -14.98
N ALA D 268 16.20 -40.14 -15.87
CA ALA D 268 16.95 -41.38 -16.05
C ALA D 268 18.06 -41.57 -15.02
N THR D 269 18.69 -40.49 -14.57
CA THR D 269 19.81 -40.61 -13.64
C THR D 269 19.48 -40.12 -12.24
N GLY D 270 18.46 -39.27 -12.10
CA GLY D 270 18.18 -38.65 -10.83
C GLY D 270 19.03 -37.42 -10.53
N LYS D 271 19.84 -36.99 -11.49
CA LYS D 271 20.68 -35.79 -11.31
C LYS D 271 19.78 -34.55 -11.25
N ALA D 272 19.99 -33.68 -10.26
CA ALA D 272 19.20 -32.46 -10.12
C ALA D 272 20.03 -31.24 -10.45
N GLN D 273 19.36 -30.19 -10.92
CA GLN D 273 20.04 -28.97 -11.28
C GLN D 273 19.17 -27.78 -10.91
N GLY D 274 19.79 -26.72 -10.39
CA GLY D 274 19.12 -25.45 -10.20
C GLY D 274 18.16 -25.43 -9.02
N LYS D 275 17.61 -24.23 -8.76
CA LYS D 275 16.63 -24.05 -7.66
C LYS D 275 15.28 -23.65 -8.26
N GLY D 276 14.24 -24.42 -8.01
CA GLY D 276 12.94 -24.18 -8.59
C GLY D 276 12.37 -22.88 -8.07
N PRO D 277 11.51 -22.23 -8.88
CA PRO D 277 10.94 -20.94 -8.47
C PRO D 277 9.89 -21.11 -7.38
N VAL D 278 9.31 -20.00 -6.90
CA VAL D 278 8.44 -20.07 -5.73
C VAL D 278 7.26 -21.00 -5.95
N GLY D 279 6.73 -21.04 -7.19
CA GLY D 279 5.62 -21.94 -7.47
C GLY D 279 5.95 -23.40 -7.18
N PHE D 280 7.20 -23.80 -7.38
CA PHE D 280 7.57 -25.19 -7.08
C PHE D 280 7.53 -25.42 -5.57
N SER D 281 7.92 -24.41 -4.78
CA SER D 281 7.79 -24.53 -3.33
C SER D 281 6.33 -24.65 -2.92
N ALA D 282 5.46 -23.88 -3.54
CA ALA D 282 4.04 -24.05 -3.24
C ALA D 282 3.55 -25.44 -3.62
N ALA D 283 4.01 -25.97 -4.76
CA ALA D 283 3.59 -27.31 -5.17
C ALA D 283 4.08 -28.37 -4.20
N MET D 284 5.16 -28.10 -3.47
CA MET D 284 5.56 -29.04 -2.45
C MET D 284 4.70 -29.02 -1.19
N LEU D 285 3.86 -28.01 -0.97
CA LEU D 285 3.17 -27.97 0.32
C LEU D 285 2.21 -29.15 0.52
N PRO D 286 1.36 -29.53 -0.44
CA PRO D 286 0.54 -30.73 -0.22
C PRO D 286 1.35 -32.02 -0.20
N PHE D 287 2.49 -32.03 -0.87
CA PHE D 287 3.28 -33.24 -1.11
C PHE D 287 4.14 -33.62 0.09
N LEU D 288 4.88 -32.67 0.66
CA LEU D 288 5.82 -32.97 1.74
C LEU D 288 5.07 -33.38 2.99
N GLN D 289 5.47 -34.45 3.70
CA GLN D 289 4.61 -34.98 4.82
C GLN D 289 5.11 -34.73 6.26
N ASN D 290 6.35 -34.23 6.43
CA ASN D 290 6.84 -33.84 7.78
C ASN D 290 6.10 -32.57 8.20
N ARG D 291 5.99 -32.29 9.51
CA ARG D 291 5.36 -31.00 9.92
C ARG D 291 6.42 -29.89 9.85
N ASP D 292 7.69 -30.24 9.82
CA ASP D 292 8.78 -29.23 9.84
C ASP D 292 9.35 -28.95 8.45
N ALA D 293 9.21 -29.87 7.50
CA ALA D 293 9.62 -29.62 6.10
C ALA D 293 8.51 -28.77 5.49
N GLN D 294 7.26 -29.14 5.74
CA GLN D 294 6.11 -28.40 5.16
C GLN D 294 6.17 -26.92 5.59
N ALA D 295 7.08 -26.54 6.50
CA ALA D 295 7.16 -25.14 6.98
C ALA D 295 8.46 -24.39 6.52
N VAL D 296 9.52 -25.02 5.99
CA VAL D 296 10.55 -24.31 5.22
C VAL D 296 9.98 -23.84 3.89
N GLN D 297 9.31 -24.76 3.17
CA GLN D 297 8.69 -24.38 1.91
C GLN D 297 7.63 -23.30 2.13
N ARG D 298 6.89 -23.41 3.23
CA ARG D 298 5.85 -22.44 3.55
C ARG D 298 6.47 -21.05 3.71
N GLN D 299 7.63 -21.00 4.35
CA GLN D 299 8.32 -19.72 4.53
C GLN D 299 8.74 -19.17 3.17
N ARG D 300 9.23 -20.04 2.29
CA ARG D 300 9.70 -19.55 1.00
C ARG D 300 8.55 -18.96 0.17
N VAL D 301 7.38 -19.61 0.20
CA VAL D 301 6.21 -19.07 -0.50
C VAL D 301 5.79 -17.74 0.11
N ALA D 302 5.71 -17.68 1.44
CA ALA D 302 5.29 -16.45 2.11
C ALA D 302 6.21 -15.29 1.77
N ASP D 303 7.51 -15.52 1.76
CA ASP D 303 8.46 -14.42 1.59
C ASP D 303 8.77 -14.05 0.14
N ASN D 304 8.36 -14.88 -0.81
CA ASN D 304 8.61 -14.63 -2.24
C ASN D 304 7.31 -14.77 -3.02
N PHE D 305 6.22 -14.32 -2.42
CA PHE D 305 4.91 -14.51 -3.03
C PHE D 305 4.86 -13.83 -4.41
N PRO D 306 4.30 -14.48 -5.40
CA PRO D 306 4.42 -13.98 -6.78
C PRO D 306 3.69 -12.66 -6.96
N GLY D 307 4.26 -11.79 -7.78
CA GLY D 307 3.61 -10.54 -8.09
C GLY D 307 2.69 -10.63 -9.31
N SER D 308 2.70 -9.58 -10.12
CA SER D 308 1.82 -9.50 -11.28
C SER D 308 2.48 -9.98 -12.58
N ASP D 309 3.74 -10.41 -12.51
CA ASP D 309 4.56 -10.73 -13.68
C ASP D 309 4.86 -12.22 -13.79
N ALA D 310 4.03 -13.08 -13.17
CA ALA D 310 4.44 -14.47 -12.94
C ALA D 310 3.22 -15.39 -12.90
N TYR D 311 2.56 -15.54 -14.06
CA TYR D 311 1.35 -16.34 -14.13
C TYR D 311 1.53 -17.74 -13.56
N TYR D 312 2.58 -18.44 -13.97
CA TYR D 312 2.69 -19.85 -13.60
C TYR D 312 2.99 -20.00 -12.11
N ASN D 313 3.92 -19.20 -11.59
CA ASN D 313 4.15 -19.22 -10.15
C ASN D 313 2.85 -18.96 -9.41
N TYR D 314 2.05 -18.01 -9.91
CA TYR D 314 0.82 -17.65 -9.22
C TYR D 314 -0.20 -18.79 -9.23
N VAL D 315 -0.40 -19.46 -10.36
CA VAL D 315 -1.42 -20.52 -10.33
C VAL D 315 -0.92 -21.72 -9.54
N LEU D 316 0.38 -22.02 -9.61
CA LEU D 316 0.92 -23.05 -8.71
C LEU D 316 0.69 -22.68 -7.26
N THR D 317 0.83 -21.38 -6.92
CA THR D 317 0.63 -20.94 -5.55
C THR D 317 -0.83 -21.01 -5.15
N LEU D 318 -1.73 -20.68 -6.08
CA LEU D 318 -3.15 -20.83 -5.79
C LEU D 318 -3.48 -22.29 -5.46
N PHE D 319 -3.01 -23.24 -6.30
CA PHE D 319 -3.22 -24.65 -5.98
C PHE D 319 -2.54 -25.06 -4.67
N GLY D 320 -1.24 -24.87 -4.58
CA GLY D 320 -0.45 -25.40 -3.48
C GLY D 320 -0.59 -24.67 -2.15
N GLN D 321 -0.42 -23.36 -2.13
CA GLN D 321 -0.72 -22.64 -0.91
C GLN D 321 -2.21 -22.66 -0.59
N GLY D 322 -3.11 -22.61 -1.60
CA GLY D 322 -4.52 -22.74 -1.28
C GLY D 322 -4.84 -24.05 -0.57
N TRP D 323 -4.26 -25.16 -1.04
CA TRP D 323 -4.49 -26.42 -0.30
C TRP D 323 -3.87 -26.32 1.11
N ASP D 324 -2.66 -25.78 1.21
CA ASP D 324 -2.03 -25.59 2.51
C ASP D 324 -2.90 -24.74 3.45
N GLN D 325 -3.82 -23.95 2.92
CA GLN D 325 -4.65 -23.09 3.81
C GLN D 325 -6.09 -23.62 3.87
N HIS D 326 -6.32 -24.82 3.33
CA HIS D 326 -7.65 -25.45 3.39
C HIS D 326 -8.67 -24.69 2.53
N ARG D 327 -8.22 -24.16 1.39
CA ARG D 327 -9.14 -23.48 0.49
C ARG D 327 -10.03 -24.45 -0.27
N PHE D 328 -9.70 -25.73 -0.26
CA PHE D 328 -10.47 -26.78 -0.93
C PHE D 328 -9.92 -28.13 -0.50
N ARG D 329 -10.77 -29.17 -0.60
CA ARG D 329 -10.28 -30.52 -0.43
C ARG D 329 -10.97 -31.43 -1.46
N PHE D 330 -10.41 -32.61 -1.67
CA PHE D 330 -10.97 -33.64 -2.56
C PHE D 330 -11.46 -34.85 -1.77
N SER D 331 -12.67 -35.31 -2.08
CA SER D 331 -13.23 -36.50 -1.44
C SER D 331 -12.60 -37.78 -1.99
N THR D 332 -12.91 -38.89 -1.32
CA THR D 332 -12.49 -40.19 -1.83
C THR D 332 -13.14 -40.55 -3.17
N LYS D 333 -14.09 -39.76 -3.65
CA LYS D 333 -14.67 -39.95 -4.97
C LYS D 333 -14.26 -38.85 -5.94
N GLY D 334 -13.26 -38.04 -5.57
CA GLY D 334 -12.75 -37.00 -6.41
C GLY D 334 -13.59 -35.75 -6.46
N GLU D 335 -14.58 -35.61 -5.58
CA GLU D 335 -15.44 -34.43 -5.58
C GLU D 335 -14.78 -33.29 -4.81
N LEU D 336 -15.23 -32.08 -5.11
CA LEU D 336 -14.81 -30.93 -4.33
C LEU D 336 -15.53 -30.93 -2.99
N LEU D 337 -14.77 -30.87 -1.92
CA LEU D 337 -15.26 -30.59 -0.59
C LEU D 337 -14.93 -29.11 -0.37
N PRO D 338 -15.89 -28.21 -0.66
CA PRO D 338 -15.56 -26.78 -0.68
C PRO D 338 -15.41 -26.25 0.73
N ASP D 339 -14.66 -25.16 0.85
CA ASP D 339 -14.58 -24.38 2.09
C ASP D 339 -15.20 -23.03 1.77
N TRP D 340 -16.53 -22.95 1.92
CA TRP D 340 -17.27 -21.74 1.58
C TRP D 340 -17.81 -20.99 2.81
#